data_5K85
#
_entry.id   5K85
#
_cell.length_a   72.800
_cell.length_b   186.090
_cell.length_c   85.320
_cell.angle_alpha   90.00
_cell.angle_beta   93.80
_cell.angle_gamma   90.00
#
_symmetry.space_group_name_H-M   'P 1 21 1'
#
loop_
_entity.id
_entity.type
_entity.pdbx_description
1 polymer 'Acetyl-coenzyme A synthetase'
2 non-polymer "ADENOSINE-5'-MONOPHOSPHATE-PROPYL ESTER"
3 non-polymer 1,2-ETHANEDIOL
4 non-polymer 'PHOSPHATE ION'
5 non-polymer 'COENZYME A'
6 water water
#
_entity_poly.entity_id   1
_entity_poly.type   'polypeptide(L)'
_entity_poly.pdbx_seq_one_letter_code
;MHHHHHHHHENLYFQGKTEVAPGVHHVHPLPDSVPESEDLFAPPPRMQGKEGRPKPHIGPNYESYVKEWAKTVGPNSDEW
WAAKARETLDWYDDFKTVRAGGFEHGDVQWFPEGTLNAAYNCLDRHYYKNPKKTAIIYEADEPSESREVSYEELMQETCR
VANVLKSYGVKKGDAVSIYLPMTWQAAAAFLACARIGAIHSAVFAGFSAESLRDRVNDCECKVLITTDEGRRGGKTIATK
QIVDAALQQCPLVENVLVLRRTGNKVPMTEGRDKWWDEECAKMPAYCPCERMASEDPLFILYTSGSTGKPKGVVHSTAGY
LLGTALTLKYVFDAHPDDRFACMADIGWITGHSYIIYGPLANGITTAVFESTPVYPTPSRYWDFVDKWKATQLYTAPTAI
RLLRRMGEDHVKNHDLSSLRVLGSVGEPINPEAWHWYNDFAGKNQCAIVDTYWMTETGSISIAPLPGAISTKPGSATFPF
FGMDVDIIDPQTGQVLEGNDVEGVLVARRPWPSIARTVYRDHKRYLETYMKPYPGYFFFGDGAARDYDGYMWIKGRVDDV
INVSGHRLSTAEVESALILHKGVAETAVVGCADDLTGQAVYAFVTMKPEFDLKATKEADLSKELAIQVRKVIGPFAAPKK
IYLVSDLPKTRSGKIMRRVLRKIVAGEGDQLGDLSSIADPQIVEEVKQKVTGSA
;
_entity_poly.pdbx_strand_id   A,B,C
#
# COMPACT_ATOMS: atom_id res chain seq x y z
N VAL A 24 38.03 -21.56 45.54
CA VAL A 24 38.10 -22.17 44.21
C VAL A 24 37.56 -21.18 43.18
N HIS A 25 36.23 -21.14 43.03
CA HIS A 25 35.59 -20.27 42.06
C HIS A 25 34.80 -19.17 42.77
N HIS A 26 34.93 -17.95 42.25
CA HIS A 26 34.14 -16.83 42.76
C HIS A 26 32.65 -17.06 42.54
N VAL A 27 32.27 -17.55 41.37
CA VAL A 27 30.88 -17.76 41.01
C VAL A 27 30.54 -19.24 41.19
N HIS A 28 29.44 -19.50 41.90
CA HIS A 28 28.91 -20.81 42.18
C HIS A 28 27.62 -21.07 41.38
N PRO A 29 27.34 -22.32 41.04
CA PRO A 29 26.06 -22.63 40.41
C PRO A 29 24.92 -22.38 41.39
N LEU A 30 23.71 -22.33 40.87
CA LEU A 30 22.57 -22.30 41.76
C LEU A 30 22.61 -23.54 42.65
N PRO A 31 22.27 -23.41 43.94
CA PRO A 31 22.30 -24.56 44.85
C PRO A 31 21.54 -25.76 44.31
N ASP A 32 22.19 -26.93 44.36
CA ASP A 32 21.61 -28.18 43.90
C ASP A 32 22.03 -29.28 44.88
N SER A 33 21.23 -30.34 44.94
CA SER A 33 21.60 -31.49 45.77
C SER A 33 22.60 -32.41 45.07
N VAL A 34 22.71 -32.30 43.76
CA VAL A 34 23.59 -33.15 42.96
C VAL A 34 24.97 -32.51 42.89
N PRO A 35 26.05 -33.28 43.01
CA PRO A 35 27.39 -32.70 42.93
C PRO A 35 27.70 -32.15 41.54
N GLU A 36 28.49 -31.08 41.53
CA GLU A 36 28.84 -30.39 40.28
C GLU A 36 29.43 -31.35 39.26
N SER A 37 30.26 -32.29 39.72
CA SER A 37 30.96 -33.23 38.86
C SER A 37 30.05 -34.26 38.22
N GLU A 38 28.79 -34.35 38.67
CA GLU A 38 27.82 -35.25 38.08
C GLU A 38 26.63 -34.49 37.53
N ASP A 39 26.76 -33.18 37.38
CA ASP A 39 25.62 -32.32 37.06
C ASP A 39 25.74 -31.70 35.67
N LEU A 40 26.50 -32.32 34.77
CA LEU A 40 26.69 -31.82 33.41
C LEU A 40 26.05 -32.80 32.43
N PHE A 41 25.16 -32.29 31.56
CA PHE A 41 24.26 -33.15 30.77
C PHE A 41 24.51 -32.93 29.28
N ALA A 42 25.27 -33.85 28.69
CA ALA A 42 25.51 -33.86 27.28
C ALA A 42 24.20 -34.11 26.53
N PRO A 43 24.09 -33.65 25.29
CA PRO A 43 22.88 -33.90 24.50
C PRO A 43 22.56 -35.39 24.47
N PRO A 44 21.31 -35.75 24.82
CA PRO A 44 20.93 -37.16 24.90
C PRO A 44 20.71 -37.77 23.52
N PRO A 45 20.55 -39.11 23.44
CA PRO A 45 20.44 -39.76 22.12
C PRO A 45 19.32 -39.22 21.23
N ARG A 46 18.20 -38.80 21.80
CA ARG A 46 17.14 -38.21 20.97
C ARG A 46 17.61 -36.93 20.27
N MET A 47 18.71 -36.34 20.73
CA MET A 47 19.28 -35.14 20.12
C MET A 47 20.62 -35.39 19.47
N GLN A 48 20.93 -36.66 19.14
CA GLN A 48 22.15 -37.02 18.44
C GLN A 48 21.89 -37.64 17.08
N GLY A 49 20.68 -37.54 16.56
CA GLY A 49 20.35 -38.18 15.30
C GLY A 49 20.14 -39.66 15.37
N LYS A 50 19.89 -40.20 16.56
CA LYS A 50 19.64 -41.63 16.75
C LYS A 50 18.15 -41.89 16.94
N GLU A 51 17.77 -43.15 16.75
CA GLU A 51 16.39 -43.61 16.95
C GLU A 51 15.43 -42.98 15.96
N GLY A 52 15.93 -42.65 14.77
CA GLY A 52 15.12 -42.03 13.74
C GLY A 52 14.79 -40.57 13.96
N ARG A 53 15.35 -39.93 15.00
CA ARG A 53 15.07 -38.53 15.23
C ARG A 53 15.91 -37.67 14.29
N PRO A 54 15.41 -36.47 13.93
CA PRO A 54 16.16 -35.61 13.01
C PRO A 54 17.51 -35.21 13.56
N LYS A 55 18.53 -35.20 12.70
CA LYS A 55 19.85 -34.76 13.10
C LYS A 55 19.82 -33.27 13.44
N PRO A 56 20.56 -32.84 14.46
CA PRO A 56 20.44 -31.45 14.91
C PRO A 56 21.03 -30.47 13.90
N HIS A 57 20.42 -29.29 13.82
CA HIS A 57 20.93 -28.25 12.93
C HIS A 57 22.33 -27.80 13.33
N ILE A 58 22.64 -27.83 14.63
CA ILE A 58 23.95 -27.47 15.17
C ILE A 58 24.36 -28.57 16.13
N GLY A 59 25.52 -29.14 15.91
CA GLY A 59 26.04 -30.16 16.78
C GLY A 59 27.37 -30.66 16.29
N PRO A 60 27.99 -31.58 17.05
CA PRO A 60 27.44 -32.16 18.28
C PRO A 60 27.96 -31.57 19.61
N ASN A 61 28.69 -30.45 19.58
CA ASN A 61 29.43 -30.05 20.76
C ASN A 61 29.57 -28.52 20.80
N TYR A 62 30.19 -28.05 21.87
CA TYR A 62 30.37 -26.63 22.10
C TYR A 62 31.13 -25.97 20.95
N GLU A 63 32.12 -26.66 20.38
CA GLU A 63 32.88 -26.06 19.28
C GLU A 63 31.99 -25.84 18.06
N SER A 64 31.02 -26.73 17.83
CA SER A 64 30.13 -26.55 16.69
C SER A 64 29.23 -25.35 16.88
N TYR A 65 28.85 -25.04 18.13
CA TYR A 65 28.10 -23.82 18.40
C TYR A 65 28.97 -22.59 18.20
N VAL A 66 30.20 -22.61 18.73
CA VAL A 66 31.08 -21.45 18.60
C VAL A 66 31.39 -21.17 17.14
N LYS A 67 31.66 -22.23 16.36
CA LYS A 67 32.01 -22.05 14.96
C LYS A 67 30.93 -21.27 14.22
N GLU A 68 29.66 -21.57 14.51
CA GLU A 68 28.57 -20.88 13.82
C GLU A 68 28.29 -19.52 14.46
N TRP A 69 28.33 -19.45 15.79
CA TRP A 69 28.02 -18.21 16.49
C TRP A 69 28.96 -17.08 16.08
N ALA A 70 30.24 -17.39 15.92
CA ALA A 70 31.23 -16.38 15.58
C ALA A 70 30.93 -15.67 14.27
N LYS A 71 30.20 -16.32 13.35
CA LYS A 71 29.84 -15.69 12.09
C LYS A 71 28.76 -14.64 12.27
N THR A 72 28.08 -14.62 13.41
CA THR A 72 26.86 -13.84 13.59
C THR A 72 27.08 -12.59 14.43
N VAL A 73 28.31 -12.35 14.88
CA VAL A 73 28.69 -11.19 15.67
C VAL A 73 30.01 -10.67 15.11
N GLY A 74 30.31 -9.41 15.42
CA GLY A 74 31.54 -8.80 14.97
C GLY A 74 31.40 -8.03 13.67
N PRO A 75 32.51 -7.41 13.23
CA PRO A 75 32.45 -6.50 12.08
C PRO A 75 32.32 -7.19 10.72
N ASN A 76 32.27 -8.51 10.68
CA ASN A 76 32.07 -9.25 9.43
C ASN A 76 30.83 -10.13 9.49
N SER A 77 29.89 -9.81 10.36
CA SER A 77 28.71 -10.65 10.52
C SER A 77 27.56 -10.29 9.58
N ASP A 78 27.68 -9.22 8.77
CA ASP A 78 26.59 -8.84 7.86
C ASP A 78 26.28 -9.95 6.85
N GLU A 79 27.33 -10.58 6.31
CA GLU A 79 27.14 -11.61 5.30
C GLU A 79 26.22 -12.73 5.80
N TRP A 80 26.47 -13.24 7.00
CA TRP A 80 25.62 -14.29 7.55
C TRP A 80 24.17 -13.79 7.72
N TRP A 81 24.02 -12.62 8.33
CA TRP A 81 22.67 -12.12 8.56
C TRP A 81 21.95 -11.85 7.24
N ALA A 82 22.67 -11.41 6.22
CA ALA A 82 22.01 -11.13 4.95
C ALA A 82 21.48 -12.41 4.33
N ALA A 83 22.32 -13.45 4.32
CA ALA A 83 21.94 -14.76 3.81
C ALA A 83 20.78 -15.36 4.59
N LYS A 84 20.88 -15.38 5.93
CA LYS A 84 19.76 -15.87 6.73
C LYS A 84 18.48 -15.07 6.46
N ALA A 85 18.57 -13.75 6.34
CA ALA A 85 17.35 -12.98 6.10
C ALA A 85 16.72 -13.40 4.79
N ARG A 86 17.54 -13.55 3.75
CA ARG A 86 17.02 -13.89 2.43
C ARG A 86 16.57 -15.35 2.38
N GLU A 87 17.24 -16.25 3.12
CA GLU A 87 16.85 -17.66 3.09
C GLU A 87 15.64 -17.96 3.98
N THR A 88 15.43 -17.19 5.05
CA THR A 88 14.40 -17.53 6.02
C THR A 88 13.03 -16.91 5.69
N LEU A 89 13.00 -15.73 5.09
CA LEU A 89 11.74 -15.04 4.86
C LEU A 89 11.53 -14.83 3.36
N ASP A 90 10.25 -14.75 2.96
CA ASP A 90 9.91 -14.37 1.59
C ASP A 90 9.72 -12.86 1.52
N TRP A 91 10.48 -12.22 0.65
CA TRP A 91 10.49 -10.77 0.50
C TRP A 91 9.77 -10.36 -0.78
N TYR A 92 9.04 -9.24 -0.72
CA TYR A 92 8.53 -8.60 -1.93
C TYR A 92 9.62 -7.75 -2.58
N ASP A 93 10.33 -6.93 -1.81
CA ASP A 93 11.49 -6.21 -2.30
C ASP A 93 12.68 -6.58 -1.46
N ASP A 94 13.81 -6.82 -2.11
CA ASP A 94 15.04 -7.10 -1.40
C ASP A 94 15.48 -5.86 -0.62
N PHE A 95 16.28 -6.09 0.43
CA PHE A 95 16.94 -5.00 1.13
C PHE A 95 18.32 -4.73 0.52
N LYS A 96 18.92 -3.62 0.93
CA LYS A 96 20.26 -3.24 0.50
C LYS A 96 21.21 -3.05 1.66
N THR A 97 20.77 -2.35 2.71
CA THR A 97 21.53 -2.22 3.95
C THR A 97 21.16 -3.34 4.91
N VAL A 98 22.17 -3.94 5.56
CA VAL A 98 21.90 -5.01 6.53
C VAL A 98 21.48 -4.43 7.87
N ARG A 99 22.26 -3.48 8.40
CA ARG A 99 21.94 -2.88 9.69
C ARG A 99 22.42 -1.44 9.74
N ALA A 100 21.82 -0.66 10.65
CA ALA A 100 22.27 0.69 10.92
C ALA A 100 21.68 1.13 12.26
N GLY A 101 22.15 2.29 12.74
CA GLY A 101 21.62 2.83 13.99
C GLY A 101 22.20 2.17 15.22
N GLY A 102 21.67 2.53 16.38
CA GLY A 102 22.29 2.06 17.60
C GLY A 102 21.48 2.46 18.82
N PHE A 103 22.00 2.04 19.97
CA PHE A 103 21.34 2.24 21.26
C PHE A 103 21.16 3.71 21.60
N GLU A 104 22.19 4.54 21.33
CA GLU A 104 22.27 5.86 21.93
C GLU A 104 21.03 6.70 21.65
N HIS A 105 20.55 6.71 20.40
CA HIS A 105 19.38 7.51 20.09
C HIS A 105 18.17 6.65 19.82
N GLY A 106 18.33 5.32 19.87
CA GLY A 106 17.26 4.42 19.50
C GLY A 106 16.80 4.59 18.07
N ASP A 107 17.68 4.33 17.11
CA ASP A 107 17.36 4.40 15.69
C ASP A 107 17.76 3.10 15.01
N VAL A 108 17.58 1.97 15.72
CA VAL A 108 18.03 0.67 15.24
C VAL A 108 17.27 0.32 13.97
N GLN A 109 18.01 -0.14 12.95
CA GLN A 109 17.46 -0.49 11.65
C GLN A 109 18.08 -1.80 11.18
N TRP A 110 17.25 -2.65 10.58
CA TRP A 110 17.68 -3.89 9.97
C TRP A 110 16.93 -4.06 8.67
N PHE A 111 17.67 -4.33 7.58
CA PHE A 111 17.14 -4.59 6.25
C PHE A 111 16.20 -3.47 5.79
N PRO A 112 16.55 -2.19 6.01
CA PRO A 112 15.52 -1.14 5.91
C PRO A 112 14.82 -1.04 4.56
N GLU A 113 15.54 -1.24 3.45
CA GLU A 113 14.93 -1.06 2.13
C GLU A 113 13.99 -2.20 1.75
N GLY A 114 14.02 -3.32 2.48
CA GLY A 114 13.22 -4.46 2.11
C GLY A 114 11.77 -4.30 2.50
N THR A 115 10.91 -5.03 1.79
CA THR A 115 9.49 -5.07 2.09
C THR A 115 9.04 -6.53 2.15
N LEU A 116 8.06 -6.79 3.00
CA LEU A 116 7.56 -8.14 3.21
C LEU A 116 6.22 -8.03 3.91
N ASN A 117 5.62 -9.18 4.21
CA ASN A 117 4.42 -9.21 5.02
C ASN A 117 4.49 -10.39 5.97
N ALA A 118 4.27 -10.14 7.26
CA ALA A 118 4.35 -11.21 8.26
C ALA A 118 3.31 -12.30 8.00
N ALA A 119 2.08 -11.91 7.60
CA ALA A 119 1.03 -12.89 7.37
C ALA A 119 1.33 -13.75 6.14
N TYR A 120 1.89 -13.15 5.09
CA TYR A 120 2.34 -13.92 3.94
C TYR A 120 3.35 -14.99 4.37
N ASN A 121 4.25 -14.63 5.30
CA ASN A 121 5.31 -15.54 5.72
C ASN A 121 4.83 -16.59 6.71
N CYS A 122 3.75 -16.33 7.42
CA CYS A 122 3.24 -17.27 8.40
C CYS A 122 2.11 -18.14 7.88
N LEU A 123 1.48 -17.75 6.76
CA LEU A 123 0.33 -18.46 6.21
C LEU A 123 0.51 -18.77 4.72
N ASP A 124 0.47 -17.73 3.87
CA ASP A 124 0.30 -17.92 2.43
C ASP A 124 1.33 -18.88 1.85
N ARG A 125 2.62 -18.62 2.10
CA ARG A 125 3.64 -19.44 1.44
C ARG A 125 3.55 -20.90 1.87
N HIS A 126 3.12 -21.17 3.10
CA HIS A 126 2.96 -22.56 3.53
C HIS A 126 1.66 -23.14 3.00
N TYR A 127 0.60 -22.33 2.97
CA TYR A 127 -0.63 -22.76 2.34
C TYR A 127 -0.40 -23.14 0.89
N TYR A 128 0.46 -22.41 0.19
CA TYR A 128 0.71 -22.72 -1.21
C TYR A 128 1.46 -24.03 -1.37
N LYS A 129 2.27 -24.41 -0.38
CA LYS A 129 3.04 -25.64 -0.48
C LYS A 129 2.23 -26.86 0.00
N ASN A 130 1.56 -26.74 1.15
CA ASN A 130 0.79 -27.84 1.71
C ASN A 130 -0.38 -27.27 2.47
N PRO A 131 -1.53 -27.09 1.80
CA PRO A 131 -2.64 -26.38 2.45
C PRO A 131 -3.30 -27.22 3.54
N LYS A 132 -3.23 -28.54 3.47
CA LYS A 132 -3.87 -29.44 4.43
C LYS A 132 -3.00 -29.71 5.65
N LYS A 133 -1.74 -29.28 5.64
CA LYS A 133 -0.87 -29.46 6.80
C LYS A 133 -1.44 -28.67 7.97
N THR A 134 -1.29 -29.24 9.17
CA THR A 134 -1.88 -28.65 10.37
C THR A 134 -1.07 -27.45 10.81
N ALA A 135 -1.71 -26.28 10.85
CA ALA A 135 -1.06 -25.09 11.41
C ALA A 135 -1.19 -25.02 12.93
N ILE A 136 -2.39 -25.22 13.46
CA ILE A 136 -2.63 -25.08 14.89
C ILE A 136 -3.25 -26.36 15.41
N ILE A 137 -2.69 -26.88 16.50
CA ILE A 137 -3.37 -27.86 17.32
C ILE A 137 -4.17 -27.05 18.34
N TYR A 138 -5.49 -27.03 18.19
CA TYR A 138 -6.34 -26.28 19.10
C TYR A 138 -6.75 -27.22 20.21
N GLU A 139 -6.06 -27.12 21.35
CA GLU A 139 -6.37 -27.92 22.52
C GLU A 139 -7.36 -27.11 23.36
N ALA A 140 -8.64 -27.42 23.22
CA ALA A 140 -9.68 -26.65 23.90
C ALA A 140 -9.66 -26.92 25.39
N ASP A 141 -10.32 -26.04 26.14
CA ASP A 141 -10.37 -26.19 27.59
C ASP A 141 -10.88 -27.56 28.00
N GLU A 142 -11.91 -28.06 27.30
CA GLU A 142 -12.36 -29.44 27.40
C GLU A 142 -11.61 -30.30 26.38
N PRO A 143 -10.94 -31.37 26.82
CA PRO A 143 -10.10 -32.15 25.89
C PRO A 143 -10.84 -32.64 24.65
N SER A 144 -12.11 -33.02 24.79
CA SER A 144 -12.84 -33.61 23.67
C SER A 144 -13.24 -32.59 22.62
N GLU A 145 -13.09 -31.30 22.88
CA GLU A 145 -13.40 -30.28 21.90
C GLU A 145 -12.17 -29.82 21.12
N SER A 146 -11.07 -30.54 21.23
CA SER A 146 -9.86 -30.18 20.51
C SER A 146 -9.95 -30.60 19.04
N ARG A 147 -9.13 -29.97 18.20
CA ARG A 147 -9.07 -30.33 16.79
C ARG A 147 -7.88 -29.63 16.15
N GLU A 148 -7.54 -30.10 14.96
CA GLU A 148 -6.44 -29.57 14.16
C GLU A 148 -7.00 -28.54 13.19
N VAL A 149 -6.32 -27.40 13.09
CA VAL A 149 -6.70 -26.33 12.17
C VAL A 149 -5.62 -26.20 11.10
N SER A 150 -5.97 -26.52 9.86
CA SER A 150 -5.01 -26.53 8.76
C SER A 150 -4.57 -25.12 8.36
N TYR A 151 -3.45 -25.06 7.64
CA TYR A 151 -3.00 -23.77 7.11
C TYR A 151 -4.08 -23.15 6.22
N GLU A 152 -4.80 -23.98 5.46
CA GLU A 152 -5.87 -23.47 4.61
C GLU A 152 -6.94 -22.78 5.43
N GLU A 153 -7.47 -23.48 6.44
CA GLU A 153 -8.51 -22.91 7.29
C GLU A 153 -8.02 -21.66 8.01
N LEU A 154 -6.80 -21.69 8.59
CA LEU A 154 -6.31 -20.51 9.28
C LEU A 154 -6.19 -19.31 8.34
N MET A 155 -5.68 -19.54 7.12
CA MET A 155 -5.50 -18.44 6.20
C MET A 155 -6.83 -17.87 5.72
N GLN A 156 -7.80 -18.72 5.43
CA GLN A 156 -9.13 -18.26 5.07
C GLN A 156 -9.74 -17.39 6.16
N GLU A 157 -9.64 -17.83 7.41
CA GLU A 157 -10.21 -17.05 8.51
C GLU A 157 -9.45 -15.75 8.72
N THR A 158 -8.13 -15.80 8.60
CA THR A 158 -7.35 -14.58 8.69
C THR A 158 -7.77 -13.60 7.61
N CYS A 159 -7.94 -14.08 6.38
CA CYS A 159 -8.31 -13.22 5.28
C CYS A 159 -9.70 -12.62 5.47
N ARG A 160 -10.66 -13.42 5.96
CA ARG A 160 -11.99 -12.89 6.24
C ARG A 160 -11.94 -11.77 7.27
N VAL A 161 -11.22 -11.99 8.38
CA VAL A 161 -11.12 -10.98 9.43
C VAL A 161 -10.42 -9.74 8.90
N ALA A 162 -9.37 -9.95 8.09
CA ALA A 162 -8.68 -8.83 7.45
C ALA A 162 -9.65 -8.02 6.60
N ASN A 163 -10.50 -8.70 5.84
CA ASN A 163 -11.50 -7.99 5.05
C ASN A 163 -12.47 -7.24 5.94
N VAL A 164 -12.85 -7.83 7.07
CA VAL A 164 -13.75 -7.14 8.00
C VAL A 164 -13.10 -5.87 8.52
N LEU A 165 -11.82 -5.94 8.93
CA LEU A 165 -11.13 -4.76 9.43
C LEU A 165 -11.03 -3.67 8.37
N LYS A 166 -10.78 -4.05 7.11
CA LYS A 166 -10.74 -3.05 6.05
C LYS A 166 -12.08 -2.36 5.88
N SER A 167 -13.18 -3.11 6.04
CA SER A 167 -14.51 -2.52 5.92
C SER A 167 -14.80 -1.52 7.02
N TYR A 168 -14.15 -1.66 8.18
CA TYR A 168 -14.25 -0.66 9.23
C TYR A 168 -13.38 0.55 8.98
N GLY A 169 -12.64 0.61 7.86
CA GLY A 169 -11.73 1.71 7.61
C GLY A 169 -10.35 1.59 8.22
N VAL A 170 -9.96 0.41 8.72
CA VAL A 170 -8.63 0.26 9.31
C VAL A 170 -7.59 0.33 8.22
N LYS A 171 -6.61 1.20 8.40
CA LYS A 171 -5.57 1.44 7.42
C LYS A 171 -4.20 0.98 7.96
N LYS A 172 -3.27 0.82 7.02
CA LYS A 172 -1.87 0.63 7.35
C LYS A 172 -1.41 1.63 8.40
N GLY A 173 -0.81 1.14 9.48
CA GLY A 173 -0.34 2.00 10.53
C GLY A 173 -1.33 2.28 11.64
N ASP A 174 -2.60 1.88 11.50
CA ASP A 174 -3.57 2.04 12.59
C ASP A 174 -3.38 0.95 13.65
N ALA A 175 -3.69 1.29 14.90
CA ALA A 175 -3.63 0.31 15.98
C ALA A 175 -4.97 -0.41 16.12
N VAL A 176 -4.92 -1.70 16.48
CA VAL A 176 -6.10 -2.51 16.71
C VAL A 176 -5.86 -3.30 17.99
N SER A 177 -6.75 -3.16 18.98
CA SER A 177 -6.60 -3.87 20.24
C SER A 177 -7.25 -5.24 20.16
N ILE A 178 -6.62 -6.21 20.82
CA ILE A 178 -7.08 -7.59 20.83
C ILE A 178 -7.19 -8.03 22.27
N TYR A 179 -8.38 -8.51 22.64
CA TYR A 179 -8.68 -8.98 23.98
C TYR A 179 -9.32 -10.36 23.83
N LEU A 180 -8.53 -11.33 23.36
CA LEU A 180 -8.96 -12.69 23.02
C LEU A 180 -8.34 -13.72 23.94
N PRO A 181 -9.11 -14.74 24.36
CA PRO A 181 -8.53 -15.85 25.15
C PRO A 181 -7.85 -16.84 24.23
N MET A 182 -7.39 -17.97 24.79
CA MET A 182 -6.51 -18.89 24.06
C MET A 182 -7.32 -19.88 23.21
N THR A 183 -8.16 -19.31 22.35
CA THR A 183 -8.78 -20.06 21.26
C THR A 183 -7.98 -19.80 19.99
N TRP A 184 -8.09 -20.73 19.04
CA TRP A 184 -7.18 -20.68 17.89
C TRP A 184 -7.37 -19.41 17.05
N GLN A 185 -8.58 -18.84 17.04
CA GLN A 185 -8.82 -17.64 16.25
C GLN A 185 -7.96 -16.46 16.70
N ALA A 186 -7.34 -16.55 17.88
CA ALA A 186 -6.44 -15.46 18.29
C ALA A 186 -5.28 -15.31 17.31
N ALA A 187 -4.79 -16.43 16.76
CA ALA A 187 -3.78 -16.31 15.71
C ALA A 187 -4.34 -15.60 14.49
N ALA A 188 -5.60 -15.88 14.13
CA ALA A 188 -6.18 -15.23 12.96
C ALA A 188 -6.31 -13.73 13.18
N ALA A 189 -6.60 -13.31 14.41
CA ALA A 189 -6.76 -11.88 14.71
C ALA A 189 -5.43 -11.15 14.60
N PHE A 190 -4.39 -11.65 15.30
CA PHE A 190 -3.04 -11.16 15.10
C PHE A 190 -2.70 -11.04 13.62
N LEU A 191 -2.86 -12.16 12.89
CA LEU A 191 -2.33 -12.21 11.55
C LEU A 191 -3.16 -11.40 10.56
N ALA A 192 -4.44 -11.18 10.87
CA ALA A 192 -5.26 -10.29 10.04
C ALA A 192 -4.78 -8.85 10.16
N CYS A 193 -4.40 -8.43 11.38
CA CYS A 193 -3.81 -7.11 11.54
C CYS A 193 -2.50 -7.00 10.78
N ALA A 194 -1.61 -7.99 10.97
CA ALA A 194 -0.35 -7.97 10.24
C ALA A 194 -0.58 -7.99 8.73
N ARG A 195 -1.62 -8.67 8.26
CA ARG A 195 -1.83 -8.80 6.82
C ARG A 195 -2.11 -7.46 6.15
N ILE A 196 -2.78 -6.55 6.87
CA ILE A 196 -3.12 -5.24 6.33
C ILE A 196 -2.22 -4.14 6.87
N GLY A 197 -1.16 -4.49 7.59
CA GLY A 197 -0.30 -3.46 8.11
C GLY A 197 -0.79 -2.74 9.34
N ALA A 198 -1.89 -3.17 9.93
CA ALA A 198 -2.35 -2.58 11.19
C ALA A 198 -1.48 -3.11 12.33
N ILE A 199 -1.36 -2.32 13.39
CA ILE A 199 -0.53 -2.61 14.55
C ILE A 199 -1.42 -3.25 15.61
N HIS A 200 -1.24 -4.53 15.91
CA HIS A 200 -2.09 -5.15 16.89
C HIS A 200 -1.53 -4.95 18.29
N SER A 201 -2.42 -4.78 19.26
CA SER A 201 -2.05 -4.61 20.65
C SER A 201 -2.86 -5.62 21.44
N ALA A 202 -2.25 -6.75 21.76
CA ALA A 202 -2.94 -7.83 22.44
C ALA A 202 -2.87 -7.63 23.94
N VAL A 203 -3.98 -7.90 24.61
CA VAL A 203 -4.11 -7.75 26.06
C VAL A 203 -4.56 -9.08 26.63
N PHE A 204 -3.83 -9.57 27.64
CA PHE A 204 -4.19 -10.79 28.37
CA PHE A 204 -4.20 -10.81 28.31
C PHE A 204 -5.67 -10.82 28.69
N ALA A 205 -6.36 -11.83 28.16
N ALA A 205 -6.37 -11.87 28.25
CA ALA A 205 -7.77 -12.04 28.47
CA ALA A 205 -7.83 -11.92 28.37
C ALA A 205 -7.90 -12.40 29.95
C ALA A 205 -8.33 -11.92 29.81
N GLY A 206 -8.63 -11.58 30.68
N GLY A 206 -7.45 -11.99 30.81
CA GLY A 206 -8.71 -11.68 32.13
CA GLY A 206 -7.88 -11.99 32.19
C GLY A 206 -8.20 -10.45 32.85
C GLY A 206 -7.60 -10.71 32.94
N PHE A 207 -7.37 -9.62 32.20
CA PHE A 207 -7.02 -8.33 32.78
C PHE A 207 -8.29 -7.55 33.11
N SER A 208 -8.21 -6.75 34.16
CA SER A 208 -9.38 -6.01 34.61
C SER A 208 -9.76 -4.95 33.59
N ALA A 209 -10.98 -4.44 33.74
CA ALA A 209 -11.49 -3.41 32.83
C ALA A 209 -10.61 -2.17 32.86
N GLU A 210 -10.06 -1.83 34.02
CA GLU A 210 -9.17 -0.68 34.11
C GLU A 210 -7.87 -0.93 33.36
N SER A 211 -7.29 -2.12 33.52
CA SER A 211 -6.05 -2.43 32.81
C SER A 211 -6.27 -2.50 31.31
N LEU A 212 -7.41 -3.04 30.87
CA LEU A 212 -7.72 -3.02 29.45
C LEU A 212 -7.92 -1.60 28.94
N ARG A 213 -8.68 -0.79 29.69
CA ARG A 213 -8.92 0.60 29.29
C ARG A 213 -7.62 1.38 29.13
N ASP A 214 -6.70 1.26 30.09
CA ASP A 214 -5.45 2.00 30.00
C ASP A 214 -4.68 1.66 28.72
N ARG A 215 -4.70 0.39 28.31
CA ARG A 215 -3.96 0.00 27.11
C ARG A 215 -4.72 0.35 25.83
N VAL A 216 -6.05 0.31 25.85
CA VAL A 216 -6.82 0.73 24.69
C VAL A 216 -6.61 2.21 24.41
N ASN A 217 -6.64 3.05 25.47
CA ASN A 217 -6.50 4.49 25.28
C ASN A 217 -5.08 4.86 24.84
N ASP A 218 -4.07 4.14 25.35
CA ASP A 218 -2.69 4.53 25.08
C ASP A 218 -2.32 4.30 23.63
N CYS A 219 -2.76 3.18 23.05
CA CYS A 219 -2.48 2.92 21.65
C CYS A 219 -3.44 3.65 20.70
N GLU A 220 -4.47 4.32 21.24
CA GLU A 220 -5.41 5.13 20.47
C GLU A 220 -6.12 4.36 19.37
N CYS A 221 -6.26 3.05 19.54
CA CYS A 221 -6.97 2.24 18.54
C CYS A 221 -8.42 2.68 18.42
N LYS A 222 -9.01 2.42 17.26
CA LYS A 222 -10.43 2.66 17.03
C LYS A 222 -11.22 1.37 16.87
N VAL A 223 -10.55 0.22 16.85
CA VAL A 223 -11.17 -1.07 16.67
C VAL A 223 -10.65 -2.01 17.75
N LEU A 224 -11.54 -2.83 18.31
N LEU A 224 -11.54 -2.83 18.32
CA LEU A 224 -11.21 -3.80 19.34
CA LEU A 224 -11.19 -3.80 19.32
C LEU A 224 -11.80 -5.15 18.96
C LEU A 224 -11.78 -5.16 18.93
N ILE A 225 -11.04 -6.23 19.22
CA ILE A 225 -11.45 -7.59 18.91
C ILE A 225 -11.49 -8.38 20.20
N THR A 226 -12.56 -9.13 20.43
CA THR A 226 -12.72 -9.86 21.67
C THR A 226 -13.72 -10.99 21.47
N THR A 227 -13.99 -11.74 22.55
CA THR A 227 -14.94 -12.83 22.57
C THR A 227 -16.15 -12.43 23.42
N ASP A 228 -17.23 -13.19 23.26
CA ASP A 228 -18.32 -13.05 24.22
C ASP A 228 -17.87 -13.51 25.60
N GLU A 229 -17.27 -14.69 25.67
CA GLU A 229 -16.73 -15.23 26.91
C GLU A 229 -15.49 -16.06 26.61
N GLY A 230 -14.65 -16.23 27.62
CA GLY A 230 -13.54 -17.17 27.58
C GLY A 230 -13.79 -18.37 28.47
N ARG A 231 -13.08 -19.46 28.21
CA ARG A 231 -13.13 -20.65 29.06
C ARG A 231 -11.71 -21.06 29.40
N ARG A 232 -11.42 -21.21 30.69
CA ARG A 232 -10.07 -21.54 31.15
C ARG A 232 -10.16 -22.25 32.50
N GLY A 233 -9.83 -23.54 32.49
CA GLY A 233 -9.92 -24.34 33.70
C GLY A 233 -11.32 -24.58 34.19
N GLY A 234 -12.29 -24.69 33.27
CA GLY A 234 -13.66 -24.86 33.67
C GLY A 234 -14.33 -23.62 34.21
N LYS A 235 -13.70 -22.46 34.10
CA LYS A 235 -14.25 -21.21 34.60
C LYS A 235 -14.47 -20.24 33.44
N THR A 236 -15.46 -19.38 33.59
CA THR A 236 -15.88 -18.47 32.52
C THR A 236 -15.22 -17.11 32.72
N ILE A 237 -14.47 -16.67 31.73
CA ILE A 237 -13.98 -15.30 31.67
C ILE A 237 -15.04 -14.47 30.97
N ALA A 238 -15.55 -13.44 31.66
CA ALA A 238 -16.62 -12.61 31.10
C ALA A 238 -16.00 -11.44 30.32
N THR A 239 -15.42 -11.79 29.17
CA THR A 239 -14.64 -10.82 28.41
C THR A 239 -15.52 -9.67 27.92
N LYS A 240 -16.73 -9.98 27.45
CA LYS A 240 -17.54 -8.92 26.86
C LYS A 240 -18.01 -7.93 27.93
N GLN A 241 -18.46 -8.44 29.09
CA GLN A 241 -18.83 -7.55 30.17
C GLN A 241 -17.64 -6.71 30.63
N ILE A 242 -16.45 -7.32 30.72
CA ILE A 242 -15.25 -6.54 31.04
C ILE A 242 -15.01 -5.49 29.97
N VAL A 243 -15.17 -5.87 28.70
CA VAL A 243 -15.00 -4.92 27.59
C VAL A 243 -16.01 -3.80 27.70
N ASP A 244 -17.25 -4.12 28.09
CA ASP A 244 -18.28 -3.09 28.19
C ASP A 244 -17.95 -2.08 29.28
N ALA A 245 -17.37 -2.53 30.38
CA ALA A 245 -16.96 -1.63 31.45
C ALA A 245 -15.78 -0.77 31.01
N ALA A 246 -14.86 -1.35 30.25
CA ALA A 246 -13.66 -0.63 29.85
C ALA A 246 -14.01 0.47 28.83
N LEU A 247 -14.72 0.10 27.77
CA LEU A 247 -15.06 1.05 26.72
C LEU A 247 -15.93 2.18 27.22
N GLN A 248 -16.45 2.09 28.44
CA GLN A 248 -17.13 3.22 29.06
C GLN A 248 -16.21 4.42 29.20
N GLN A 249 -14.89 4.22 29.14
CA GLN A 249 -13.90 5.28 29.27
C GLN A 249 -12.88 5.27 28.13
N CYS A 250 -13.25 4.71 26.99
CA CYS A 250 -12.37 4.63 25.81
C CYS A 250 -13.09 5.29 24.65
N PRO A 251 -13.11 6.63 24.60
CA PRO A 251 -13.96 7.31 23.62
C PRO A 251 -13.54 7.14 22.17
N LEU A 252 -12.32 6.63 21.89
CA LEU A 252 -11.90 6.49 20.51
C LEU A 252 -12.40 5.22 19.84
N VAL A 253 -12.87 4.24 20.61
CA VAL A 253 -13.25 2.96 20.02
C VAL A 253 -14.62 3.09 19.40
N GLU A 254 -14.73 2.72 18.12
CA GLU A 254 -15.98 2.77 17.37
C GLU A 254 -16.51 1.39 16.98
N ASN A 255 -15.64 0.42 16.73
CA ASN A 255 -16.07 -0.90 16.25
C ASN A 255 -15.53 -1.98 17.18
N VAL A 256 -16.37 -2.94 17.53
CA VAL A 256 -15.96 -4.08 18.33
C VAL A 256 -16.39 -5.35 17.59
N LEU A 257 -15.44 -6.24 17.31
CA LEU A 257 -15.72 -7.53 16.68
C LEU A 257 -15.72 -8.62 17.75
N VAL A 258 -16.85 -9.30 17.90
CA VAL A 258 -17.07 -10.20 19.03
C VAL A 258 -17.13 -11.61 18.50
N LEU A 259 -16.13 -12.43 18.87
CA LEU A 259 -16.12 -13.84 18.52
C LEU A 259 -17.08 -14.60 19.43
N ARG A 260 -17.89 -15.48 18.82
CA ARG A 260 -18.88 -16.25 19.57
C ARG A 260 -18.23 -17.54 20.08
N ARG A 261 -17.48 -17.40 21.18
CA ARG A 261 -16.74 -18.55 21.71
C ARG A 261 -17.65 -19.50 22.49
N THR A 262 -18.52 -18.97 23.35
CA THR A 262 -19.45 -19.83 24.09
C THR A 262 -20.89 -19.74 23.61
N GLY A 263 -21.31 -18.62 23.04
CA GLY A 263 -22.69 -18.45 22.64
C GLY A 263 -23.66 -18.13 23.75
N ASN A 264 -23.19 -17.98 24.99
CA ASN A 264 -24.06 -17.55 26.07
C ASN A 264 -24.35 -16.06 25.93
N LYS A 265 -25.51 -15.66 26.45
CA LYS A 265 -26.01 -14.30 26.23
C LYS A 265 -25.06 -13.28 26.84
N VAL A 266 -24.65 -12.31 26.02
CA VAL A 266 -23.86 -11.17 26.47
C VAL A 266 -24.47 -9.91 25.88
N PRO A 267 -24.25 -8.75 26.50
CA PRO A 267 -24.78 -7.50 25.93
C PRO A 267 -23.99 -7.05 24.71
N MET A 268 -24.72 -6.67 23.66
CA MET A 268 -24.14 -6.12 22.44
C MET A 268 -24.70 -4.73 22.20
N THR A 269 -23.83 -3.76 21.91
CA THR A 269 -24.24 -2.39 21.63
C THR A 269 -24.56 -2.23 20.14
N GLU A 270 -25.72 -1.66 19.86
CA GLU A 270 -26.17 -1.50 18.49
C GLU A 270 -25.17 -0.65 17.69
N GLY A 271 -24.87 -1.08 16.48
CA GLY A 271 -23.87 -0.40 15.66
C GLY A 271 -22.40 -0.64 16.07
N ARG A 272 -22.08 -0.45 17.35
CA ARG A 272 -20.68 -0.56 17.77
C ARG A 272 -20.19 -2.00 17.72
N ASP A 273 -21.02 -2.95 18.14
CA ASP A 273 -20.61 -4.33 18.32
C ASP A 273 -21.19 -5.20 17.20
N LYS A 274 -20.37 -6.13 16.70
CA LYS A 274 -20.79 -7.05 15.64
C LYS A 274 -20.25 -8.45 15.95
N TRP A 275 -20.99 -9.46 15.50
CA TRP A 275 -20.58 -10.84 15.68
C TRP A 275 -19.57 -11.24 14.61
N TRP A 276 -18.42 -11.77 15.06
CA TRP A 276 -17.35 -12.23 14.19
C TRP A 276 -17.87 -13.08 13.04
N ASP A 277 -18.72 -14.06 13.33
CA ASP A 277 -19.16 -14.99 12.30
C ASP A 277 -20.04 -14.32 11.26
N GLU A 278 -20.90 -13.38 11.68
CA GLU A 278 -21.82 -12.73 10.75
C GLU A 278 -21.10 -11.70 9.88
N GLU A 279 -20.08 -11.03 10.41
CA GLU A 279 -19.28 -10.14 9.58
C GLU A 279 -18.44 -10.93 8.57
N CYS A 280 -17.80 -12.01 9.03
CA CYS A 280 -16.92 -12.76 8.15
C CYS A 280 -17.67 -13.44 7.02
N ALA A 281 -18.89 -13.90 7.28
CA ALA A 281 -19.67 -14.56 6.25
C ALA A 281 -19.98 -13.65 5.06
N LYS A 282 -19.87 -12.33 5.20
CA LYS A 282 -20.10 -11.41 4.09
C LYS A 282 -18.84 -11.17 3.25
N MET A 283 -17.66 -11.60 3.73
CA MET A 283 -16.39 -11.21 3.16
C MET A 283 -15.75 -12.34 2.33
N PRO A 284 -14.94 -12.00 1.34
CA PRO A 284 -14.22 -13.03 0.58
C PRO A 284 -13.23 -13.77 1.47
N ALA A 285 -12.93 -15.01 1.11
CA ALA A 285 -12.03 -15.87 1.86
C ALA A 285 -10.56 -15.68 1.49
N TYR A 286 -10.26 -14.70 0.64
CA TYR A 286 -8.88 -14.26 0.42
C TYR A 286 -8.84 -12.75 0.49
N CYS A 287 -7.70 -12.24 0.94
CA CYS A 287 -7.42 -10.81 1.04
C CYS A 287 -5.95 -10.58 0.70
N PRO A 288 -5.64 -9.56 -0.11
CA PRO A 288 -4.23 -9.28 -0.46
C PRO A 288 -3.41 -8.88 0.77
N CYS A 289 -2.09 -8.98 0.63
CA CYS A 289 -1.16 -8.63 1.71
C CYS A 289 -0.60 -7.23 1.48
N GLU A 290 -0.73 -6.37 2.49
CA GLU A 290 -0.07 -5.06 2.46
C GLU A 290 1.45 -5.25 2.46
N ARG A 291 2.14 -4.57 1.55
CA ARG A 291 3.60 -4.72 1.45
C ARG A 291 4.25 -3.78 2.47
N MET A 292 4.90 -4.36 3.48
CA MET A 292 5.33 -3.61 4.65
C MET A 292 6.83 -3.37 4.60
N ALA A 293 7.26 -2.16 4.92
CA ALA A 293 8.69 -1.93 5.09
C ALA A 293 9.22 -2.72 6.28
N SER A 294 10.51 -3.09 6.21
CA SER A 294 11.13 -3.85 7.30
CA SER A 294 11.12 -3.86 7.30
C SER A 294 10.89 -3.21 8.65
N GLU A 295 10.93 -1.87 8.72
CA GLU A 295 10.84 -1.18 9.99
C GLU A 295 9.44 -0.68 10.32
N ASP A 296 8.45 -1.01 9.51
CA ASP A 296 7.08 -0.69 9.90
C ASP A 296 6.74 -1.39 11.21
N PRO A 297 6.00 -0.75 12.12
CA PRO A 297 5.61 -1.43 13.38
C PRO A 297 4.72 -2.62 13.11
N LEU A 298 5.08 -3.77 13.70
CA LEU A 298 4.26 -4.97 13.69
C LEU A 298 3.27 -4.99 14.84
N PHE A 299 3.73 -4.72 16.06
CA PHE A 299 2.78 -4.75 17.15
C PHE A 299 3.28 -3.88 18.31
N ILE A 300 2.34 -3.57 19.19
CA ILE A 300 2.61 -3.00 20.50
C ILE A 300 2.26 -4.08 21.52
N LEU A 301 3.10 -4.23 22.54
CA LEU A 301 2.80 -5.19 23.60
C LEU A 301 3.09 -4.51 24.93
N TYR A 302 2.05 -4.22 25.70
CA TYR A 302 2.22 -3.60 27.00
C TYR A 302 2.72 -4.62 28.02
N THR A 303 3.69 -4.20 28.84
CA THR A 303 4.17 -4.98 29.96
C THR A 303 3.62 -4.40 31.26
N SER A 304 3.30 -5.28 32.20
CA SER A 304 2.72 -4.87 33.49
C SER A 304 3.66 -3.97 34.28
N GLY A 308 5.83 1.70 36.59
CA GLY A 308 4.96 2.85 36.41
C GLY A 308 3.78 2.55 35.50
N LYS A 309 3.44 3.49 34.62
CA LYS A 309 2.36 3.27 33.66
C LYS A 309 2.77 2.20 32.64
N PRO A 310 1.79 1.52 32.02
CA PRO A 310 2.13 0.38 31.17
C PRO A 310 3.04 0.77 30.00
N LYS A 311 4.06 -0.05 29.78
CA LYS A 311 5.09 0.21 28.78
C LYS A 311 4.66 -0.42 27.47
N GLY A 312 4.38 0.40 26.46
CA GLY A 312 4.02 -0.12 25.16
C GLY A 312 5.22 -0.50 24.32
N VAL A 313 5.68 -1.74 24.44
CA VAL A 313 6.89 -2.16 23.76
C VAL A 313 6.58 -2.41 22.28
N VAL A 314 7.32 -1.74 21.40
CA VAL A 314 7.03 -1.76 19.97
C VAL A 314 8.10 -2.58 19.26
N HIS A 315 7.64 -3.54 18.44
CA HIS A 315 8.50 -4.29 17.53
C HIS A 315 8.17 -3.95 16.08
N SER A 316 9.20 -3.95 15.23
CA SER A 316 8.94 -3.77 13.80
C SER A 316 8.82 -5.15 13.15
N THR A 317 8.95 -5.23 11.84
CA THR A 317 8.46 -6.41 11.13
C THR A 317 9.57 -7.41 10.82
N ALA A 318 10.58 -7.00 10.05
CA ALA A 318 11.49 -8.00 9.51
C ALA A 318 12.47 -8.53 10.57
N GLY A 319 13.10 -7.65 11.35
CA GLY A 319 14.04 -8.12 12.36
C GLY A 319 13.39 -9.02 13.40
N TYR A 320 12.20 -8.64 13.88
CA TYR A 320 11.45 -9.46 14.83
C TYR A 320 11.07 -10.80 14.21
N LEU A 321 10.54 -10.78 12.98
CA LEU A 321 10.16 -12.05 12.38
C LEU A 321 11.37 -12.95 12.17
N LEU A 322 12.47 -12.39 11.69
CA LEU A 322 13.66 -13.21 11.48
C LEU A 322 14.18 -13.76 12.80
N GLY A 323 14.16 -12.96 13.86
CA GLY A 323 14.65 -13.43 15.15
C GLY A 323 13.81 -14.54 15.74
N THR A 324 12.47 -14.46 15.60
CA THR A 324 11.64 -15.54 16.11
C THR A 324 11.76 -16.79 15.24
N ALA A 325 11.93 -16.60 13.94
CA ALA A 325 12.10 -17.76 13.06
C ALA A 325 13.39 -18.50 13.36
N LEU A 326 14.49 -17.77 13.60
CA LEU A 326 15.78 -18.41 13.78
C LEU A 326 15.88 -19.08 15.15
N THR A 327 15.42 -18.41 16.20
CA THR A 327 15.50 -18.99 17.54
C THR A 327 14.63 -20.23 17.63
N LEU A 328 13.43 -20.19 17.06
CA LEU A 328 12.57 -21.37 17.05
C LEU A 328 13.28 -22.53 16.36
N LYS A 329 13.90 -22.26 15.21
CA LYS A 329 14.57 -23.33 14.47
C LYS A 329 15.77 -23.88 15.24
N TYR A 330 16.58 -23.02 15.87
CA TYR A 330 17.84 -23.47 16.44
C TYR A 330 17.79 -23.78 17.94
N VAL A 331 17.07 -23.00 18.73
CA VAL A 331 16.97 -23.28 20.17
C VAL A 331 16.13 -24.52 20.40
N PHE A 332 15.12 -24.75 19.58
CA PHE A 332 14.29 -25.93 19.74
C PHE A 332 14.59 -27.02 18.73
N ASP A 333 15.57 -26.80 17.86
CA ASP A 333 15.92 -27.73 16.77
C ASP A 333 14.67 -28.17 16.01
N ALA A 334 13.94 -27.17 15.49
CA ALA A 334 12.70 -27.43 14.77
C ALA A 334 12.98 -27.98 13.38
N HIS A 335 12.21 -28.99 13.00
CA HIS A 335 12.27 -29.69 11.73
C HIS A 335 10.87 -29.75 11.14
N PRO A 336 10.74 -29.98 9.82
CA PRO A 336 9.46 -29.66 9.13
C PRO A 336 8.21 -30.30 9.72
N ASP A 337 8.29 -31.56 10.16
CA ASP A 337 7.11 -32.25 10.64
C ASP A 337 6.90 -32.12 12.15
N ASP A 338 7.61 -31.21 12.80
CA ASP A 338 7.51 -31.12 14.25
C ASP A 338 6.13 -30.61 14.68
N ARG A 339 5.77 -30.93 15.91
N ARG A 339 5.77 -30.93 15.91
CA ARG A 339 4.53 -30.46 16.53
CA ARG A 339 4.53 -30.45 16.52
C ARG A 339 4.93 -29.70 17.78
C ARG A 339 4.93 -29.70 17.78
N PHE A 340 5.16 -28.39 17.63
CA PHE A 340 5.72 -27.58 18.70
C PHE A 340 4.62 -27.14 19.66
N ALA A 341 4.84 -27.38 20.96
CA ALA A 341 3.85 -27.15 22.02
C ALA A 341 4.36 -26.11 23.02
N CYS A 342 4.11 -24.83 22.75
CA CYS A 342 4.33 -23.76 23.73
C CYS A 342 3.04 -23.51 24.51
N MET A 343 3.08 -23.72 25.82
CA MET A 343 1.88 -23.72 26.65
C MET A 343 1.59 -22.36 27.26
N ALA A 344 2.19 -21.29 26.73
CA ALA A 344 1.99 -19.96 27.29
C ALA A 344 0.71 -19.34 26.72
N ASP A 345 0.52 -18.05 26.97
CA ASP A 345 -0.66 -17.33 26.53
C ASP A 345 -0.23 -16.27 25.51
N ILE A 346 -1.06 -16.05 24.49
CA ILE A 346 -0.69 -15.10 23.44
C ILE A 346 -0.65 -13.67 23.95
N GLY A 347 -1.23 -13.40 25.12
CA GLY A 347 -1.12 -12.06 25.67
C GLY A 347 0.27 -11.71 26.15
N TRP A 348 1.19 -12.68 26.17
CA TRP A 348 2.56 -12.60 26.64
CA TRP A 348 2.54 -12.44 26.61
C TRP A 348 3.50 -12.60 25.44
N ILE A 349 4.70 -12.03 25.62
CA ILE A 349 5.64 -12.06 24.51
C ILE A 349 5.98 -13.49 24.12
N THR A 350 6.03 -14.40 25.10
CA THR A 350 6.26 -15.82 24.82
C THR A 350 5.24 -16.38 23.85
N GLY A 351 3.96 -16.05 24.04
CA GLY A 351 2.95 -16.41 23.06
C GLY A 351 3.13 -15.70 21.73
N HIS A 352 3.52 -14.43 21.74
CA HIS A 352 3.77 -13.74 20.47
C HIS A 352 4.83 -14.49 19.65
N SER A 353 5.97 -14.78 20.28
CA SER A 353 7.12 -15.27 19.53
C SER A 353 7.12 -16.78 19.31
N TYR A 354 6.57 -17.57 20.23
CA TYR A 354 6.78 -19.01 20.14
C TYR A 354 5.47 -19.81 20.16
N ILE A 355 4.34 -19.15 19.97
CA ILE A 355 3.12 -19.81 19.54
C ILE A 355 2.76 -19.41 18.12
N ILE A 356 2.75 -18.10 17.84
CA ILE A 356 2.27 -17.62 16.54
C ILE A 356 3.43 -17.40 15.58
N TYR A 357 4.26 -16.38 15.82
CA TYR A 357 5.10 -15.90 14.73
C TYR A 357 6.23 -16.88 14.41
N GLY A 358 7.00 -17.27 15.41
CA GLY A 358 8.10 -18.20 15.22
C GLY A 358 7.71 -19.50 14.55
N PRO A 359 6.77 -20.23 15.15
CA PRO A 359 6.40 -21.53 14.55
C PRO A 359 5.71 -21.40 13.19
N LEU A 360 4.78 -20.45 13.04
CA LEU A 360 4.08 -20.33 11.76
C LEU A 360 5.02 -19.80 10.67
N ALA A 361 5.95 -18.92 11.03
CA ALA A 361 6.96 -18.52 10.05
C ALA A 361 7.73 -19.73 9.53
N ASN A 362 8.12 -20.65 10.43
CA ASN A 362 8.83 -21.87 10.01
C ASN A 362 7.93 -22.90 9.33
N GLY A 363 6.62 -22.69 9.28
CA GLY A 363 5.75 -23.59 8.57
C GLY A 363 5.48 -24.92 9.24
N ILE A 364 5.58 -24.98 10.57
CA ILE A 364 5.32 -26.24 11.26
C ILE A 364 4.00 -26.17 12.00
N THR A 365 3.72 -27.17 12.84
CA THR A 365 2.49 -27.22 13.61
C THR A 365 2.72 -26.65 15.00
N THR A 366 1.80 -25.80 15.46
CA THR A 366 1.96 -25.10 16.72
C THR A 366 0.71 -25.29 17.58
N ALA A 367 0.90 -25.35 18.90
CA ALA A 367 -0.20 -25.63 19.81
C ALA A 367 -0.78 -24.33 20.37
N VAL A 368 -2.10 -24.25 20.40
CA VAL A 368 -2.80 -23.19 21.12
C VAL A 368 -3.55 -23.90 22.23
N PHE A 369 -3.03 -23.79 23.45
CA PHE A 369 -3.54 -24.54 24.60
C PHE A 369 -4.44 -23.62 25.42
N GLU A 370 -5.71 -23.96 25.52
CA GLU A 370 -6.72 -23.09 26.10
C GLU A 370 -6.90 -23.29 27.60
N SER A 371 -6.33 -24.35 28.17
CA SER A 371 -6.64 -24.72 29.53
C SER A 371 -5.50 -24.32 30.48
N THR A 372 -5.55 -24.86 31.69
CA THR A 372 -4.50 -24.71 32.69
C THR A 372 -3.76 -26.04 32.84
N PRO A 373 -2.57 -26.03 33.45
CA PRO A 373 -1.81 -27.30 33.60
C PRO A 373 -2.48 -28.32 34.50
N VAL A 374 -3.49 -27.94 35.29
CA VAL A 374 -4.09 -28.84 36.27
C VAL A 374 -5.59 -29.00 36.03
N TYR A 375 -6.06 -28.67 34.83
CA TYR A 375 -7.44 -28.92 34.49
C TYR A 375 -7.51 -29.90 33.32
N PRO A 376 -8.36 -30.93 33.41
CA PRO A 376 -9.21 -31.28 34.55
C PRO A 376 -8.42 -31.79 35.74
N THR A 377 -7.25 -32.41 35.49
CA THR A 377 -6.39 -32.89 36.56
C THR A 377 -4.95 -32.50 36.25
N PRO A 378 -4.00 -32.68 37.20
CA PRO A 378 -2.60 -32.30 36.94
C PRO A 378 -1.89 -33.14 35.89
N SER A 379 -2.61 -34.05 35.22
CA SER A 379 -2.02 -34.84 34.15
C SER A 379 -2.25 -34.25 32.76
N ARG A 380 -2.83 -33.05 32.66
CA ARG A 380 -3.27 -32.52 31.37
C ARG A 380 -2.11 -32.32 30.40
N TYR A 381 -1.02 -31.68 30.86
CA TYR A 381 0.15 -31.47 30.00
C TYR A 381 0.57 -32.77 29.33
N TRP A 382 0.66 -33.84 30.11
CA TRP A 382 1.19 -35.11 29.61
C TRP A 382 0.16 -35.89 28.82
N ASP A 383 -1.11 -35.83 29.21
CA ASP A 383 -2.17 -36.31 28.32
C ASP A 383 -2.07 -35.62 26.97
N PHE A 384 -1.83 -34.31 26.97
CA PHE A 384 -1.75 -33.54 25.73
C PHE A 384 -0.58 -33.99 24.86
N VAL A 385 0.59 -34.20 25.48
CA VAL A 385 1.78 -34.60 24.72
C VAL A 385 1.57 -35.94 24.04
N ASP A 386 0.97 -36.89 24.75
CA ASP A 386 0.81 -38.22 24.17
C ASP A 386 -0.33 -38.29 23.16
N LYS A 387 -1.38 -37.48 23.35
CA LYS A 387 -2.47 -37.47 22.39
C LYS A 387 -2.00 -36.94 21.04
N TRP A 388 -1.28 -35.82 21.05
CA TRP A 388 -0.83 -35.17 19.83
C TRP A 388 0.58 -35.54 19.42
N LYS A 389 1.30 -36.29 20.24
CA LYS A 389 2.69 -36.69 19.99
C LYS A 389 3.56 -35.45 19.73
N ALA A 390 3.50 -34.51 20.67
CA ALA A 390 4.29 -33.30 20.58
C ALA A 390 5.79 -33.62 20.64
N THR A 391 6.58 -32.83 19.91
CA THR A 391 8.01 -33.04 19.81
C THR A 391 8.83 -32.05 20.63
N GLN A 392 8.27 -30.90 20.99
CA GLN A 392 8.86 -29.93 21.91
C GLN A 392 7.79 -29.39 22.84
N LEU A 393 8.12 -29.26 24.12
CA LEU A 393 7.26 -28.60 25.10
C LEU A 393 8.00 -27.41 25.70
N TYR A 394 7.29 -26.29 25.81
CA TYR A 394 7.88 -25.03 26.24
C TYR A 394 6.90 -24.42 27.24
N THR A 395 7.33 -24.27 28.49
CA THR A 395 6.47 -23.70 29.52
C THR A 395 7.33 -22.87 30.48
N ALA A 396 6.77 -22.55 31.65
CA ALA A 396 7.38 -21.65 32.63
C ALA A 396 7.73 -22.37 33.93
N PRO A 397 8.78 -21.93 34.63
CA PRO A 397 9.10 -22.53 35.95
C PRO A 397 7.92 -22.59 36.92
N THR A 398 7.06 -21.57 36.91
CA THR A 398 5.91 -21.58 37.82
C THR A 398 4.98 -22.74 37.52
N ALA A 399 4.88 -23.14 36.25
CA ALA A 399 4.05 -24.30 35.94
C ALA A 399 4.78 -25.58 36.33
N ILE A 400 6.10 -25.61 36.13
CA ILE A 400 6.90 -26.77 36.51
C ILE A 400 6.85 -26.99 38.01
N ARG A 401 6.99 -25.92 38.80
CA ARG A 401 6.93 -26.09 40.26
C ARG A 401 5.52 -26.43 40.73
N LEU A 402 4.50 -25.97 40.01
CA LEU A 402 3.13 -26.35 40.35
C LEU A 402 2.92 -27.85 40.20
N LEU A 403 3.32 -28.42 39.05
CA LEU A 403 3.12 -29.86 38.84
C LEU A 403 4.03 -30.68 39.74
N ARG A 404 5.18 -30.14 40.13
CA ARG A 404 6.00 -30.79 41.14
C ARG A 404 5.26 -30.87 42.47
N ARG A 405 4.57 -29.79 42.85
CA ARG A 405 3.78 -29.78 44.08
C ARG A 405 2.70 -30.85 44.09
N MET A 406 2.32 -31.38 42.93
CA MET A 406 1.20 -32.31 42.83
C MET A 406 1.61 -33.77 42.82
N GLY A 407 2.90 -34.06 42.70
CA GLY A 407 3.35 -35.44 42.77
C GLY A 407 3.74 -36.00 41.42
N GLU A 408 4.23 -37.24 41.44
CA GLU A 408 4.85 -37.84 40.28
C GLU A 408 3.92 -38.81 39.54
N ASP A 409 2.75 -39.10 40.07
CA ASP A 409 1.89 -40.12 39.48
C ASP A 409 1.11 -39.60 38.27
N HIS A 410 1.00 -38.29 38.11
CA HIS A 410 0.33 -37.75 36.94
C HIS A 410 1.21 -37.74 35.70
N VAL A 411 2.50 -38.06 35.85
CA VAL A 411 3.41 -38.09 34.72
C VAL A 411 4.14 -39.42 34.57
N LYS A 412 4.24 -40.23 35.63
CA LYS A 412 5.04 -41.45 35.58
C LYS A 412 4.50 -42.46 34.57
N ASN A 413 3.19 -42.52 34.38
CA ASN A 413 2.57 -43.53 33.51
C ASN A 413 2.10 -42.92 32.19
N HIS A 414 2.94 -42.07 31.60
CA HIS A 414 2.74 -41.59 30.24
C HIS A 414 3.92 -42.02 29.39
N ASP A 415 3.74 -41.96 28.07
CA ASP A 415 4.81 -42.27 27.13
C ASP A 415 5.81 -41.11 27.05
N LEU A 416 5.41 -40.00 26.46
CA LEU A 416 6.17 -38.76 26.35
C LEU A 416 7.42 -38.90 25.48
N SER A 417 7.59 -40.02 24.75
CA SER A 417 8.82 -40.24 24.02
C SER A 417 8.88 -39.51 22.68
N SER A 418 7.79 -38.87 22.27
CA SER A 418 7.85 -38.04 21.06
C SER A 418 8.61 -36.74 21.29
N LEU A 419 8.71 -36.30 22.55
CA LEU A 419 9.46 -35.10 22.90
C LEU A 419 10.96 -35.30 22.75
N ARG A 420 11.63 -34.29 22.20
CA ARG A 420 13.09 -34.20 22.14
C ARG A 420 13.64 -33.04 22.94
N VAL A 421 12.87 -31.98 23.11
CA VAL A 421 13.34 -30.75 23.76
C VAL A 421 12.27 -30.23 24.70
N LEU A 422 12.69 -29.83 25.88
CA LEU A 422 11.82 -29.19 26.88
C LEU A 422 12.42 -27.85 27.23
N GLY A 423 11.61 -26.79 27.10
CA GLY A 423 12.07 -25.44 27.36
C GLY A 423 11.43 -24.84 28.60
N SER A 424 12.16 -23.91 29.22
CA SER A 424 11.69 -23.19 30.40
C SER A 424 11.95 -21.70 30.17
N VAL A 425 10.95 -20.87 30.50
CA VAL A 425 11.04 -19.42 30.23
C VAL A 425 10.28 -18.65 31.31
N GLY A 426 10.80 -17.47 31.68
CA GLY A 426 10.08 -16.51 32.50
C GLY A 426 10.82 -16.13 33.77
N GLU A 427 11.62 -17.03 34.31
CA GLU A 427 12.29 -16.82 35.58
C GLU A 427 13.44 -17.81 35.67
N PRO A 428 14.40 -17.59 36.57
CA PRO A 428 15.35 -18.66 36.88
C PRO A 428 14.60 -19.91 37.32
N ILE A 429 15.04 -21.05 36.81
CA ILE A 429 14.50 -22.35 37.23
C ILE A 429 15.44 -22.94 38.27
N ASN A 430 14.91 -23.18 39.47
CA ASN A 430 15.69 -23.83 40.51
C ASN A 430 16.15 -25.21 40.05
N PRO A 431 17.37 -25.61 40.38
CA PRO A 431 17.83 -26.96 40.00
C PRO A 431 16.92 -28.08 40.45
N GLU A 432 16.26 -27.98 41.61
CA GLU A 432 15.24 -28.95 41.99
C GLU A 432 14.16 -29.07 40.91
N ALA A 433 13.63 -27.94 40.44
CA ALA A 433 12.62 -27.99 39.39
C ALA A 433 13.21 -28.51 38.08
N TRP A 434 14.40 -28.02 37.73
CA TRP A 434 15.10 -28.48 36.53
C TRP A 434 15.20 -30.01 36.49
N HIS A 435 15.54 -30.64 37.64
CA HIS A 435 15.68 -32.09 37.72
C HIS A 435 14.34 -32.80 37.61
N TRP A 436 13.31 -32.28 38.28
CA TRP A 436 11.97 -32.82 38.13
C TRP A 436 11.55 -32.81 36.66
N TYR A 437 11.69 -31.65 36.01
CA TYR A 437 11.42 -31.53 34.58
C TYR A 437 12.18 -32.59 33.79
N ASN A 438 13.49 -32.69 34.03
CA ASN A 438 14.35 -33.58 33.26
C ASN A 438 14.01 -35.04 33.53
N ASP A 439 13.78 -35.41 34.79
CA ASP A 439 13.59 -36.81 35.13
C ASP A 439 12.23 -37.31 34.69
N PHE A 440 11.19 -36.50 34.84
CA PHE A 440 9.84 -37.00 34.66
C PHE A 440 9.22 -36.56 33.33
N ALA A 441 9.34 -35.28 32.95
CA ALA A 441 8.81 -34.87 31.67
C ALA A 441 9.64 -35.44 30.51
N GLY A 442 10.96 -35.46 30.68
CA GLY A 442 11.85 -35.94 29.62
C GLY A 442 12.35 -37.36 29.78
N LYS A 443 12.10 -37.96 30.94
CA LYS A 443 12.62 -39.30 31.28
C LYS A 443 14.12 -39.40 30.97
N ASN A 444 14.84 -38.31 31.24
CA ASN A 444 16.28 -38.23 31.03
C ASN A 444 16.68 -38.50 29.60
N GLN A 445 15.78 -38.23 28.66
CA GLN A 445 16.10 -38.38 27.25
C GLN A 445 15.81 -37.13 26.43
N CYS A 446 15.48 -36.01 27.07
CA CYS A 446 15.27 -34.75 26.36
C CYS A 446 16.37 -33.76 26.74
N ALA A 447 16.63 -32.84 25.82
CA ALA A 447 17.45 -31.69 26.13
C ALA A 447 16.57 -30.65 26.81
N ILE A 448 17.11 -30.00 27.83
CA ILE A 448 16.42 -28.95 28.55
C ILE A 448 17.01 -27.62 28.11
N VAL A 449 16.20 -26.76 27.50
CA VAL A 449 16.68 -25.45 27.09
C VAL A 449 16.07 -24.41 28.03
N ASP A 450 16.90 -23.86 28.90
CA ASP A 450 16.56 -22.72 29.73
C ASP A 450 16.75 -21.46 28.90
N THR A 451 15.64 -20.82 28.48
CA THR A 451 15.67 -19.74 27.50
C THR A 451 15.51 -18.40 28.21
N TYR A 452 16.56 -17.59 28.23
CA TYR A 452 16.54 -16.26 28.80
C TYR A 452 16.30 -15.20 27.72
N TRP A 453 15.30 -14.35 27.93
CA TRP A 453 15.03 -13.19 27.08
C TRP A 453 14.01 -12.32 27.80
N MET A 454 13.49 -11.30 27.09
CA MET A 454 12.53 -10.34 27.59
C MET A 454 11.66 -9.88 26.44
N THR A 455 10.48 -9.34 26.78
CA THR A 455 9.63 -8.69 25.80
C THR A 455 10.44 -7.74 24.91
N GLU A 456 11.31 -6.93 25.51
CA GLU A 456 12.12 -5.97 24.77
C GLU A 456 13.20 -6.61 23.88
N THR A 457 13.54 -7.90 24.05
CA THR A 457 14.53 -8.54 23.16
C THR A 457 13.91 -9.20 21.94
N GLY A 458 12.59 -9.39 21.95
CA GLY A 458 11.86 -9.94 20.82
C GLY A 458 11.92 -11.44 20.70
N SER A 459 13.11 -12.02 20.91
CA SER A 459 13.34 -13.46 20.79
C SER A 459 14.43 -13.88 21.76
N ILE A 460 14.57 -15.20 21.93
CA ILE A 460 15.49 -15.80 22.90
C ILE A 460 16.90 -15.24 22.75
N SER A 461 17.48 -14.81 23.88
CA SER A 461 18.79 -14.18 23.92
C SER A 461 19.91 -15.12 24.34
N ILE A 462 19.68 -15.91 25.39
CA ILE A 462 20.68 -16.85 25.90
C ILE A 462 19.96 -18.18 26.14
N ALA A 463 20.48 -19.24 25.53
CA ALA A 463 19.86 -20.56 25.64
C ALA A 463 20.86 -21.59 25.13
N PRO A 464 20.76 -22.84 25.60
CA PRO A 464 21.55 -23.90 24.96
C PRO A 464 20.99 -24.23 23.59
N LEU A 465 21.89 -24.46 22.64
CA LEU A 465 21.52 -25.17 21.41
C LEU A 465 21.46 -26.67 21.71
N PRO A 466 20.29 -27.32 21.57
CA PRO A 466 20.11 -28.62 22.23
C PRO A 466 20.97 -29.74 21.66
N GLY A 467 21.35 -29.68 20.39
CA GLY A 467 22.24 -30.70 19.87
C GLY A 467 23.71 -30.48 20.15
N ALA A 468 24.09 -29.37 20.78
CA ALA A 468 25.50 -29.04 20.91
C ALA A 468 25.96 -28.83 22.35
N ILE A 469 25.13 -28.23 23.20
CA ILE A 469 25.56 -27.70 24.48
C ILE A 469 25.25 -28.69 25.59
N SER A 470 26.24 -28.96 26.43
CA SER A 470 26.01 -29.69 27.67
C SER A 470 25.45 -28.74 28.72
N THR A 471 24.36 -29.13 29.35
CA THR A 471 23.60 -28.23 30.20
C THR A 471 24.00 -28.36 31.67
N LYS A 472 23.81 -27.27 32.40
CA LYS A 472 23.88 -27.20 33.85
C LYS A 472 22.54 -26.72 34.39
N PRO A 473 22.01 -27.36 35.44
CA PRO A 473 20.69 -26.95 35.97
C PRO A 473 20.69 -25.51 36.47
N GLY A 474 19.85 -24.68 35.85
CA GLY A 474 19.71 -23.29 36.23
C GLY A 474 20.56 -22.32 35.43
N SER A 475 21.29 -22.77 34.42
CA SER A 475 22.12 -21.91 33.60
C SER A 475 21.53 -21.79 32.20
N ALA A 476 21.40 -20.56 31.70
CA ALA A 476 20.98 -20.37 30.31
C ALA A 476 22.10 -20.73 29.32
N THR A 477 23.33 -20.80 29.80
CA THR A 477 24.53 -21.21 29.07
C THR A 477 25.03 -20.11 28.13
N PHE A 478 24.79 -20.22 26.82
CA PHE A 478 25.54 -19.35 25.93
C PHE A 478 24.61 -18.50 25.06
N PRO A 479 25.06 -17.30 24.67
CA PRO A 479 24.17 -16.37 23.96
C PRO A 479 23.84 -16.82 22.55
N PHE A 480 22.66 -16.42 22.09
CA PHE A 480 22.19 -16.84 20.78
C PHE A 480 22.92 -16.06 19.68
N PHE A 481 22.80 -16.56 18.45
CA PHE A 481 23.30 -15.84 17.29
C PHE A 481 22.88 -14.37 17.34
N GLY A 482 23.82 -13.49 17.02
CA GLY A 482 23.61 -12.05 17.07
C GLY A 482 23.75 -11.41 18.43
N MET A 483 23.87 -12.20 19.52
CA MET A 483 23.90 -11.65 20.87
C MET A 483 25.34 -11.66 21.39
N ASP A 484 25.85 -10.48 21.69
CA ASP A 484 27.19 -10.31 22.23
C ASP A 484 27.00 -9.63 23.58
N VAL A 485 27.04 -10.44 24.65
CA VAL A 485 26.71 -9.97 25.98
C VAL A 485 27.97 -9.91 26.83
N ASP A 486 27.87 -9.13 27.92
CA ASP A 486 28.98 -8.88 28.82
C ASP A 486 28.42 -8.61 30.21
N ILE A 487 29.32 -8.57 31.19
CA ILE A 487 29.01 -8.39 32.61
C ILE A 487 29.64 -7.09 33.10
N ILE A 488 28.83 -6.23 33.70
CA ILE A 488 29.31 -4.95 34.21
C ILE A 488 29.18 -4.98 35.73
N ASP A 489 30.21 -4.55 36.41
CA ASP A 489 30.19 -4.36 37.85
C ASP A 489 29.35 -3.13 38.13
N PRO A 490 28.14 -3.24 38.68
CA PRO A 490 27.32 -2.05 38.93
C PRO A 490 27.95 -1.04 39.89
N GLN A 491 28.97 -1.43 40.64
CA GLN A 491 29.60 -0.48 41.54
C GLN A 491 30.65 0.40 40.86
N THR A 492 31.14 0.01 39.68
CA THR A 492 32.11 0.81 38.95
C THR A 492 31.61 1.26 37.59
N GLY A 493 30.54 0.67 37.07
CA GLY A 493 30.09 0.93 35.71
C GLY A 493 30.96 0.33 34.64
N GLN A 494 31.97 -0.47 34.99
CA GLN A 494 32.95 -0.99 34.06
C GLN A 494 32.73 -2.46 33.78
N VAL A 495 33.13 -2.88 32.57
CA VAL A 495 32.98 -4.28 32.16
C VAL A 495 33.97 -5.16 32.92
N LEU A 496 33.51 -6.32 33.33
CA LEU A 496 34.36 -7.28 34.01
C LEU A 496 34.86 -8.29 32.98
N GLU A 497 36.17 -8.30 32.75
CA GLU A 497 36.74 -9.18 31.73
C GLU A 497 37.00 -10.57 32.30
N GLY A 498 36.76 -11.59 31.48
CA GLY A 498 37.13 -12.94 31.81
C GLY A 498 35.95 -13.78 32.26
N ASN A 499 36.28 -14.89 32.90
CA ASN A 499 35.29 -15.80 33.45
C ASN A 499 35.32 -15.72 34.96
N ASP A 500 34.32 -16.36 35.58
CA ASP A 500 34.15 -16.39 37.03
C ASP A 500 33.90 -14.99 37.57
N VAL A 501 32.99 -14.27 36.92
CA VAL A 501 32.63 -12.90 37.29
C VAL A 501 31.12 -12.79 37.42
N GLU A 502 30.67 -11.84 38.23
CA GLU A 502 29.26 -11.64 38.54
CA GLU A 502 29.27 -11.64 38.52
C GLU A 502 28.98 -10.14 38.53
N GLY A 503 27.76 -9.78 38.09
CA GLY A 503 27.38 -8.38 37.99
C GLY A 503 26.04 -8.20 37.30
N VAL A 504 25.91 -7.23 36.39
CA VAL A 504 24.66 -7.00 35.69
C VAL A 504 24.87 -7.30 34.22
N LEU A 505 23.86 -7.88 33.59
CA LEU A 505 23.96 -8.29 32.19
C LEU A 505 23.72 -7.11 31.26
N VAL A 506 24.59 -6.94 30.26
CA VAL A 506 24.44 -5.94 29.23
C VAL A 506 24.77 -6.58 27.87
N ALA A 507 24.20 -6.00 26.79
CA ALA A 507 24.57 -6.35 25.43
C ALA A 507 25.40 -5.24 24.80
N ARG A 508 26.30 -5.61 23.87
CA ARG A 508 27.18 -4.64 23.22
CA ARG A 508 27.18 -4.63 23.24
C ARG A 508 26.62 -4.05 21.94
N ARG A 509 25.80 -4.81 21.20
CA ARG A 509 25.36 -4.36 19.89
C ARG A 509 23.87 -4.67 19.71
N PRO A 510 23.16 -3.88 18.90
CA PRO A 510 21.79 -4.24 18.56
C PRO A 510 21.73 -5.60 17.87
N TRP A 511 20.59 -6.27 17.99
CA TRP A 511 20.29 -7.52 17.31
C TRP A 511 19.00 -7.31 16.56
N PRO A 512 18.68 -8.18 15.58
CA PRO A 512 17.57 -7.86 14.66
C PRO A 512 16.22 -7.65 15.32
N SER A 513 15.91 -8.36 16.39
CA SER A 513 14.56 -8.35 16.93
C SER A 513 14.40 -7.44 18.16
N ILE A 514 15.38 -6.60 18.45
CA ILE A 514 15.24 -5.73 19.61
C ILE A 514 14.05 -4.78 19.40
N ALA A 515 13.34 -4.48 20.50
CA ALA A 515 12.28 -3.48 20.45
C ALA A 515 12.84 -2.17 19.92
N ARG A 516 12.00 -1.46 19.17
CA ARG A 516 12.43 -0.22 18.53
C ARG A 516 12.10 1.02 19.35
N THR A 517 11.06 0.98 20.18
CA THR A 517 10.69 2.14 20.99
C THR A 517 9.70 1.68 22.05
N VAL A 518 9.32 2.59 22.93
CA VAL A 518 8.12 2.45 23.74
C VAL A 518 7.09 3.41 23.16
N TYR A 519 5.86 2.92 22.99
CA TYR A 519 4.90 3.61 22.14
C TYR A 519 4.68 5.04 22.61
N ARG A 520 4.97 6.00 21.73
CA ARG A 520 4.83 7.43 22.01
C ARG A 520 5.56 7.84 23.29
N ASP A 521 6.60 7.11 23.69
CA ASP A 521 7.37 7.45 24.87
C ASP A 521 8.81 7.02 24.67
N HIS A 522 9.44 7.58 23.65
CA HIS A 522 10.80 7.18 23.28
C HIS A 522 11.80 7.55 24.38
N LYS A 523 11.53 8.62 25.13
CA LYS A 523 12.43 8.99 26.22
C LYS A 523 12.49 7.89 27.27
N ARG A 524 11.36 7.24 27.57
CA ARG A 524 11.37 6.15 28.54
C ARG A 524 12.14 4.96 28.00
N TYR A 525 12.05 4.73 26.69
CA TYR A 525 12.86 3.71 26.06
C TYR A 525 14.34 3.99 26.26
N LEU A 526 14.80 5.20 25.95
CA LEU A 526 16.23 5.50 26.09
C LEU A 526 16.65 5.47 27.55
N GLU A 527 15.87 6.09 28.44
CA GLU A 527 16.27 6.15 29.84
C GLU A 527 16.29 4.77 30.48
N THR A 528 15.39 3.86 30.11
CA THR A 528 15.30 2.58 30.80
C THR A 528 16.40 1.62 30.37
N TYR A 529 16.69 1.55 29.07
CA TYR A 529 17.57 0.54 28.50
C TYR A 529 18.92 1.07 28.03
N MET A 530 18.98 2.32 27.57
CA MET A 530 20.17 2.84 26.90
C MET A 530 21.00 3.78 27.76
N LYS A 531 20.39 4.43 28.72
CA LYS A 531 21.06 5.39 29.60
C LYS A 531 21.83 4.74 30.76
N PRO A 532 21.34 3.69 31.45
CA PRO A 532 22.06 3.22 32.66
C PRO A 532 23.55 2.91 32.44
N TYR A 533 23.90 2.30 31.31
CA TYR A 533 25.29 2.00 30.95
C TYR A 533 25.49 2.45 29.51
N PRO A 534 25.86 3.71 29.30
CA PRO A 534 25.97 4.25 27.93
C PRO A 534 26.90 3.40 27.09
N GLY A 535 26.48 3.10 25.85
CA GLY A 535 27.17 2.17 24.98
C GLY A 535 26.59 0.78 24.96
N TYR A 536 25.75 0.42 25.92
CA TYR A 536 25.23 -0.92 26.05
C TYR A 536 23.72 -0.87 26.21
N PHE A 537 23.11 -2.04 26.02
CA PHE A 537 21.73 -2.31 26.39
C PHE A 537 21.69 -3.00 27.75
N PHE A 538 20.85 -2.49 28.65
CA PHE A 538 20.75 -2.91 30.04
C PHE A 538 19.48 -3.74 30.22
N PHE A 539 19.64 -5.04 30.48
CA PHE A 539 18.49 -5.94 30.62
C PHE A 539 17.74 -5.68 31.92
N GLY A 540 18.45 -5.28 32.97
CA GLY A 540 17.85 -5.21 34.29
C GLY A 540 17.95 -6.48 35.13
N ASP A 541 18.79 -7.45 34.75
CA ASP A 541 18.95 -8.69 35.50
C ASP A 541 20.38 -8.84 36.03
N GLY A 542 20.50 -9.37 37.25
CA GLY A 542 21.81 -9.80 37.74
C GLY A 542 22.27 -11.05 37.00
N ALA A 543 23.57 -11.12 36.73
CA ALA A 543 24.08 -12.23 35.93
C ALA A 543 25.51 -12.57 36.33
N ALA A 544 25.89 -13.82 36.07
CA ALA A 544 27.24 -14.34 36.34
C ALA A 544 27.72 -15.19 35.17
N ARG A 545 29.02 -15.10 34.88
CA ARG A 545 29.66 -15.95 33.88
C ARG A 545 30.68 -16.82 34.61
N ASP A 546 30.43 -18.13 34.67
CA ASP A 546 31.23 -19.01 35.52
C ASP A 546 32.56 -19.35 34.84
N TYR A 547 33.32 -20.25 35.46
CA TYR A 547 34.67 -20.57 34.98
C TYR A 547 34.67 -21.26 33.62
N ASP A 548 33.56 -21.88 33.22
CA ASP A 548 33.42 -22.45 31.88
C ASP A 548 32.82 -21.48 30.89
N GLY A 549 32.52 -20.25 31.30
CA GLY A 549 31.88 -19.31 30.41
C GLY A 549 30.37 -19.45 30.32
N TYR A 550 29.78 -20.34 31.10
CA TYR A 550 28.33 -20.46 31.17
C TYR A 550 27.74 -19.25 31.88
N MET A 551 26.67 -18.70 31.31
CA MET A 551 25.97 -17.56 31.89
CA MET A 551 25.99 -17.57 31.90
C MET A 551 24.89 -18.04 32.85
N TRP A 552 24.75 -17.35 33.97
CA TRP A 552 23.71 -17.63 34.95
C TRP A 552 22.93 -16.34 35.19
N ILE A 553 21.64 -16.35 34.87
CA ILE A 553 20.80 -15.21 35.19
C ILE A 553 20.13 -15.46 36.52
N LYS A 554 20.41 -14.63 37.51
CA LYS A 554 20.11 -14.95 38.90
C LYS A 554 18.94 -14.19 39.49
N GLY A 555 18.24 -13.36 38.72
CA GLY A 555 17.18 -12.53 39.25
C GLY A 555 17.34 -11.08 38.85
N ARG A 556 16.29 -10.31 39.12
CA ARG A 556 16.26 -8.89 38.79
C ARG A 556 17.26 -8.11 39.64
N VAL A 557 17.86 -7.09 39.04
CA VAL A 557 18.77 -6.21 39.77
C VAL A 557 18.05 -5.58 40.96
N ASP A 558 16.79 -5.17 40.77
CA ASP A 558 16.01 -4.59 41.86
C ASP A 558 15.75 -5.55 42.99
N ASP A 559 15.90 -6.86 42.77
CA ASP A 559 15.63 -7.84 43.81
C ASP A 559 16.89 -8.29 44.54
N VAL A 560 18.07 -7.80 44.13
CA VAL A 560 19.31 -8.15 44.82
C VAL A 560 19.24 -7.67 46.26
N ILE A 561 19.72 -8.51 47.18
CA ILE A 561 19.69 -8.21 48.61
C ILE A 561 21.12 -8.07 49.10
N ASN A 562 21.40 -6.99 49.80
CA ASN A 562 22.75 -6.59 50.16
C ASN A 562 22.91 -6.74 51.68
N VAL A 563 23.45 -7.89 52.09
CA VAL A 563 23.63 -8.21 53.50
C VAL A 563 25.11 -8.03 53.81
N SER A 564 25.44 -6.91 54.45
CA SER A 564 26.80 -6.65 54.94
C SER A 564 27.84 -6.82 53.84
N GLY A 565 27.52 -6.29 52.65
CA GLY A 565 28.39 -6.40 51.51
C GLY A 565 28.10 -7.57 50.59
N HIS A 566 27.75 -8.72 51.17
CA HIS A 566 27.40 -9.90 50.36
C HIS A 566 26.13 -9.62 49.56
N ARG A 567 26.25 -9.55 48.23
CA ARG A 567 25.12 -9.26 47.35
C ARG A 567 24.46 -10.58 46.93
N LEU A 568 23.31 -10.88 47.55
CA LEU A 568 22.59 -12.12 47.29
C LEU A 568 21.57 -11.94 46.19
N SER A 569 21.43 -12.96 45.36
CA SER A 569 20.40 -12.97 44.33
C SER A 569 19.22 -13.82 44.77
N THR A 570 18.06 -13.54 44.18
CA THR A 570 16.84 -14.24 44.60
C THR A 570 16.87 -15.71 44.24
N ALA A 571 17.40 -16.06 43.06
CA ALA A 571 17.43 -17.46 42.65
C ALA A 571 18.33 -18.28 43.56
N GLU A 572 19.48 -17.71 43.92
CA GLU A 572 20.42 -18.33 44.84
C GLU A 572 19.72 -18.81 46.11
N VAL A 573 19.10 -17.88 46.84
CA VAL A 573 18.52 -18.24 48.13
C VAL A 573 17.31 -19.14 47.94
N GLU A 574 16.46 -18.82 46.96
CA GLU A 574 15.27 -19.62 46.71
C GLU A 574 15.62 -21.03 46.25
N SER A 575 16.74 -21.20 45.54
CA SER A 575 17.14 -22.55 45.12
C SER A 575 17.69 -23.34 46.30
N ALA A 576 18.20 -22.65 47.32
CA ALA A 576 18.59 -23.32 48.55
C ALA A 576 17.35 -23.75 49.35
N LEU A 577 16.40 -22.84 49.53
CA LEU A 577 15.22 -23.15 50.35
C LEU A 577 14.44 -24.33 49.80
N ILE A 578 14.35 -24.44 48.48
CA ILE A 578 13.57 -25.51 47.86
C ILE A 578 14.26 -26.86 47.96
N LEU A 579 15.51 -26.90 48.44
CA LEU A 579 16.17 -28.19 48.70
C LEU A 579 15.61 -28.88 49.94
N HIS A 580 14.91 -28.16 50.79
CA HIS A 580 14.31 -28.77 51.98
C HIS A 580 13.03 -29.49 51.60
N LYS A 581 12.86 -30.69 52.14
CA LYS A 581 11.67 -31.51 51.86
C LYS A 581 10.40 -30.76 52.26
N GLY A 582 9.35 -30.94 51.47
CA GLY A 582 8.08 -30.31 51.75
C GLY A 582 7.90 -28.91 51.20
N VAL A 583 8.96 -28.27 50.70
CA VAL A 583 8.87 -26.91 50.18
C VAL A 583 8.43 -26.96 48.73
N ALA A 584 7.37 -26.24 48.40
CA ALA A 584 6.84 -26.20 47.05
C ALA A 584 7.38 -25.01 46.25
N GLU A 585 7.55 -23.85 46.90
CA GLU A 585 7.95 -22.63 46.21
C GLU A 585 8.26 -21.58 47.26
N THR A 586 9.20 -20.68 46.93
CA THR A 586 9.59 -19.63 47.86
C THR A 586 9.89 -18.35 47.12
N ALA A 587 9.88 -17.25 47.86
CA ALA A 587 10.35 -15.96 47.39
C ALA A 587 11.02 -15.24 48.54
N VAL A 588 12.12 -14.55 48.25
CA VAL A 588 12.84 -13.79 49.27
C VAL A 588 12.97 -12.35 48.80
N VAL A 589 12.83 -11.42 49.74
CA VAL A 589 13.01 -10.00 49.49
C VAL A 589 13.84 -9.39 50.61
N GLY A 590 14.45 -8.25 50.31
CA GLY A 590 15.23 -7.55 51.30
C GLY A 590 14.43 -6.55 52.09
N CYS A 591 14.97 -6.17 53.24
CA CYS A 591 14.38 -5.14 54.07
C CYS A 591 15.49 -4.45 54.84
N ALA A 592 15.25 -3.20 55.22
CA ALA A 592 16.26 -2.39 55.89
C ALA A 592 16.63 -3.01 57.24
N ASP A 593 17.92 -3.19 57.46
CA ASP A 593 18.45 -3.66 58.73
C ASP A 593 19.61 -2.77 59.15
N ASP A 594 19.60 -2.33 60.41
CA ASP A 594 20.61 -1.37 60.86
C ASP A 594 21.99 -2.03 60.96
N LEU A 595 22.06 -3.30 61.31
CA LEU A 595 23.33 -3.97 61.54
C LEU A 595 23.93 -4.57 60.28
N THR A 596 23.10 -4.93 59.30
CA THR A 596 23.58 -5.60 58.09
C THR A 596 23.24 -4.83 56.82
N GLY A 597 22.72 -3.61 56.92
CA GLY A 597 22.27 -2.87 55.76
C GLY A 597 20.91 -3.36 55.30
N GLN A 598 20.87 -4.56 54.75
CA GLN A 598 19.62 -5.23 54.44
C GLN A 598 19.65 -6.64 55.03
N ALA A 599 18.46 -7.20 55.21
CA ALA A 599 18.29 -8.54 55.75
C ALA A 599 17.30 -9.30 54.88
N VAL A 600 17.50 -10.60 54.81
CA VAL A 600 16.69 -11.46 53.95
C VAL A 600 15.44 -11.87 54.70
N TYR A 601 14.28 -11.76 54.03
CA TYR A 601 13.01 -12.23 54.53
C TYR A 601 12.43 -13.19 53.52
N ALA A 602 12.02 -14.37 53.99
CA ALA A 602 11.63 -15.47 53.12
C ALA A 602 10.13 -15.76 53.27
N PHE A 603 9.44 -15.87 52.14
CA PHE A 603 8.06 -16.31 52.08
C PHE A 603 8.06 -17.70 51.47
N VAL A 604 7.65 -18.69 52.25
CA VAL A 604 7.78 -20.10 51.89
C VAL A 604 6.40 -20.73 51.73
N THR A 605 6.24 -21.47 50.63
CA THR A 605 5.02 -22.23 50.36
C THR A 605 5.31 -23.72 50.48
N MET A 606 4.52 -24.41 51.29
CA MET A 606 4.71 -25.83 51.53
C MET A 606 3.73 -26.65 50.70
N LYS A 607 4.12 -27.89 50.43
CA LYS A 607 3.20 -28.81 49.78
C LYS A 607 1.97 -29.03 50.67
N PRO A 608 0.80 -29.28 50.06
CA PRO A 608 -0.43 -29.32 50.86
C PRO A 608 -0.45 -30.41 51.91
N GLU A 609 0.10 -31.59 51.61
CA GLU A 609 0.08 -32.69 52.58
C GLU A 609 1.13 -32.55 53.66
N PHE A 610 1.99 -31.53 53.62
CA PHE A 610 2.99 -31.38 54.66
C PHE A 610 2.31 -31.10 56.00
N ASP A 611 2.53 -31.99 56.96
CA ASP A 611 1.95 -31.87 58.29
C ASP A 611 2.62 -30.72 59.01
N LEU A 612 1.92 -29.59 59.10
CA LEU A 612 2.46 -28.44 59.81
C LEU A 612 2.27 -28.52 61.32
N LYS A 613 1.33 -29.34 61.80
CA LYS A 613 1.17 -29.50 63.24
C LYS A 613 2.22 -30.44 63.83
N ALA A 614 2.76 -31.36 63.02
CA ALA A 614 3.75 -32.31 63.53
C ALA A 614 5.15 -31.70 63.54
N THR A 615 5.47 -30.90 62.52
CA THR A 615 6.70 -30.12 62.51
C THR A 615 6.38 -28.75 63.10
N LYS A 616 6.83 -28.50 64.33
CA LYS A 616 6.70 -27.17 64.91
C LYS A 616 7.36 -26.15 64.02
N GLU A 617 6.57 -25.16 63.56
CA GLU A 617 7.03 -24.22 62.53
C GLU A 617 8.40 -23.63 62.85
N ALA A 618 8.65 -23.31 64.12
CA ALA A 618 9.95 -22.76 64.50
C ALA A 618 11.10 -23.71 64.18
N ASP A 619 10.85 -25.02 64.23
CA ASP A 619 11.88 -25.99 63.86
C ASP A 619 12.09 -26.03 62.35
N LEU A 620 11.00 -25.94 61.61
CA LEU A 620 11.11 -25.83 60.15
C LEU A 620 11.96 -24.63 59.77
N SER A 621 11.63 -23.46 60.32
CA SER A 621 12.40 -22.25 60.00
C SER A 621 13.85 -22.41 60.38
N LYS A 622 14.12 -23.10 61.50
CA LYS A 622 15.49 -23.36 61.92
C LYS A 622 16.23 -24.23 60.92
N GLU A 623 15.59 -25.32 60.47
CA GLU A 623 16.23 -26.18 59.48
C GLU A 623 16.43 -25.45 58.15
N LEU A 624 15.53 -24.55 57.79
CA LEU A 624 15.71 -23.81 56.54
C LEU A 624 16.91 -22.88 56.62
N ALA A 625 17.10 -22.22 57.76
CA ALA A 625 18.27 -21.37 57.94
C ALA A 625 19.56 -22.16 57.84
N ILE A 626 19.57 -23.36 58.42
CA ILE A 626 20.77 -24.21 58.38
C ILE A 626 21.08 -24.63 56.95
N GLN A 627 20.04 -24.94 56.17
CA GLN A 627 20.24 -25.34 54.78
C GLN A 627 20.86 -24.20 53.99
N VAL A 628 20.34 -22.98 54.16
CA VAL A 628 20.87 -21.83 53.43
C VAL A 628 22.30 -21.54 53.88
N ARG A 629 22.56 -21.57 55.19
CA ARG A 629 23.93 -21.34 55.65
C ARG A 629 24.89 -22.37 55.09
N LYS A 630 24.43 -23.61 54.89
CA LYS A 630 25.32 -24.66 54.42
C LYS A 630 25.73 -24.41 52.96
N VAL A 631 24.77 -24.12 52.09
CA VAL A 631 25.10 -24.06 50.67
C VAL A 631 25.56 -22.68 50.24
N ILE A 632 25.08 -21.61 50.87
CA ILE A 632 25.42 -20.25 50.48
C ILE A 632 26.44 -19.63 51.43
N GLY A 633 26.15 -19.63 52.73
CA GLY A 633 27.03 -19.04 53.71
C GLY A 633 26.26 -18.48 54.89
N PRO A 634 26.97 -18.17 55.98
CA PRO A 634 26.28 -17.75 57.21
C PRO A 634 25.45 -16.50 57.05
N PHE A 635 25.89 -15.56 56.19
CA PHE A 635 25.22 -14.28 56.03
C PHE A 635 23.87 -14.40 55.35
N ALA A 636 23.62 -15.49 54.62
CA ALA A 636 22.46 -15.57 53.74
C ALA A 636 21.21 -16.11 54.42
N ALA A 637 21.30 -16.49 55.70
CA ALA A 637 20.15 -17.03 56.41
C ALA A 637 19.06 -15.98 56.56
N PRO A 638 17.80 -16.30 56.28
CA PRO A 638 16.73 -15.32 56.44
C PRO A 638 16.57 -14.89 57.88
N LYS A 639 16.40 -13.58 58.07
CA LYS A 639 16.12 -13.06 59.42
C LYS A 639 14.77 -13.56 59.91
N LYS A 640 13.74 -13.48 59.06
CA LYS A 640 12.42 -14.00 59.39
C LYS A 640 11.90 -14.82 58.23
N ILE A 641 10.97 -15.73 58.52
CA ILE A 641 10.41 -16.64 57.53
C ILE A 641 8.90 -16.68 57.74
N TYR A 642 8.14 -16.34 56.69
CA TYR A 642 6.69 -16.36 56.73
C TYR A 642 6.18 -17.55 55.93
N LEU A 643 5.41 -18.41 56.58
CA LEU A 643 4.75 -19.53 55.93
C LEU A 643 3.41 -19.06 55.40
N VAL A 644 3.23 -19.15 54.08
CA VAL A 644 2.03 -18.65 53.42
C VAL A 644 1.49 -19.73 52.49
N SER A 645 0.22 -19.55 52.09
CA SER A 645 -0.43 -20.53 51.22
C SER A 645 -0.03 -20.34 49.76
N ASP A 646 0.15 -19.10 49.34
CA ASP A 646 0.58 -18.82 47.97
C ASP A 646 1.32 -17.49 47.95
N LEU A 647 2.09 -17.29 46.92
CA LEU A 647 2.79 -16.03 46.72
C LEU A 647 2.03 -15.16 45.72
N PRO A 648 2.16 -13.84 45.80
CA PRO A 648 1.57 -12.98 44.76
C PRO A 648 2.29 -13.16 43.43
N LYS A 649 1.52 -13.44 42.38
CA LYS A 649 2.09 -13.73 41.07
C LYS A 649 1.23 -13.09 39.98
N THR A 650 1.88 -12.78 38.85
CA THR A 650 1.17 -12.25 37.69
C THR A 650 0.54 -13.39 36.90
N ARG A 651 -0.24 -13.03 35.88
CA ARG A 651 -0.89 -14.05 35.07
C ARG A 651 0.12 -14.93 34.35
N SER A 652 1.30 -14.39 34.03
CA SER A 652 2.34 -15.16 33.37
C SER A 652 3.12 -16.04 34.35
N GLY A 653 3.03 -15.77 35.64
CA GLY A 653 3.71 -16.56 36.63
C GLY A 653 4.91 -15.91 37.28
N LYS A 654 5.17 -14.64 37.00
CA LYS A 654 6.26 -13.96 37.67
C LYS A 654 5.88 -13.70 39.13
N ILE A 655 6.80 -13.98 40.04
CA ILE A 655 6.56 -13.73 41.45
C ILE A 655 6.75 -12.24 41.71
N MET A 656 5.83 -11.64 42.48
CA MET A 656 5.78 -10.19 42.67
C MET A 656 6.57 -9.81 43.92
N ARG A 657 7.89 -9.87 43.80
CA ARG A 657 8.76 -9.58 44.93
C ARG A 657 8.67 -8.13 45.35
N ARG A 658 8.40 -7.22 44.40
CA ARG A 658 8.17 -5.82 44.73
C ARG A 658 7.03 -5.70 45.74
N VAL A 659 5.95 -6.44 45.54
CA VAL A 659 4.82 -6.39 46.45
C VAL A 659 5.23 -6.87 47.85
N LEU A 660 5.86 -8.05 47.93
CA LEU A 660 6.32 -8.55 49.23
C LEU A 660 7.32 -7.60 49.86
N ARG A 661 8.21 -7.01 49.04
CA ARG A 661 9.18 -6.07 49.58
C ARG A 661 8.49 -4.84 50.17
N LYS A 662 7.41 -4.36 49.52
CA LYS A 662 6.72 -3.19 50.03
C LYS A 662 5.92 -3.52 51.29
N ILE A 663 5.34 -4.73 51.36
CA ILE A 663 4.55 -5.11 52.52
C ILE A 663 5.44 -5.21 53.76
N VAL A 664 6.66 -5.71 53.59
CA VAL A 664 7.56 -5.95 54.72
C VAL A 664 8.23 -4.64 55.11
N ALA A 665 7.82 -3.55 54.47
CA ALA A 665 8.43 -2.25 54.77
C ALA A 665 7.41 -1.16 55.08
N GLY A 666 6.15 -1.51 55.33
CA GLY A 666 5.13 -0.51 55.60
C GLY A 666 4.62 0.17 54.34
N PRO A 680 -4.83 -13.10 43.28
CA PRO A 680 -5.07 -11.70 43.63
C PRO A 680 -5.45 -11.53 45.10
N GLN A 681 -6.33 -12.40 45.61
CA GLN A 681 -6.68 -12.37 47.02
C GLN A 681 -5.51 -12.74 47.94
N ILE A 682 -4.38 -13.18 47.37
CA ILE A 682 -3.25 -13.67 48.15
C ILE A 682 -2.48 -12.48 48.75
N VAL A 683 -2.91 -11.26 48.43
CA VAL A 683 -2.18 -10.12 48.95
C VAL A 683 -2.61 -9.80 50.38
N GLU A 684 -3.90 -9.96 50.68
CA GLU A 684 -4.37 -9.76 52.06
C GLU A 684 -3.77 -10.79 53.00
N GLU A 685 -3.55 -12.03 52.54
CA GLU A 685 -2.94 -13.05 53.38
C GLU A 685 -1.50 -12.68 53.73
N VAL A 686 -0.75 -12.11 52.77
CA VAL A 686 0.62 -11.71 53.03
C VAL A 686 0.67 -10.58 54.05
N LYS A 687 -0.21 -9.60 53.91
CA LYS A 687 -0.23 -8.49 54.86
C LYS A 687 -0.65 -8.95 56.24
N GLN A 688 -1.56 -9.92 56.32
CA GLN A 688 -2.03 -10.41 57.60
C GLN A 688 -0.98 -11.25 58.31
N LYS A 689 -0.25 -12.08 57.56
CA LYS A 689 0.80 -12.91 58.17
C LYS A 689 2.01 -12.08 58.60
N VAL A 690 2.22 -10.90 57.99
CA VAL A 690 3.34 -10.05 58.35
C VAL A 690 3.02 -9.12 59.52
N THR A 691 1.80 -9.18 60.06
CA THR A 691 1.42 -8.35 61.18
C THR A 691 0.74 -9.18 62.26
N HIS B 25 -29.33 -39.79 -32.72
CA HIS B 25 -28.74 -38.86 -31.76
C HIS B 25 -29.76 -38.37 -30.75
N HIS B 26 -29.43 -38.47 -29.46
CA HIS B 26 -30.32 -37.93 -28.44
C HIS B 26 -30.36 -36.41 -28.49
N VAL B 27 -29.24 -35.77 -28.85
CA VAL B 27 -29.12 -34.31 -28.83
C VAL B 27 -29.33 -33.77 -30.24
N HIS B 28 -30.28 -32.85 -30.39
CA HIS B 28 -30.50 -32.29 -31.71
C HIS B 28 -30.01 -30.84 -31.78
N PRO B 29 -29.58 -30.39 -32.95
CA PRO B 29 -29.24 -28.97 -33.11
C PRO B 29 -30.51 -28.13 -33.02
N LEU B 30 -30.32 -26.83 -32.75
CA LEU B 30 -31.45 -25.92 -32.76
C LEU B 30 -32.13 -25.99 -34.13
N PRO B 31 -33.47 -25.96 -34.17
CA PRO B 31 -34.17 -26.08 -35.46
C PRO B 31 -33.69 -25.07 -36.50
N ASP B 32 -33.47 -25.58 -37.72
CA ASP B 32 -32.97 -24.81 -38.83
C ASP B 32 -33.63 -25.35 -40.10
N SER B 33 -33.89 -24.45 -41.06
CA SER B 33 -34.44 -24.89 -42.34
C SER B 33 -33.38 -25.54 -43.22
N VAL B 34 -32.10 -25.31 -42.94
CA VAL B 34 -31.00 -25.87 -43.71
C VAL B 34 -30.73 -27.30 -43.26
N PRO B 35 -30.50 -28.24 -44.17
CA PRO B 35 -30.16 -29.61 -43.75
C PRO B 35 -28.84 -29.64 -43.01
N GLU B 36 -28.73 -30.58 -42.06
CA GLU B 36 -27.52 -30.74 -41.26
C GLU B 36 -26.27 -30.88 -42.14
N SER B 37 -26.36 -31.67 -43.21
CA SER B 37 -25.21 -31.95 -44.06
C SER B 37 -24.70 -30.70 -44.76
N GLU B 38 -25.52 -29.65 -44.81
CA GLU B 38 -25.15 -28.40 -45.49
C GLU B 38 -25.11 -27.24 -44.52
N ASP B 39 -24.91 -27.52 -43.23
CA ASP B 39 -25.03 -26.52 -42.18
C ASP B 39 -23.74 -26.36 -41.39
N LEU B 40 -22.62 -26.90 -41.88
CA LEU B 40 -21.32 -26.76 -41.26
C LEU B 40 -20.50 -25.74 -42.05
N PHE B 41 -19.94 -24.75 -41.36
CA PHE B 41 -19.33 -23.59 -42.01
C PHE B 41 -17.87 -23.48 -41.59
N ALA B 42 -16.97 -23.90 -42.47
CA ALA B 42 -15.53 -23.82 -42.26
C ALA B 42 -15.07 -22.37 -42.30
N PRO B 43 -13.93 -22.06 -41.67
CA PRO B 43 -13.41 -20.69 -41.70
C PRO B 43 -13.28 -20.18 -43.12
N PRO B 44 -13.90 -19.04 -43.43
CA PRO B 44 -13.91 -18.53 -44.80
C PRO B 44 -12.58 -17.92 -45.18
N PRO B 45 -12.37 -17.58 -46.46
CA PRO B 45 -11.06 -17.06 -46.90
C PRO B 45 -10.52 -15.91 -46.07
N ARG B 46 -11.37 -14.95 -45.67
CA ARG B 46 -10.89 -13.84 -44.88
C ARG B 46 -10.26 -14.29 -43.57
N MET B 47 -10.60 -15.49 -43.10
CA MET B 47 -10.03 -16.06 -41.89
C MET B 47 -9.01 -17.14 -42.19
N GLN B 48 -8.50 -17.17 -43.41
CA GLN B 48 -7.50 -18.12 -43.84
C GLN B 48 -6.19 -17.43 -44.21
N GLY B 49 -6.06 -16.15 -43.91
CA GLY B 49 -4.89 -15.39 -44.29
C GLY B 49 -4.90 -14.89 -45.72
N LYS B 50 -5.93 -15.20 -46.49
CA LYS B 50 -6.03 -14.76 -47.87
C LYS B 50 -6.60 -13.35 -47.94
N GLU B 51 -6.61 -12.81 -49.17
CA GLU B 51 -7.18 -11.49 -49.45
C GLU B 51 -6.48 -10.38 -48.67
N GLY B 52 -5.19 -10.57 -48.38
CA GLY B 52 -4.47 -9.60 -47.58
C GLY B 52 -4.92 -9.50 -46.13
N ARG B 53 -5.61 -10.54 -45.59
CA ARG B 53 -5.98 -10.52 -44.18
C ARG B 53 -4.93 -11.24 -43.35
N PRO B 54 -4.72 -10.83 -42.10
CA PRO B 54 -3.69 -11.48 -41.28
C PRO B 54 -4.01 -12.95 -41.03
N LYS B 55 -2.95 -13.75 -40.98
CA LYS B 55 -3.11 -15.15 -40.63
C LYS B 55 -3.74 -15.28 -39.24
N PRO B 56 -4.68 -16.20 -39.05
CA PRO B 56 -5.29 -16.35 -37.72
C PRO B 56 -4.26 -16.75 -36.68
N HIS B 57 -4.47 -16.27 -35.44
CA HIS B 57 -3.59 -16.66 -34.35
C HIS B 57 -3.69 -18.16 -34.08
N ILE B 58 -4.86 -18.75 -34.30
CA ILE B 58 -5.05 -20.17 -34.09
C ILE B 58 -5.76 -20.69 -35.34
N GLY B 59 -5.09 -21.60 -36.05
CA GLY B 59 -5.64 -22.21 -37.23
C GLY B 59 -4.81 -23.38 -37.71
N PRO B 60 -5.27 -24.07 -38.75
CA PRO B 60 -6.45 -23.74 -39.54
C PRO B 60 -7.65 -24.67 -39.32
N ASN B 61 -7.62 -25.53 -38.31
CA ASN B 61 -8.64 -26.56 -38.18
C ASN B 61 -8.89 -26.83 -36.70
N TYR B 62 -9.69 -27.86 -36.43
CA TYR B 62 -10.08 -28.19 -35.07
C TYR B 62 -8.89 -28.68 -34.25
N GLU B 63 -7.98 -29.43 -34.88
CA GLU B 63 -6.83 -29.93 -34.14
C GLU B 63 -5.96 -28.79 -33.61
N SER B 64 -5.83 -27.70 -34.37
CA SER B 64 -5.03 -26.59 -33.91
C SER B 64 -5.64 -25.95 -32.65
N TYR B 65 -6.97 -25.87 -32.58
CA TYR B 65 -7.60 -25.37 -31.36
C TYR B 65 -7.31 -26.28 -30.17
N VAL B 66 -7.46 -27.60 -30.36
CA VAL B 66 -7.27 -28.56 -29.27
C VAL B 66 -5.85 -28.54 -28.76
N LYS B 67 -4.88 -28.59 -29.68
CA LYS B 67 -3.47 -28.63 -29.27
C LYS B 67 -3.13 -27.48 -28.32
N GLU B 68 -3.63 -26.27 -28.60
CA GLU B 68 -3.30 -25.15 -27.74
C GLU B 68 -4.17 -25.17 -26.48
N TRP B 69 -5.45 -25.52 -26.63
CA TRP B 69 -6.34 -25.56 -25.48
C TRP B 69 -5.85 -26.53 -24.41
N ALA B 70 -5.32 -27.69 -24.84
CA ALA B 70 -4.82 -28.68 -23.89
C ALA B 70 -3.74 -28.11 -22.98
N LYS B 71 -2.98 -27.12 -23.45
CA LYS B 71 -1.95 -26.48 -22.64
C LYS B 71 -2.52 -25.65 -21.49
N THR B 72 -3.82 -25.32 -21.54
CA THR B 72 -4.39 -24.31 -20.67
C THR B 72 -5.30 -24.88 -19.59
N VAL B 73 -5.56 -26.19 -19.61
CA VAL B 73 -6.39 -26.84 -18.61
C VAL B 73 -5.66 -28.09 -18.11
N GLY B 74 -5.97 -28.49 -16.89
CA GLY B 74 -5.37 -29.67 -16.32
C GLY B 74 -4.23 -29.35 -15.37
N PRO B 75 -3.50 -30.39 -14.96
CA PRO B 75 -2.51 -30.20 -13.89
C PRO B 75 -1.19 -29.58 -14.36
N ASN B 76 -0.92 -29.53 -15.66
CA ASN B 76 0.31 -28.94 -16.17
C ASN B 76 0.05 -27.64 -16.93
N SER B 77 -1.03 -26.93 -16.61
CA SER B 77 -1.40 -25.72 -17.32
C SER B 77 -0.79 -24.46 -16.72
N ASP B 78 -0.09 -24.56 -15.59
CA ASP B 78 0.50 -23.38 -14.95
C ASP B 78 1.51 -22.71 -15.86
N GLU B 79 2.32 -23.50 -16.57
CA GLU B 79 3.37 -22.93 -17.41
C GLU B 79 2.78 -22.00 -18.47
N TRP B 80 1.73 -22.44 -19.14
CA TRP B 80 1.13 -21.62 -20.18
C TRP B 80 0.52 -20.35 -19.61
N TRP B 81 -0.19 -20.45 -18.48
CA TRP B 81 -0.85 -19.29 -17.90
C TRP B 81 0.16 -18.30 -17.34
N ALA B 82 1.23 -18.81 -16.75
CA ALA B 82 2.30 -17.94 -16.28
C ALA B 82 2.95 -17.20 -17.45
N ALA B 83 3.22 -17.92 -18.55
CA ALA B 83 3.83 -17.28 -19.72
C ALA B 83 2.89 -16.24 -20.33
N LYS B 84 1.61 -16.59 -20.51
CA LYS B 84 0.66 -15.64 -21.09
C LYS B 84 0.48 -14.42 -20.20
N ALA B 85 0.47 -14.62 -18.87
CA ALA B 85 0.30 -13.49 -17.97
C ALA B 85 1.47 -12.52 -18.09
N ARG B 86 2.68 -13.05 -18.19
CA ARG B 86 3.85 -12.18 -18.29
C ARG B 86 4.00 -11.57 -19.68
N GLU B 87 3.53 -12.26 -20.72
CA GLU B 87 3.60 -11.72 -22.07
C GLU B 87 2.52 -10.68 -22.35
N THR B 88 1.34 -10.83 -21.75
CA THR B 88 0.19 -10.01 -22.13
C THR B 88 0.14 -8.69 -21.37
N LEU B 89 0.50 -8.68 -20.09
CA LEU B 89 0.35 -7.51 -19.25
C LEU B 89 1.72 -6.97 -18.82
N ASP B 90 1.74 -5.67 -18.53
CA ASP B 90 2.91 -5.02 -17.94
C ASP B 90 2.71 -4.98 -16.44
N TRP B 91 3.67 -5.55 -15.70
CA TRP B 91 3.60 -5.66 -14.26
C TRP B 91 4.59 -4.71 -13.62
N TYR B 92 4.22 -4.17 -12.46
CA TYR B 92 5.21 -3.49 -11.64
C TYR B 92 6.06 -4.47 -10.84
N ASP B 93 5.44 -5.47 -10.22
CA ASP B 93 6.16 -6.57 -9.58
C ASP B 93 5.71 -7.89 -10.16
N ASP B 94 6.67 -8.78 -10.42
CA ASP B 94 6.34 -10.11 -10.92
C ASP B 94 5.57 -10.88 -9.86
N PHE B 95 4.88 -11.93 -10.28
CA PHE B 95 4.22 -12.83 -9.34
C PHE B 95 5.08 -14.07 -9.14
N LYS B 96 4.75 -14.81 -8.08
CA LYS B 96 5.40 -16.07 -7.76
C LYS B 96 4.46 -17.25 -7.93
N THR B 97 3.26 -17.16 -7.34
CA THR B 97 2.26 -18.22 -7.42
C THR B 97 1.34 -17.97 -8.62
N VAL B 98 1.04 -19.03 -9.36
CA VAL B 98 0.15 -18.90 -10.50
C VAL B 98 -1.31 -18.90 -10.04
N ARG B 99 -1.75 -20.00 -9.42
CA ARG B 99 -3.13 -20.08 -8.96
C ARG B 99 -3.17 -20.69 -7.56
N ALA B 100 -4.28 -20.45 -6.87
CA ALA B 100 -4.56 -21.00 -5.55
C ALA B 100 -6.04 -20.77 -5.26
N GLY B 101 -6.53 -21.43 -4.19
CA GLY B 101 -7.91 -21.32 -3.78
C GLY B 101 -8.83 -22.13 -4.68
N GLY B 102 -10.13 -21.90 -4.51
CA GLY B 102 -11.11 -22.75 -5.17
C GLY B 102 -12.53 -22.28 -4.97
N PHE B 103 -13.47 -23.09 -5.47
CA PHE B 103 -14.89 -22.76 -5.41
C PHE B 103 -15.44 -22.79 -3.99
N GLU B 104 -15.04 -23.78 -3.18
CA GLU B 104 -15.81 -24.16 -1.99
C GLU B 104 -15.93 -23.02 -0.99
N HIS B 105 -14.83 -22.32 -0.70
CA HIS B 105 -14.85 -21.17 0.21
C HIS B 105 -14.77 -19.84 -0.51
N GLY B 106 -14.58 -19.84 -1.83
CA GLY B 106 -14.49 -18.60 -2.56
C GLY B 106 -13.25 -17.85 -2.16
N ASP B 107 -12.09 -18.50 -2.37
CA ASP B 107 -10.80 -17.87 -2.10
C ASP B 107 -9.92 -17.94 -3.33
N VAL B 108 -10.52 -17.81 -4.53
CA VAL B 108 -9.77 -17.95 -5.77
C VAL B 108 -8.70 -16.88 -5.86
N GLN B 109 -7.48 -17.29 -6.22
CA GLN B 109 -6.35 -16.39 -6.39
C GLN B 109 -5.63 -16.69 -7.69
N TRP B 110 -5.18 -15.65 -8.37
CA TRP B 110 -4.37 -15.78 -9.56
C TRP B 110 -3.27 -14.75 -9.51
N PHE B 111 -2.03 -15.20 -9.69
CA PHE B 111 -0.86 -14.32 -9.68
C PHE B 111 -0.81 -13.45 -8.42
N PRO B 112 -1.10 -14.02 -7.22
CA PRO B 112 -1.36 -13.15 -6.04
C PRO B 112 -0.25 -12.17 -5.68
N GLU B 113 1.03 -12.54 -5.79
CA GLU B 113 2.11 -11.64 -5.39
C GLU B 113 2.37 -10.52 -6.40
N GLY B 114 1.87 -10.64 -7.64
CA GLY B 114 2.13 -9.61 -8.63
C GLY B 114 1.41 -8.31 -8.34
N THR B 115 1.97 -7.21 -8.84
CA THR B 115 1.30 -5.92 -8.82
C THR B 115 1.32 -5.29 -10.20
N LEU B 116 0.29 -4.49 -10.49
CA LEU B 116 0.08 -3.91 -11.81
C LEU B 116 -1.00 -2.83 -11.68
N ASN B 117 -1.34 -2.20 -12.81
CA ASN B 117 -2.44 -1.25 -12.86
C ASN B 117 -3.16 -1.37 -14.20
N ALA B 118 -4.49 -1.39 -14.16
CA ALA B 118 -5.28 -1.61 -15.36
C ALA B 118 -5.25 -0.41 -16.32
N ALA B 119 -5.23 0.81 -15.78
CA ALA B 119 -5.08 2.00 -16.63
C ALA B 119 -3.71 2.05 -17.29
N TYR B 120 -2.66 1.60 -16.60
CA TYR B 120 -1.34 1.53 -17.23
C TYR B 120 -1.35 0.56 -18.42
N ASN B 121 -2.03 -0.57 -18.27
CA ASN B 121 -2.06 -1.55 -19.36
C ASN B 121 -3.00 -1.15 -20.50
N CYS B 122 -4.08 -0.43 -20.20
CA CYS B 122 -5.00 0.00 -21.23
C CYS B 122 -4.61 1.32 -21.88
N LEU B 123 -3.83 2.16 -21.19
CA LEU B 123 -3.50 3.49 -21.72
C LEU B 123 -2.00 3.75 -21.81
N ASP B 124 -1.33 3.86 -20.67
CA ASP B 124 0.01 4.43 -20.62
C ASP B 124 0.96 3.74 -21.59
N ARG B 125 0.99 2.40 -21.56
CA ARG B 125 2.00 1.69 -22.34
C ARG B 125 1.74 1.81 -23.83
N HIS B 126 0.48 1.97 -24.25
CA HIS B 126 0.18 2.20 -25.65
C HIS B 126 0.42 3.66 -26.04
N TYR B 127 0.13 4.59 -25.13
CA TYR B 127 0.53 5.99 -25.35
C TYR B 127 2.03 6.11 -25.61
N TYR B 128 2.85 5.34 -24.87
CA TYR B 128 4.31 5.45 -25.00
C TYR B 128 4.80 4.92 -26.34
N LYS B 129 4.09 3.97 -26.95
CA LYS B 129 4.51 3.41 -28.24
C LYS B 129 3.98 4.19 -29.43
N ASN B 130 2.70 4.59 -29.40
CA ASN B 130 2.10 5.32 -30.51
C ASN B 130 0.99 6.19 -29.96
N PRO B 131 1.31 7.40 -29.51
CA PRO B 131 0.29 8.26 -28.89
C PRO B 131 -0.78 8.79 -29.85
N LYS B 132 -0.52 8.79 -31.16
CA LYS B 132 -1.53 9.26 -32.11
C LYS B 132 -2.38 8.13 -32.66
N LYS B 133 -2.15 6.89 -32.24
CA LYS B 133 -3.04 5.81 -32.63
C LYS B 133 -4.41 6.00 -31.99
N THR B 134 -5.46 5.72 -32.74
CA THR B 134 -6.83 5.90 -32.27
C THR B 134 -7.15 4.87 -31.21
N ALA B 135 -7.52 5.34 -30.02
CA ALA B 135 -8.02 4.45 -28.97
C ALA B 135 -9.51 4.16 -29.14
N ILE B 136 -10.30 5.19 -29.38
CA ILE B 136 -11.75 5.08 -29.41
C ILE B 136 -12.26 5.72 -30.70
N ILE B 137 -13.08 4.99 -31.44
CA ILE B 137 -13.95 5.57 -32.46
C ILE B 137 -15.25 5.94 -31.75
N TYR B 138 -15.50 7.23 -31.63
CA TYR B 138 -16.67 7.72 -30.91
C TYR B 138 -17.75 7.96 -31.95
N GLU B 139 -18.64 6.98 -32.11
CA GLU B 139 -19.78 7.13 -33.00
C GLU B 139 -20.90 7.79 -32.20
N ALA B 140 -21.02 9.10 -32.36
CA ALA B 140 -22.02 9.89 -31.65
C ALA B 140 -23.42 9.55 -32.14
N ASP B 141 -24.42 9.92 -31.32
CA ASP B 141 -25.81 9.70 -31.69
C ASP B 141 -26.09 10.26 -33.09
N GLU B 142 -25.68 11.51 -33.32
CA GLU B 142 -25.74 12.10 -34.66
C GLU B 142 -24.48 11.72 -35.45
N PRO B 143 -24.62 10.99 -36.56
CA PRO B 143 -23.44 10.54 -37.31
C PRO B 143 -22.37 11.61 -37.57
N SER B 144 -22.77 12.86 -37.85
CA SER B 144 -21.79 13.89 -38.20
C SER B 144 -20.87 14.26 -37.04
N GLU B 145 -21.24 13.95 -35.79
CA GLU B 145 -20.45 14.38 -34.65
C GLU B 145 -19.41 13.36 -34.23
N SER B 146 -19.24 12.30 -35.02
CA SER B 146 -18.33 11.22 -34.70
C SER B 146 -16.89 11.59 -35.01
N ARG B 147 -15.98 11.09 -34.17
CA ARG B 147 -14.56 11.41 -34.35
C ARG B 147 -13.71 10.34 -33.70
N GLU B 148 -12.42 10.36 -34.06
CA GLU B 148 -11.44 9.46 -33.51
C GLU B 148 -10.77 10.14 -32.32
N VAL B 149 -10.72 9.43 -31.19
CA VAL B 149 -10.09 9.87 -29.95
C VAL B 149 -8.81 9.06 -29.77
N SER B 150 -7.66 9.73 -29.86
CA SER B 150 -6.39 9.06 -29.82
C SER B 150 -6.08 8.53 -28.41
N TYR B 151 -5.07 7.66 -28.34
CA TYR B 151 -4.61 7.19 -27.04
C TYR B 151 -4.08 8.33 -26.18
N GLU B 152 -3.38 9.28 -26.80
CA GLU B 152 -2.91 10.46 -26.05
C GLU B 152 -4.08 11.18 -25.39
N GLU B 153 -5.11 11.54 -26.17
CA GLU B 153 -6.23 12.30 -25.65
C GLU B 153 -6.99 11.51 -24.58
N LEU B 154 -7.23 10.22 -24.83
CA LEU B 154 -7.93 9.42 -23.83
C LEU B 154 -7.11 9.31 -22.54
N MET B 155 -5.79 9.17 -22.64
CA MET B 155 -4.99 9.11 -21.42
C MET B 155 -5.00 10.45 -20.69
N GLN B 156 -4.88 11.56 -21.42
CA GLN B 156 -4.90 12.88 -20.79
C GLN B 156 -6.20 13.10 -20.02
N GLU B 157 -7.34 12.79 -20.65
N GLU B 157 -7.34 12.77 -20.63
CA GLU B 157 -8.63 12.90 -19.98
CA GLU B 157 -8.61 12.95 -19.93
C GLU B 157 -8.71 11.99 -18.75
C GLU B 157 -8.74 11.98 -18.75
N THR B 158 -8.22 10.75 -18.87
CA THR B 158 -8.25 9.84 -17.74
C THR B 158 -7.44 10.37 -16.56
N CYS B 159 -6.27 10.92 -16.84
CA CYS B 159 -5.45 11.44 -15.74
C CYS B 159 -6.11 12.65 -15.09
N ARG B 160 -6.76 13.51 -15.88
CA ARG B 160 -7.40 14.68 -15.30
C ARG B 160 -8.53 14.27 -14.37
N VAL B 161 -9.41 13.38 -14.85
CA VAL B 161 -10.46 12.86 -13.98
C VAL B 161 -9.88 12.21 -12.74
N ALA B 162 -8.83 11.39 -12.91
CA ALA B 162 -8.21 10.75 -11.76
C ALA B 162 -7.73 11.79 -10.77
N ASN B 163 -7.13 12.89 -11.27
CA ASN B 163 -6.68 13.94 -10.37
C ASN B 163 -7.84 14.61 -9.66
N VAL B 164 -8.99 14.74 -10.31
CA VAL B 164 -10.16 15.33 -9.65
C VAL B 164 -10.64 14.40 -8.54
N LEU B 165 -10.75 13.11 -8.83
CA LEU B 165 -11.14 12.13 -7.81
C LEU B 165 -10.21 12.17 -6.61
N LYS B 166 -8.90 12.24 -6.86
CA LYS B 166 -7.95 12.30 -5.74
C LYS B 166 -8.18 13.55 -4.89
N SER B 167 -8.54 14.68 -5.53
CA SER B 167 -8.80 15.91 -4.78
C SER B 167 -10.06 15.81 -3.94
N TYR B 168 -10.96 14.89 -4.28
CA TYR B 168 -12.15 14.63 -3.50
C TYR B 168 -11.88 13.70 -2.32
N GLY B 169 -10.65 13.21 -2.19
CA GLY B 169 -10.36 12.27 -1.12
C GLY B 169 -10.70 10.84 -1.45
N VAL B 170 -10.81 10.50 -2.73
CA VAL B 170 -10.98 9.11 -3.11
C VAL B 170 -9.65 8.38 -2.91
N LYS B 171 -9.68 7.28 -2.15
CA LYS B 171 -8.51 6.48 -1.85
C LYS B 171 -8.62 5.10 -2.50
N LYS B 172 -7.48 4.43 -2.56
CA LYS B 172 -7.43 3.03 -2.97
C LYS B 172 -8.47 2.21 -2.22
N GLY B 173 -9.31 1.48 -2.96
CA GLY B 173 -10.32 0.64 -2.39
C GLY B 173 -11.70 1.27 -2.22
N ASP B 174 -11.85 2.58 -2.43
CA ASP B 174 -13.14 3.26 -2.35
C ASP B 174 -13.98 2.95 -3.58
N ALA B 175 -15.30 2.87 -3.38
CA ALA B 175 -16.23 2.68 -4.49
C ALA B 175 -16.64 4.02 -5.09
N VAL B 176 -16.72 4.08 -6.42
CA VAL B 176 -17.17 5.25 -7.17
C VAL B 176 -18.25 4.80 -8.14
N SER B 177 -19.45 5.39 -8.03
CA SER B 177 -20.54 5.02 -8.93
C SER B 177 -20.45 5.83 -10.21
N ILE B 178 -20.75 5.16 -11.31
CA ILE B 178 -20.71 5.78 -12.62
C ILE B 178 -22.08 5.60 -13.25
N TYR B 179 -22.71 6.72 -13.64
CA TYR B 179 -24.01 6.75 -14.30
C TYR B 179 -23.84 7.57 -15.58
N LEU B 180 -23.26 6.96 -16.60
CA LEU B 180 -22.84 7.65 -17.80
C LEU B 180 -23.39 6.94 -19.04
N PRO B 181 -23.91 7.69 -20.02
CA PRO B 181 -24.31 7.09 -21.31
C PRO B 181 -23.10 6.84 -22.20
N MET B 182 -23.34 6.44 -23.45
CA MET B 182 -22.30 5.93 -24.34
C MET B 182 -21.59 7.05 -25.11
N THR B 183 -21.06 8.01 -24.36
CA THR B 183 -20.07 8.92 -24.90
C THR B 183 -18.67 8.41 -24.52
N TRP B 184 -17.67 8.84 -25.30
CA TRP B 184 -16.36 8.22 -25.13
C TRP B 184 -15.76 8.49 -23.75
N GLN B 185 -16.13 9.58 -23.09
CA GLN B 185 -15.61 9.84 -21.75
C GLN B 185 -15.97 8.76 -20.75
N ALA B 186 -16.94 7.88 -21.04
CA ALA B 186 -17.23 6.80 -20.10
C ALA B 186 -16.00 5.92 -19.89
N ALA B 187 -15.24 5.69 -20.96
CA ALA B 187 -13.98 4.97 -20.83
C ALA B 187 -13.04 5.68 -19.89
N ALA B 188 -12.96 7.02 -20.01
CA ALA B 188 -12.08 7.79 -19.14
C ALA B 188 -12.52 7.69 -17.68
N ALA B 189 -13.83 7.64 -17.41
CA ALA B 189 -14.30 7.48 -16.03
C ALA B 189 -13.96 6.10 -15.48
N PHE B 190 -14.14 5.03 -16.26
CA PHE B 190 -13.73 3.70 -15.79
C PHE B 190 -12.24 3.70 -15.46
N LEU B 191 -11.42 4.10 -16.43
CA LEU B 191 -9.99 3.99 -16.27
C LEU B 191 -9.44 4.99 -15.25
N ALA B 192 -10.14 6.10 -15.01
CA ALA B 192 -9.71 7.01 -13.94
C ALA B 192 -9.85 6.35 -12.58
N CYS B 193 -10.89 5.56 -12.36
CA CYS B 193 -11.03 4.84 -11.10
C CYS B 193 -9.96 3.78 -10.95
N ALA B 194 -9.74 3.00 -12.00
CA ALA B 194 -8.74 1.94 -11.93
C ALA B 194 -7.33 2.50 -11.76
N ARG B 195 -7.06 3.69 -12.32
CA ARG B 195 -5.74 4.29 -12.22
C ARG B 195 -5.38 4.63 -10.77
N ILE B 196 -6.35 5.02 -9.96
CA ILE B 196 -6.10 5.32 -8.56
C ILE B 196 -6.50 4.18 -7.64
N GLY B 197 -6.94 3.05 -8.20
CA GLY B 197 -7.26 1.91 -7.38
C GLY B 197 -8.60 1.97 -6.69
N ALA B 198 -9.47 2.88 -7.14
CA ALA B 198 -10.85 2.91 -6.69
C ALA B 198 -11.66 1.87 -7.44
N ILE B 199 -12.77 1.47 -6.84
CA ILE B 199 -13.64 0.43 -7.38
C ILE B 199 -14.81 1.14 -8.07
N HIS B 200 -14.87 1.05 -9.39
CA HIS B 200 -15.96 1.71 -10.08
C HIS B 200 -17.17 0.77 -10.11
N SER B 201 -18.34 1.38 -10.05
CA SER B 201 -19.62 0.67 -10.10
C SER B 201 -20.51 1.36 -11.14
N ALA B 202 -20.52 0.84 -12.36
CA ALA B 202 -21.27 1.46 -13.45
C ALA B 202 -22.73 1.02 -13.41
N VAL B 203 -23.62 1.96 -13.70
CA VAL B 203 -25.07 1.73 -13.75
C VAL B 203 -25.56 2.20 -15.11
N PHE B 204 -26.30 1.33 -15.82
CA PHE B 204 -26.90 1.65 -17.13
CA PHE B 204 -26.84 1.67 -17.14
C PHE B 204 -27.55 3.02 -17.11
N ALA B 205 -27.13 3.91 -18.00
N ALA B 205 -27.21 3.89 -18.07
CA ALA B 205 -27.75 5.23 -18.10
CA ALA B 205 -27.73 5.25 -18.08
C ALA B 205 -29.17 5.10 -18.62
C ALA B 205 -29.25 5.31 -18.19
N GLY B 206 -30.15 5.52 -17.82
N GLY B 206 -29.91 4.23 -18.58
CA GLY B 206 -31.55 5.32 -18.12
CA GLY B 206 -31.36 4.22 -18.67
C GLY B 206 -32.28 4.45 -17.12
C GLY B 206 -32.03 3.47 -17.56
N PHE B 207 -31.56 3.64 -16.32
CA PHE B 207 -32.14 3.01 -15.16
C PHE B 207 -32.89 4.04 -14.32
N SER B 208 -34.01 3.63 -13.74
CA SER B 208 -34.83 4.55 -12.97
C SER B 208 -34.08 5.07 -11.76
N ALA B 209 -34.61 6.14 -11.17
CA ALA B 209 -34.04 6.68 -9.95
C ALA B 209 -33.99 5.63 -8.84
N GLU B 210 -34.99 4.75 -8.79
CA GLU B 210 -35.00 3.70 -7.76
C GLU B 210 -33.87 2.72 -7.96
N SER B 211 -33.69 2.22 -9.19
CA SER B 211 -32.62 1.26 -9.46
C SER B 211 -31.25 1.89 -9.25
N LEU B 212 -31.08 3.15 -9.64
CA LEU B 212 -29.82 3.85 -9.41
C LEU B 212 -29.54 3.99 -7.92
N ARG B 213 -30.55 4.45 -7.17
CA ARG B 213 -30.39 4.60 -5.72
C ARG B 213 -29.95 3.29 -5.07
N ASP B 214 -30.57 2.17 -5.44
CA ASP B 214 -30.25 0.91 -4.77
C ASP B 214 -28.79 0.52 -5.01
N ARG B 215 -28.26 0.83 -6.18
CA ARG B 215 -26.89 0.44 -6.49
C ARG B 215 -25.89 1.40 -5.87
N VAL B 216 -26.22 2.69 -5.82
CA VAL B 216 -25.39 3.68 -5.16
C VAL B 216 -25.28 3.37 -3.67
N ASN B 217 -26.39 2.97 -3.05
CA ASN B 217 -26.37 2.70 -1.62
C ASN B 217 -25.63 1.41 -1.30
N ASP B 218 -25.81 0.36 -2.12
CA ASP B 218 -25.24 -0.92 -1.77
C ASP B 218 -23.71 -0.89 -1.83
N CYS B 219 -23.15 -0.16 -2.80
CA CYS B 219 -21.71 -0.08 -2.91
C CYS B 219 -21.10 0.97 -1.98
N GLU B 220 -21.94 1.78 -1.34
CA GLU B 220 -21.53 2.74 -0.32
C GLU B 220 -20.58 3.82 -0.87
N CYS B 221 -20.66 4.12 -2.17
CA CYS B 221 -19.80 5.15 -2.74
C CYS B 221 -20.10 6.53 -2.13
N LYS B 222 -19.08 7.37 -2.15
CA LYS B 222 -19.20 8.78 -1.79
C LYS B 222 -19.11 9.71 -2.99
N VAL B 223 -18.77 9.21 -4.17
CA VAL B 223 -18.60 10.04 -5.35
C VAL B 223 -19.36 9.38 -6.50
N LEU B 224 -20.04 10.20 -7.29
CA LEU B 224 -20.80 9.73 -8.44
C LEU B 224 -20.40 10.56 -9.64
N ILE B 225 -20.19 9.88 -10.78
CA ILE B 225 -19.85 10.53 -12.05
C ILE B 225 -21.04 10.33 -12.99
N THR B 226 -21.50 11.42 -13.61
CA THR B 226 -22.70 11.35 -14.44
C THR B 226 -22.62 12.45 -15.50
N THR B 227 -23.68 12.56 -16.32
CA THR B 227 -23.82 13.59 -17.34
C THR B 227 -25.01 14.48 -17.01
N ASP B 228 -25.00 15.68 -17.59
CA ASP B 228 -26.22 16.49 -17.57
C ASP B 228 -27.36 15.73 -18.23
N GLU B 229 -27.14 15.20 -19.42
CA GLU B 229 -28.12 14.44 -20.17
C GLU B 229 -27.38 13.42 -21.03
N GLY B 230 -28.10 12.37 -21.44
CA GLY B 230 -27.65 11.51 -22.51
C GLY B 230 -28.47 11.68 -23.77
N ARG B 231 -27.96 11.24 -24.92
N ARG B 231 -27.95 11.19 -24.89
CA ARG B 231 -28.76 11.25 -26.14
CA ARG B 231 -28.61 11.24 -26.19
C ARG B 231 -28.57 9.96 -26.90
C ARG B 231 -28.52 9.86 -26.82
N ARG B 232 -29.67 9.24 -27.10
CA ARG B 232 -29.67 7.91 -27.69
C ARG B 232 -30.88 7.79 -28.61
N GLY B 233 -30.64 7.46 -29.88
CA GLY B 233 -31.75 7.33 -30.80
C GLY B 233 -32.47 8.62 -31.10
N GLY B 234 -31.80 9.75 -30.92
CA GLY B 234 -32.50 11.01 -31.09
C GLY B 234 -33.36 11.41 -29.92
N LYS B 235 -33.25 10.73 -28.79
CA LYS B 235 -34.03 11.08 -27.60
C LYS B 235 -33.09 11.52 -26.48
N THR B 236 -33.65 12.25 -25.52
CA THR B 236 -32.88 12.76 -24.39
C THR B 236 -33.11 11.88 -23.17
N ILE B 237 -32.02 11.39 -22.59
CA ILE B 237 -32.04 10.73 -21.29
C ILE B 237 -31.70 11.78 -20.25
N ALA B 238 -32.65 12.09 -19.37
CA ALA B 238 -32.46 13.13 -18.35
C ALA B 238 -31.68 12.56 -17.16
N THR B 239 -30.40 12.25 -17.40
CA THR B 239 -29.58 11.61 -16.38
C THR B 239 -29.50 12.44 -15.11
N LYS B 240 -29.27 13.76 -15.24
CA LYS B 240 -29.08 14.58 -14.06
C LYS B 240 -30.36 14.69 -13.22
N GLN B 241 -31.51 14.78 -13.89
CA GLN B 241 -32.78 14.82 -13.17
C GLN B 241 -32.99 13.52 -12.39
N ILE B 242 -32.67 12.40 -13.02
CA ILE B 242 -32.79 11.11 -12.36
C ILE B 242 -31.81 11.00 -11.19
N VAL B 243 -30.57 11.44 -11.40
CA VAL B 243 -29.56 11.42 -10.33
C VAL B 243 -30.06 12.20 -9.12
N ASP B 244 -30.64 13.38 -9.35
CA ASP B 244 -31.11 14.23 -8.26
C ASP B 244 -32.21 13.56 -7.45
N ALA B 245 -33.16 12.89 -8.12
CA ALA B 245 -34.20 12.15 -7.40
C ALA B 245 -33.60 10.97 -6.63
N ALA B 246 -32.64 10.27 -7.23
CA ALA B 246 -32.04 9.14 -6.53
C ALA B 246 -31.27 9.61 -5.30
N LEU B 247 -30.45 10.66 -5.46
CA LEU B 247 -29.53 11.09 -4.41
C LEU B 247 -30.24 11.62 -3.18
N GLN B 248 -31.52 11.98 -3.30
CA GLN B 248 -32.29 12.32 -2.12
C GLN B 248 -32.42 11.15 -1.16
N GLN B 249 -32.09 9.93 -1.59
CA GLN B 249 -32.14 8.75 -0.74
C GLN B 249 -30.79 8.05 -0.63
N CYS B 250 -29.69 8.74 -0.98
CA CYS B 250 -28.34 8.17 -0.89
C CYS B 250 -27.52 9.08 0.02
N PRO B 251 -27.63 8.91 1.33
CA PRO B 251 -27.01 9.87 2.26
C PRO B 251 -25.49 9.90 2.21
N LEU B 252 -24.83 8.88 1.65
CA LEU B 252 -23.37 8.88 1.67
C LEU B 252 -22.73 9.69 0.55
N VAL B 253 -23.46 10.00 -0.53
CA VAL B 253 -22.81 10.65 -1.66
C VAL B 253 -22.53 12.11 -1.32
N GLU B 254 -21.29 12.54 -1.48
CA GLU B 254 -20.89 13.91 -1.16
C GLU B 254 -20.46 14.70 -2.37
N ASN B 255 -19.95 14.04 -3.41
CA ASN B 255 -19.42 14.73 -4.57
C ASN B 255 -20.00 14.10 -5.83
N VAL B 256 -20.48 14.93 -6.74
CA VAL B 256 -21.01 14.50 -8.03
C VAL B 256 -20.26 15.25 -9.13
N LEU B 257 -19.64 14.51 -10.04
CA LEU B 257 -18.94 15.08 -11.18
C LEU B 257 -19.81 14.95 -12.42
N VAL B 258 -20.12 16.08 -13.08
CA VAL B 258 -21.17 16.14 -14.09
C VAL B 258 -20.56 16.49 -15.44
N LEU B 259 -20.64 15.56 -16.39
CA LEU B 259 -20.12 15.78 -17.73
C LEU B 259 -21.12 16.57 -18.56
N ARG B 260 -20.65 17.63 -19.22
CA ARG B 260 -21.49 18.52 -20.01
C ARG B 260 -21.72 17.90 -21.39
N ARG B 261 -22.63 16.94 -21.46
CA ARG B 261 -22.79 16.23 -22.73
C ARG B 261 -23.61 17.06 -23.72
N THR B 262 -24.74 17.59 -23.29
CA THR B 262 -25.62 18.33 -24.19
C THR B 262 -25.57 19.83 -23.99
N GLY B 263 -25.32 20.31 -22.78
CA GLY B 263 -25.31 21.74 -22.53
C GLY B 263 -26.66 22.34 -22.19
N ASN B 264 -27.73 21.55 -22.21
CA ASN B 264 -29.03 22.06 -21.78
C ASN B 264 -29.05 22.30 -20.28
N LYS B 265 -29.89 23.26 -19.87
CA LYS B 265 -30.00 23.61 -18.46
C LYS B 265 -30.42 22.38 -17.64
N VAL B 266 -29.62 22.06 -16.63
CA VAL B 266 -29.95 21.02 -15.66
C VAL B 266 -29.68 21.61 -14.28
N PRO B 267 -30.34 21.14 -13.23
CA PRO B 267 -30.06 21.67 -11.89
C PRO B 267 -28.70 21.19 -11.41
N MET B 268 -28.03 22.06 -10.67
CA MET B 268 -26.73 21.78 -10.06
C MET B 268 -26.80 22.23 -8.61
N THR B 269 -26.51 21.30 -7.70
CA THR B 269 -26.53 21.57 -6.26
C THR B 269 -25.17 22.10 -5.83
N GLU B 270 -25.18 23.26 -5.17
CA GLU B 270 -23.95 23.93 -4.80
C GLU B 270 -23.13 23.07 -3.84
N GLY B 271 -21.82 23.09 -4.01
CA GLY B 271 -20.94 22.26 -3.21
C GLY B 271 -20.89 20.83 -3.69
N ARG B 272 -22.05 20.16 -3.70
CA ARG B 272 -22.10 18.75 -4.05
C ARG B 272 -21.73 18.51 -5.51
N ASP B 273 -22.29 19.31 -6.43
CA ASP B 273 -22.20 19.06 -7.86
C ASP B 273 -21.17 19.98 -8.52
N LYS B 274 -20.31 19.41 -9.35
CA LYS B 274 -19.27 20.16 -10.04
C LYS B 274 -19.24 19.72 -11.50
N TRP B 275 -18.90 20.65 -12.39
CA TRP B 275 -18.79 20.33 -13.80
C TRP B 275 -17.46 19.64 -14.10
N TRP B 276 -17.53 18.53 -14.83
CA TRP B 276 -16.36 17.78 -15.30
C TRP B 276 -15.29 18.68 -15.93
N ASP B 277 -15.70 19.56 -16.85
CA ASP B 277 -14.70 20.34 -17.57
C ASP B 277 -14.08 21.41 -16.69
N GLU B 278 -14.86 21.99 -15.78
CA GLU B 278 -14.28 22.99 -14.89
C GLU B 278 -13.36 22.33 -13.88
N GLU B 279 -13.71 21.14 -13.40
CA GLU B 279 -12.84 20.45 -12.45
C GLU B 279 -11.55 19.97 -13.12
N CYS B 280 -11.68 19.35 -14.29
CA CYS B 280 -10.50 18.85 -15.00
C CYS B 280 -9.57 19.98 -15.45
N ALA B 281 -10.12 21.16 -15.76
CA ALA B 281 -9.26 22.26 -16.17
C ALA B 281 -8.27 22.67 -15.08
N LYS B 282 -8.56 22.36 -13.83
CA LYS B 282 -7.64 22.71 -12.75
C LYS B 282 -6.51 21.70 -12.57
N MET B 283 -6.61 20.53 -13.19
CA MET B 283 -5.73 19.42 -12.86
C MET B 283 -4.66 19.20 -13.93
N PRO B 284 -3.53 18.61 -13.57
CA PRO B 284 -2.52 18.25 -14.58
C PRO B 284 -3.04 17.13 -15.49
N ALA B 285 -2.45 17.04 -16.68
CA ALA B 285 -2.88 16.03 -17.65
C ALA B 285 -2.15 14.71 -17.48
N TYR B 286 -1.28 14.58 -16.48
CA TYR B 286 -0.75 13.30 -16.05
C TYR B 286 -1.01 13.12 -14.56
N CYS B 287 -1.04 11.84 -14.15
CA CYS B 287 -1.30 11.34 -12.81
C CYS B 287 -0.61 10.00 -12.66
N PRO B 288 0.07 9.76 -11.55
CA PRO B 288 0.71 8.46 -11.34
C PRO B 288 -0.33 7.35 -11.21
N CYS B 289 0.13 6.12 -11.47
CA CYS B 289 -0.72 4.93 -11.36
C CYS B 289 -0.58 4.31 -9.97
N GLU B 290 -1.70 3.95 -9.37
CA GLU B 290 -1.64 3.24 -8.10
C GLU B 290 -1.23 1.80 -8.35
N ARG B 291 -0.24 1.31 -7.61
CA ARG B 291 0.28 -0.04 -7.83
C ARG B 291 -0.63 -1.03 -7.10
N MET B 292 -1.35 -1.84 -7.86
CA MET B 292 -2.43 -2.66 -7.34
C MET B 292 -1.97 -4.11 -7.25
N ALA B 293 -2.36 -4.78 -6.16
CA ALA B 293 -2.18 -6.23 -6.12
C ALA B 293 -3.08 -6.89 -7.15
N SER B 294 -2.66 -8.05 -7.64
CA SER B 294 -3.46 -8.77 -8.62
CA SER B 294 -3.46 -8.78 -8.62
C SER B 294 -4.90 -8.96 -8.15
N GLU B 295 -5.10 -9.26 -6.86
CA GLU B 295 -6.42 -9.56 -6.29
C GLU B 295 -7.13 -8.35 -5.70
N ASP B 296 -6.60 -7.16 -5.88
CA ASP B 296 -7.37 -5.98 -5.52
C ASP B 296 -8.62 -5.90 -6.37
N PRO B 297 -9.75 -5.51 -5.80
CA PRO B 297 -10.98 -5.39 -6.60
C PRO B 297 -10.82 -4.35 -7.70
N LEU B 298 -11.20 -4.72 -8.92
CA LEU B 298 -11.24 -3.75 -10.01
C LEU B 298 -12.60 -3.06 -10.14
N PHE B 299 -13.71 -3.80 -10.06
CA PHE B 299 -15.00 -3.13 -10.15
C PHE B 299 -16.08 -4.02 -9.56
N ILE B 300 -17.20 -3.36 -9.25
CA ILE B 300 -18.48 -3.99 -8.92
C ILE B 300 -19.43 -3.72 -10.09
N LEU B 301 -20.14 -4.76 -10.53
CA LEU B 301 -21.15 -4.61 -11.56
C LEU B 301 -22.42 -5.32 -11.11
N TYR B 302 -23.48 -4.56 -10.91
CA TYR B 302 -24.74 -5.11 -10.46
C TYR B 302 -25.48 -5.76 -11.62
N THR B 303 -26.11 -6.90 -11.33
CA THR B 303 -27.03 -7.54 -12.26
C THR B 303 -28.46 -7.42 -11.73
N SER B 304 -29.42 -7.41 -12.64
CA SER B 304 -30.83 -7.31 -12.24
C SER B 304 -31.43 -8.68 -11.90
N GLY B 308 -33.54 -11.33 -7.29
CA GLY B 308 -33.87 -10.80 -5.97
C GLY B 308 -33.30 -9.42 -5.71
N LYS B 309 -32.44 -9.30 -4.71
CA LYS B 309 -31.78 -8.04 -4.39
C LYS B 309 -30.79 -7.67 -5.49
N PRO B 310 -30.31 -6.42 -5.51
CA PRO B 310 -29.26 -6.06 -6.48
C PRO B 310 -27.95 -6.77 -6.12
N LYS B 311 -27.41 -7.52 -7.08
CA LYS B 311 -26.26 -8.40 -6.86
C LYS B 311 -24.99 -7.77 -7.43
N GLY B 312 -24.10 -7.35 -6.54
CA GLY B 312 -22.88 -6.69 -6.98
C GLY B 312 -21.74 -7.64 -7.28
N VAL B 313 -21.62 -8.05 -8.55
CA VAL B 313 -20.57 -8.97 -8.95
C VAL B 313 -19.22 -8.26 -8.92
N VAL B 314 -18.26 -8.82 -8.17
CA VAL B 314 -16.93 -8.24 -7.98
C VAL B 314 -15.89 -8.99 -8.81
N HIS B 315 -15.11 -8.25 -9.59
CA HIS B 315 -13.96 -8.81 -10.30
C HIS B 315 -12.68 -8.20 -9.76
N SER B 316 -11.61 -9.02 -9.68
CA SER B 316 -10.33 -8.49 -9.26
C SER B 316 -9.62 -7.95 -10.49
N THR B 317 -8.29 -7.73 -10.41
CA THR B 317 -7.60 -6.94 -11.42
C THR B 317 -6.85 -7.78 -12.46
N ALA B 318 -5.93 -8.65 -12.03
CA ALA B 318 -5.03 -9.24 -13.02
C ALA B 318 -5.71 -10.35 -13.81
N GLY B 319 -6.35 -11.29 -13.11
CA GLY B 319 -7.02 -12.39 -13.80
C GLY B 319 -8.11 -11.90 -14.76
N TYR B 320 -8.91 -10.92 -14.32
CA TYR B 320 -9.91 -10.31 -15.19
C TYR B 320 -9.27 -9.65 -16.41
N LEU B 321 -8.23 -8.83 -16.19
CA LEU B 321 -7.58 -8.16 -17.29
C LEU B 321 -6.96 -9.15 -18.27
N LEU B 322 -6.34 -10.22 -17.74
CA LEU B 322 -5.76 -11.24 -18.59
C LEU B 322 -6.82 -11.95 -19.41
N GLY B 323 -7.95 -12.30 -18.78
CA GLY B 323 -9.01 -12.98 -19.49
C GLY B 323 -9.66 -12.16 -20.58
N THR B 324 -9.92 -10.86 -20.33
CA THR B 324 -10.49 -10.04 -21.40
C THR B 324 -9.49 -9.88 -22.54
N ALA B 325 -8.21 -9.74 -22.23
CA ALA B 325 -7.23 -9.53 -23.28
C ALA B 325 -7.06 -10.78 -24.14
N LEU B 326 -6.94 -11.95 -23.50
CA LEU B 326 -6.76 -13.19 -24.27
C LEU B 326 -8.00 -13.53 -25.09
N THR B 327 -9.20 -13.40 -24.51
CA THR B 327 -10.42 -13.72 -25.24
C THR B 327 -10.59 -12.81 -26.45
N LEU B 328 -10.39 -11.50 -26.28
CA LEU B 328 -10.46 -10.60 -27.42
C LEU B 328 -9.47 -10.99 -28.50
N LYS B 329 -8.24 -11.34 -28.13
N LYS B 329 -8.25 -11.38 -28.12
CA LYS B 329 -7.22 -11.66 -29.14
CA LYS B 329 -7.21 -11.66 -29.11
C LYS B 329 -7.55 -12.93 -29.89
C LYS B 329 -7.49 -12.95 -29.87
N TYR B 330 -8.03 -13.96 -29.18
CA TYR B 330 -8.24 -15.27 -29.80
C TYR B 330 -9.64 -15.47 -30.36
N VAL B 331 -10.68 -15.05 -29.63
CA VAL B 331 -12.04 -15.29 -30.13
C VAL B 331 -12.34 -14.38 -31.31
N PHE B 332 -11.78 -13.18 -31.35
CA PHE B 332 -12.00 -12.29 -32.46
C PHE B 332 -10.81 -12.16 -33.40
N ASP B 333 -9.74 -12.92 -33.14
CA ASP B 333 -8.50 -12.83 -33.92
C ASP B 333 -8.04 -11.39 -34.11
N ALA B 334 -7.90 -10.67 -33.01
CA ALA B 334 -7.49 -9.27 -33.08
C ALA B 334 -6.01 -9.13 -33.42
N HIS B 335 -5.71 -8.17 -34.28
CA HIS B 335 -4.37 -7.85 -34.73
C HIS B 335 -4.14 -6.36 -34.53
N PRO B 336 -2.88 -5.90 -34.57
CA PRO B 336 -2.58 -4.57 -34.01
C PRO B 336 -3.33 -3.42 -34.68
N ASP B 337 -3.64 -3.50 -35.97
CA ASP B 337 -4.33 -2.41 -36.64
C ASP B 337 -5.84 -2.60 -36.68
N ASP B 338 -6.39 -3.59 -35.99
CA ASP B 338 -7.81 -3.86 -36.10
C ASP B 338 -8.66 -2.75 -35.47
N ARG B 339 -9.88 -2.61 -35.98
N ARG B 339 -9.89 -2.65 -35.95
CA ARG B 339 -10.85 -1.66 -35.45
CA ARG B 339 -10.84 -1.66 -35.47
C ARG B 339 -12.05 -2.46 -34.98
C ARG B 339 -12.09 -2.42 -34.98
N PHE B 340 -12.13 -2.69 -33.68
CA PHE B 340 -13.12 -3.57 -33.09
C PHE B 340 -14.39 -2.79 -32.75
N ALA B 341 -15.53 -3.27 -33.23
CA ALA B 341 -16.82 -2.58 -33.07
C ALA B 341 -17.76 -3.45 -32.24
N CYS B 342 -17.68 -3.32 -30.92
CA CYS B 342 -18.68 -3.90 -30.04
C CYS B 342 -19.75 -2.84 -29.78
N MET B 343 -20.99 -3.15 -30.17
CA MET B 343 -22.07 -2.17 -30.16
C MET B 343 -22.93 -2.26 -28.90
N ALA B 344 -22.39 -2.80 -27.80
CA ALA B 344 -23.13 -2.92 -26.56
C ALA B 344 -22.99 -1.62 -25.75
N ASP B 345 -23.52 -1.61 -24.53
CA ASP B 345 -23.42 -0.49 -23.61
C ASP B 345 -22.42 -0.78 -22.49
N ILE B 346 -21.67 0.25 -22.07
CA ILE B 346 -20.70 0.04 -20.98
C ILE B 346 -21.38 -0.30 -19.67
N GLY B 347 -22.67 -0.05 -19.53
CA GLY B 347 -23.36 -0.47 -18.34
C GLY B 347 -23.52 -1.97 -18.19
N TRP B 348 -23.12 -2.74 -19.21
N TRP B 348 -23.16 -2.76 -19.19
CA TRP B 348 -23.21 -4.20 -19.31
CA TRP B 348 -23.25 -4.21 -19.07
C TRP B 348 -21.81 -4.79 -19.18
C TRP B 348 -21.86 -4.82 -19.22
N ILE B 349 -21.74 -6.07 -18.80
CA ILE B 349 -20.42 -6.70 -18.72
C ILE B 349 -19.78 -6.76 -20.10
N THR B 350 -20.60 -6.95 -21.15
CA THR B 350 -20.08 -6.96 -22.51
C THR B 350 -19.31 -5.68 -22.81
N GLY B 351 -19.83 -4.54 -22.36
CA GLY B 351 -19.12 -3.29 -22.54
C GLY B 351 -17.87 -3.18 -21.68
N HIS B 352 -17.96 -3.62 -20.42
CA HIS B 352 -16.75 -3.70 -19.58
C HIS B 352 -15.65 -4.44 -20.32
N SER B 353 -15.95 -5.64 -20.80
CA SER B 353 -14.91 -6.57 -21.23
C SER B 353 -14.50 -6.37 -22.68
N TYR B 354 -15.44 -6.03 -23.56
CA TYR B 354 -15.17 -6.02 -24.98
C TYR B 354 -15.44 -4.67 -25.65
N ILE B 355 -15.70 -3.62 -24.87
CA ILE B 355 -15.53 -2.25 -25.35
C ILE B 355 -14.30 -1.60 -24.71
N ILE B 356 -14.22 -1.64 -23.38
CA ILE B 356 -13.13 -0.94 -22.69
C ILE B 356 -11.92 -1.84 -22.45
N TYR B 357 -12.03 -2.82 -21.54
CA TYR B 357 -10.81 -3.42 -20.97
C TYR B 357 -10.09 -4.30 -21.97
N GLY B 358 -10.81 -5.23 -22.60
CA GLY B 358 -10.21 -6.12 -23.57
C GLY B 358 -9.53 -5.39 -24.71
N PRO B 359 -10.28 -4.58 -25.46
CA PRO B 359 -9.67 -3.94 -26.64
C PRO B 359 -8.54 -2.98 -26.30
N LEU B 360 -8.69 -2.18 -25.25
CA LEU B 360 -7.62 -1.24 -24.94
C LEU B 360 -6.40 -1.95 -24.35
N ALA B 361 -6.60 -3.04 -23.61
CA ALA B 361 -5.43 -3.78 -23.12
C ALA B 361 -4.57 -4.27 -24.27
N ASN B 362 -5.20 -4.73 -25.36
CA ASN B 362 -4.47 -5.14 -26.56
C ASN B 362 -3.96 -3.96 -27.38
N GLY B 363 -4.26 -2.72 -27.00
CA GLY B 363 -3.73 -1.57 -27.71
C GLY B 363 -4.31 -1.33 -29.09
N ILE B 364 -5.49 -1.87 -29.38
CA ILE B 364 -6.10 -1.65 -30.70
C ILE B 364 -7.10 -0.52 -30.61
N THR B 365 -7.94 -0.39 -31.63
CA THR B 365 -8.97 0.64 -31.69
C THR B 365 -10.31 0.01 -31.35
N THR B 366 -11.06 0.67 -30.48
CA THR B 366 -12.35 0.18 -30.01
C THR B 366 -13.41 1.24 -30.26
N ALA B 367 -14.63 0.80 -30.56
CA ALA B 367 -15.74 1.68 -30.86
C ALA B 367 -16.63 1.90 -29.64
N VAL B 368 -17.03 3.15 -29.43
CA VAL B 368 -18.04 3.50 -28.45
C VAL B 368 -19.23 4.05 -29.24
N PHE B 369 -20.29 3.27 -29.34
CA PHE B 369 -21.44 3.58 -30.18
C PHE B 369 -22.53 4.20 -29.33
N GLU B 370 -22.83 5.48 -29.57
CA GLU B 370 -23.78 6.20 -28.72
C GLU B 370 -25.24 5.98 -29.11
N SER B 371 -25.51 5.40 -30.28
CA SER B 371 -26.85 5.46 -30.84
C SER B 371 -27.56 4.11 -30.69
N THR B 372 -28.60 3.89 -31.48
CA THR B 372 -29.33 2.64 -31.55
C THR B 372 -29.12 1.99 -32.91
N PRO B 373 -29.46 0.70 -33.05
CA PRO B 373 -29.30 0.06 -34.36
C PRO B 373 -30.16 0.66 -35.46
N VAL B 374 -31.22 1.42 -35.12
CA VAL B 374 -32.16 1.87 -36.13
C VAL B 374 -32.28 3.39 -36.18
N TYR B 375 -31.27 4.12 -35.70
CA TYR B 375 -31.29 5.57 -35.76
C TYR B 375 -30.07 6.07 -36.53
N PRO B 376 -30.23 6.92 -37.56
CA PRO B 376 -31.50 7.49 -38.03
C PRO B 376 -32.40 6.46 -38.71
N THR B 377 -31.79 5.42 -39.30
CA THR B 377 -32.51 4.37 -40.01
C THR B 377 -31.91 3.02 -39.62
N PRO B 378 -32.57 1.90 -39.98
CA PRO B 378 -31.97 0.59 -39.68
C PRO B 378 -30.69 0.31 -40.47
N SER B 379 -30.18 1.30 -41.21
CA SER B 379 -28.91 1.13 -41.90
C SER B 379 -27.72 1.57 -41.07
N ARG B 380 -27.93 1.95 -39.80
CA ARG B 380 -26.88 2.63 -39.03
C ARG B 380 -25.65 1.75 -38.83
N TYR B 381 -25.84 0.47 -38.46
CA TYR B 381 -24.69 -0.40 -38.22
C TYR B 381 -23.79 -0.44 -39.45
N TRP B 382 -24.38 -0.65 -40.61
CA TRP B 382 -23.57 -0.86 -41.81
C TRP B 382 -23.00 0.44 -42.36
N ASP B 383 -23.72 1.57 -42.23
CA ASP B 383 -23.10 2.88 -42.46
C ASP B 383 -21.89 3.06 -41.58
N PHE B 384 -22.00 2.67 -40.31
CA PHE B 384 -20.86 2.76 -39.39
C PHE B 384 -19.71 1.90 -39.87
N VAL B 385 -19.99 0.64 -40.22
CA VAL B 385 -18.94 -0.29 -40.62
C VAL B 385 -18.14 0.25 -41.80
N ASP B 386 -18.84 0.76 -42.82
CA ASP B 386 -18.14 1.22 -44.03
C ASP B 386 -17.45 2.55 -43.82
N LYS B 387 -18.02 3.43 -42.99
CA LYS B 387 -17.35 4.70 -42.72
C LYS B 387 -16.02 4.49 -42.00
N TRP B 388 -15.95 3.55 -41.06
CA TRP B 388 -14.75 3.36 -40.25
C TRP B 388 -13.94 2.13 -40.64
N LYS B 389 -14.41 1.32 -41.58
CA LYS B 389 -13.76 0.08 -41.97
C LYS B 389 -13.59 -0.86 -40.77
N ALA B 390 -14.67 -1.02 -40.00
CA ALA B 390 -14.64 -1.91 -38.84
C ALA B 390 -14.21 -3.32 -39.24
N THR B 391 -13.26 -3.88 -38.50
CA THR B 391 -12.74 -5.20 -38.83
C THR B 391 -13.48 -6.33 -38.13
N GLN B 392 -14.13 -6.05 -37.00
CA GLN B 392 -14.98 -7.01 -36.31
C GLN B 392 -16.20 -6.28 -35.80
N LEU B 393 -17.32 -6.99 -35.75
CA LEU B 393 -18.56 -6.47 -35.19
C LEU B 393 -19.08 -7.44 -34.15
N TYR B 394 -19.54 -6.91 -33.01
CA TYR B 394 -19.96 -7.71 -31.86
C TYR B 394 -21.29 -7.14 -31.35
N THR B 395 -22.35 -7.93 -31.42
CA THR B 395 -23.66 -7.46 -31.00
C THR B 395 -24.46 -8.63 -30.44
N ALA B 396 -25.77 -8.43 -30.27
CA ALA B 396 -26.63 -9.36 -29.56
C ALA B 396 -27.76 -9.86 -30.46
N PRO B 397 -28.23 -11.10 -30.23
CA PRO B 397 -29.30 -11.62 -31.09
C PRO B 397 -30.52 -10.74 -31.17
N THR B 398 -30.83 -9.97 -30.12
CA THR B 398 -31.99 -9.09 -30.20
CA THR B 398 -31.99 -9.08 -30.19
C THR B 398 -31.77 -7.98 -31.23
N ALA B 399 -30.55 -7.46 -31.30
CA ALA B 399 -30.23 -6.45 -32.31
C ALA B 399 -30.25 -7.05 -33.71
N ILE B 400 -29.78 -8.28 -33.85
CA ILE B 400 -29.78 -8.93 -35.17
C ILE B 400 -31.21 -9.19 -35.63
N ARG B 401 -32.05 -9.76 -34.74
CA ARG B 401 -33.45 -10.00 -35.08
C ARG B 401 -34.19 -8.71 -35.40
N LEU B 402 -33.85 -7.61 -34.72
CA LEU B 402 -34.51 -6.33 -34.98
C LEU B 402 -34.20 -5.82 -36.38
N LEU B 403 -32.92 -5.83 -36.77
CA LEU B 403 -32.54 -5.41 -38.11
C LEU B 403 -33.11 -6.36 -39.16
N ARG B 404 -33.09 -7.67 -38.87
CA ARG B 404 -33.72 -8.63 -39.78
C ARG B 404 -35.19 -8.30 -39.99
N ARG B 405 -35.86 -7.80 -38.95
CA ARG B 405 -37.25 -7.44 -39.07
C ARG B 405 -37.47 -6.29 -40.06
N MET B 406 -36.51 -5.36 -40.14
CA MET B 406 -36.68 -4.17 -40.97
C MET B 406 -36.36 -4.40 -42.43
N GLY B 407 -35.87 -5.58 -42.81
CA GLY B 407 -35.70 -5.91 -44.21
C GLY B 407 -34.27 -5.70 -44.68
N GLU B 408 -34.02 -6.17 -45.90
CA GLU B 408 -32.67 -6.26 -46.42
C GLU B 408 -32.18 -5.00 -47.12
N ASP B 409 -33.09 -4.12 -47.56
CA ASP B 409 -32.68 -2.90 -48.27
C ASP B 409 -31.65 -2.11 -47.48
N HIS B 410 -31.77 -2.09 -46.16
CA HIS B 410 -30.86 -1.31 -45.33
C HIS B 410 -29.45 -1.89 -45.26
N VAL B 411 -29.18 -3.07 -45.81
CA VAL B 411 -27.90 -3.73 -45.58
C VAL B 411 -27.29 -4.27 -46.86
N LYS B 412 -28.13 -4.57 -47.85
CA LYS B 412 -27.68 -5.33 -49.02
C LYS B 412 -26.79 -4.51 -49.95
N ASN B 413 -26.88 -3.18 -49.91
CA ASN B 413 -26.11 -2.32 -50.80
C ASN B 413 -25.01 -1.57 -50.05
N HIS B 414 -24.37 -2.24 -49.10
CA HIS B 414 -23.19 -1.75 -48.43
C HIS B 414 -22.00 -2.59 -48.85
N ASP B 415 -20.79 -2.08 -48.57
CA ASP B 415 -19.58 -2.86 -48.81
C ASP B 415 -19.42 -3.92 -47.72
N LEU B 416 -19.04 -3.49 -46.52
CA LEU B 416 -18.88 -4.31 -45.32
C LEU B 416 -17.69 -5.26 -45.40
N SER B 417 -16.91 -5.26 -46.49
CA SER B 417 -15.83 -6.22 -46.64
C SER B 417 -14.66 -5.97 -45.70
N SER B 418 -14.64 -4.86 -44.95
CA SER B 418 -13.59 -4.71 -43.94
C SER B 418 -13.77 -5.69 -42.79
N LEU B 419 -14.97 -6.27 -42.66
CA LEU B 419 -15.30 -7.19 -41.60
C LEU B 419 -14.74 -8.59 -41.85
N ARG B 420 -14.21 -9.20 -40.79
CA ARG B 420 -13.73 -10.58 -40.84
CA ARG B 420 -13.70 -10.58 -40.80
C ARG B 420 -14.46 -11.49 -39.86
N VAL B 421 -14.86 -10.99 -38.69
CA VAL B 421 -15.51 -11.78 -37.65
C VAL B 421 -16.75 -11.04 -37.17
N LEU B 422 -17.85 -11.77 -37.02
CA LEU B 422 -19.10 -11.24 -36.47
C LEU B 422 -19.44 -12.02 -35.22
N GLY B 423 -19.82 -11.32 -34.16
CA GLY B 423 -20.05 -11.92 -32.87
C GLY B 423 -21.47 -11.69 -32.39
N SER B 424 -22.00 -12.67 -31.66
CA SER B 424 -23.32 -12.61 -31.07
C SER B 424 -23.20 -13.01 -29.61
N VAL B 425 -23.84 -12.26 -28.73
CA VAL B 425 -23.69 -12.47 -27.29
C VAL B 425 -25.00 -12.13 -26.57
N GLY B 426 -25.32 -12.92 -25.55
CA GLY B 426 -26.34 -12.54 -24.59
C GLY B 426 -27.50 -13.50 -24.51
N GLU B 427 -27.68 -14.31 -25.55
CA GLU B 427 -28.82 -15.21 -25.63
CA GLU B 427 -28.87 -15.15 -25.71
C GLU B 427 -28.53 -16.24 -26.71
N PRO B 428 -29.28 -17.34 -26.74
CA PRO B 428 -29.15 -18.25 -27.89
C PRO B 428 -29.57 -17.53 -29.16
N ILE B 429 -28.79 -17.68 -30.22
CA ILE B 429 -29.14 -17.10 -31.51
C ILE B 429 -29.85 -18.18 -32.34
N ASN B 430 -31.09 -17.90 -32.72
CA ASN B 430 -31.81 -18.83 -33.56
C ASN B 430 -31.07 -19.00 -34.88
N PRO B 431 -30.94 -20.24 -35.38
CA PRO B 431 -30.31 -20.45 -36.70
C PRO B 431 -30.83 -19.54 -37.80
N GLU B 432 -32.13 -19.22 -37.82
CA GLU B 432 -32.66 -18.31 -38.83
C GLU B 432 -32.01 -16.93 -38.75
N ALA B 433 -31.81 -16.40 -37.54
CA ALA B 433 -31.10 -15.15 -37.37
C ALA B 433 -29.61 -15.30 -37.66
N TRP B 434 -29.01 -16.40 -37.21
CA TRP B 434 -27.62 -16.71 -37.53
C TRP B 434 -27.38 -16.62 -39.04
N HIS B 435 -28.24 -17.29 -39.83
CA HIS B 435 -28.07 -17.26 -41.28
C HIS B 435 -28.27 -15.86 -41.83
N TRP B 436 -29.14 -15.06 -41.22
CA TRP B 436 -29.28 -13.68 -41.67
C TRP B 436 -28.02 -12.88 -41.41
N TYR B 437 -27.51 -12.95 -40.17
CA TYR B 437 -26.19 -12.39 -39.84
C TYR B 437 -25.15 -12.81 -40.86
N ASN B 438 -25.09 -14.12 -41.13
CA ASN B 438 -24.06 -14.68 -42.01
C ASN B 438 -24.23 -14.18 -43.44
N ASP B 439 -25.45 -14.15 -43.94
CA ASP B 439 -25.68 -13.85 -45.35
C ASP B 439 -25.50 -12.38 -45.66
N PHE B 440 -26.08 -11.50 -44.84
CA PHE B 440 -26.12 -10.09 -45.17
C PHE B 440 -25.08 -9.24 -44.46
N ALA B 441 -24.87 -9.44 -43.15
CA ALA B 441 -23.80 -8.72 -42.48
C ALA B 441 -22.41 -9.23 -42.92
N GLY B 442 -22.27 -10.55 -43.07
CA GLY B 442 -20.97 -11.08 -43.43
C GLY B 442 -20.78 -11.40 -44.90
N LYS B 443 -21.85 -11.35 -45.68
CA LYS B 443 -21.82 -11.70 -47.10
C LYS B 443 -21.18 -13.06 -47.32
N ASN B 444 -21.43 -13.98 -46.39
CA ASN B 444 -20.89 -15.34 -46.43
C ASN B 444 -19.36 -15.35 -46.49
N GLN B 445 -18.72 -14.34 -45.91
CA GLN B 445 -17.27 -14.23 -45.94
C GLN B 445 -16.67 -13.92 -44.58
N CYS B 446 -17.49 -13.74 -43.55
CA CYS B 446 -17.02 -13.60 -42.18
C CYS B 446 -17.24 -14.89 -41.40
N ALA B 447 -16.48 -15.04 -40.32
CA ALA B 447 -16.72 -16.08 -39.35
C ALA B 447 -17.70 -15.56 -38.31
N ILE B 448 -18.58 -16.43 -37.83
CA ILE B 448 -19.57 -16.09 -36.82
C ILE B 448 -19.14 -16.73 -35.52
N VAL B 449 -18.86 -15.90 -34.50
CA VAL B 449 -18.52 -16.39 -33.18
C VAL B 449 -19.70 -16.14 -32.26
N ASP B 450 -20.34 -17.22 -31.86
CA ASP B 450 -21.42 -17.20 -30.89
C ASP B 450 -20.80 -17.39 -29.52
N THR B 451 -20.72 -16.31 -28.74
CA THR B 451 -19.92 -16.28 -27.53
C THR B 451 -20.82 -16.42 -26.31
N TYR B 452 -20.67 -17.51 -25.58
CA TYR B 452 -21.36 -17.73 -24.32
C TYR B 452 -20.47 -17.37 -23.14
N TRP B 453 -21.05 -16.65 -22.17
CA TRP B 453 -20.40 -16.31 -20.89
C TRP B 453 -21.44 -15.56 -20.06
N MET B 454 -21.00 -15.01 -18.93
CA MET B 454 -21.90 -14.34 -18.00
C MET B 454 -21.12 -13.24 -17.30
N THR B 455 -21.86 -12.33 -16.65
CA THR B 455 -21.20 -11.33 -15.83
C THR B 455 -20.23 -11.99 -14.85
N GLU B 456 -20.63 -13.13 -14.27
CA GLU B 456 -19.83 -13.82 -13.27
C GLU B 456 -18.56 -14.47 -13.85
N THR B 457 -18.49 -14.66 -15.17
CA THR B 457 -17.32 -15.30 -15.75
C THR B 457 -16.26 -14.30 -16.18
N GLY B 458 -16.62 -13.04 -16.38
CA GLY B 458 -15.66 -12.01 -16.71
C GLY B 458 -15.31 -11.92 -18.19
N SER B 459 -15.11 -13.07 -18.81
CA SER B 459 -14.66 -13.14 -20.19
C SER B 459 -15.33 -14.33 -20.85
N ILE B 460 -15.20 -14.41 -22.18
CA ILE B 460 -15.93 -15.40 -22.97
C ILE B 460 -15.56 -16.81 -22.50
N SER B 461 -16.58 -17.65 -22.33
CA SER B 461 -16.41 -18.99 -21.76
C SER B 461 -16.36 -20.07 -22.83
N ILE B 462 -17.31 -20.04 -23.77
CA ILE B 462 -17.38 -20.98 -24.87
C ILE B 462 -17.61 -20.17 -26.15
N ALA B 463 -16.79 -20.44 -27.16
CA ALA B 463 -16.90 -19.75 -28.45
C ALA B 463 -16.01 -20.45 -29.46
N PRO B 464 -16.32 -20.35 -30.75
CA PRO B 464 -15.36 -20.82 -31.75
C PRO B 464 -14.17 -19.89 -31.85
N LEU B 465 -13.00 -20.46 -32.15
CA LEU B 465 -11.87 -19.65 -32.58
C LEU B 465 -12.00 -19.49 -34.08
N PRO B 466 -12.19 -18.27 -34.60
CA PRO B 466 -12.72 -18.11 -35.95
C PRO B 466 -11.78 -18.60 -37.04
N GLY B 467 -10.49 -18.73 -36.78
CA GLY B 467 -9.57 -19.28 -37.75
C GLY B 467 -9.44 -20.77 -37.72
N ALA B 468 -10.13 -21.43 -36.79
CA ALA B 468 -9.93 -22.87 -36.62
C ALA B 468 -11.23 -23.67 -36.67
N ILE B 469 -12.31 -23.17 -36.09
CA ILE B 469 -13.49 -23.98 -35.82
C ILE B 469 -14.51 -23.84 -36.94
N SER B 470 -15.01 -24.96 -37.45
CA SER B 470 -16.16 -24.95 -38.35
C SER B 470 -17.45 -24.78 -37.54
N THR B 471 -18.28 -23.83 -37.94
CA THR B 471 -19.38 -23.42 -37.08
C THR B 471 -20.67 -24.14 -37.45
N LYS B 472 -21.53 -24.32 -36.43
CA LYS B 472 -22.90 -24.78 -36.53
C LYS B 472 -23.84 -23.67 -36.06
N PRO B 473 -24.90 -23.38 -36.80
CA PRO B 473 -25.79 -22.29 -36.38
C PRO B 473 -26.44 -22.60 -35.06
N GLY B 474 -26.18 -21.75 -34.07
CA GLY B 474 -26.79 -21.89 -32.78
C GLY B 474 -25.90 -22.50 -31.71
N SER B 475 -24.71 -22.98 -32.07
CA SER B 475 -23.81 -23.66 -31.14
C SER B 475 -22.64 -22.77 -30.77
N ALA B 476 -22.38 -22.65 -29.48
CA ALA B 476 -21.19 -21.92 -29.07
C ALA B 476 -19.90 -22.65 -29.42
N THR B 477 -19.99 -23.94 -29.77
CA THR B 477 -18.89 -24.86 -30.11
C THR B 477 -18.09 -25.25 -28.87
N PHE B 478 -16.87 -24.71 -28.69
CA PHE B 478 -15.92 -25.33 -27.78
C PHE B 478 -15.41 -24.36 -26.71
N PRO B 479 -15.05 -24.88 -25.53
CA PRO B 479 -14.66 -24.00 -24.42
C PRO B 479 -13.38 -23.22 -24.70
N PHE B 480 -13.31 -22.02 -24.13
CA PHE B 480 -12.12 -21.21 -24.29
C PHE B 480 -10.98 -21.72 -23.41
N PHE B 481 -9.77 -21.23 -23.71
CA PHE B 481 -8.59 -21.49 -22.89
C PHE B 481 -8.92 -21.32 -21.41
N GLY B 482 -8.56 -22.33 -20.61
CA GLY B 482 -8.76 -22.28 -19.18
C GLY B 482 -10.11 -22.77 -18.72
N MET B 483 -11.01 -23.07 -19.64
CA MET B 483 -12.37 -23.48 -19.30
C MET B 483 -12.48 -24.97 -19.56
N ASP B 484 -12.69 -25.72 -18.50
CA ASP B 484 -12.97 -27.15 -18.57
C ASP B 484 -14.42 -27.32 -18.10
N VAL B 485 -15.32 -27.60 -19.03
CA VAL B 485 -16.74 -27.60 -18.72
C VAL B 485 -17.28 -29.02 -18.82
N ASP B 486 -18.34 -29.30 -18.06
CA ASP B 486 -18.98 -30.60 -18.12
C ASP B 486 -20.50 -30.42 -18.07
N ILE B 487 -21.19 -31.54 -18.29
CA ILE B 487 -22.64 -31.62 -18.26
C ILE B 487 -23.04 -32.56 -17.12
N ILE B 488 -23.92 -32.09 -16.25
CA ILE B 488 -24.37 -32.85 -15.10
C ILE B 488 -25.85 -33.14 -15.25
N ASP B 489 -26.23 -34.40 -15.07
CA ASP B 489 -27.62 -34.80 -14.93
C ASP B 489 -28.17 -34.18 -13.64
N PRO B 490 -29.09 -33.23 -13.70
CA PRO B 490 -29.54 -32.58 -12.46
C PRO B 490 -30.30 -33.51 -11.52
N GLN B 491 -30.77 -34.67 -11.98
CA GLN B 491 -31.47 -35.60 -11.10
C GLN B 491 -30.50 -36.43 -10.27
N THR B 492 -29.36 -36.80 -10.86
CA THR B 492 -28.38 -37.61 -10.15
C THR B 492 -27.19 -36.81 -9.66
N GLY B 493 -26.98 -35.59 -10.17
CA GLY B 493 -25.81 -34.83 -9.81
C GLY B 493 -24.52 -35.38 -10.37
N GLN B 494 -24.59 -36.34 -11.28
CA GLN B 494 -23.41 -36.98 -11.84
C GLN B 494 -23.01 -36.33 -13.16
N VAL B 495 -21.70 -36.19 -13.37
CA VAL B 495 -21.19 -35.79 -14.66
C VAL B 495 -21.59 -36.83 -15.70
N LEU B 496 -22.20 -36.38 -16.78
CA LEU B 496 -22.50 -37.24 -17.92
C LEU B 496 -21.29 -37.25 -18.84
N GLU B 497 -20.69 -38.42 -19.01
CA GLU B 497 -19.46 -38.54 -19.78
C GLU B 497 -19.77 -38.77 -21.26
N GLY B 498 -18.90 -38.22 -22.11
CA GLY B 498 -18.96 -38.49 -23.53
C GLY B 498 -19.73 -37.44 -24.30
N ASN B 499 -20.25 -37.87 -25.44
CA ASN B 499 -20.98 -37.01 -26.36
C ASN B 499 -22.44 -37.45 -26.44
N ASP B 500 -23.26 -36.57 -27.03
CA ASP B 500 -24.70 -36.81 -27.18
C ASP B 500 -25.41 -36.80 -25.82
N VAL B 501 -24.99 -35.92 -24.93
CA VAL B 501 -25.54 -35.83 -23.58
C VAL B 501 -26.09 -34.43 -23.35
N GLU B 502 -27.02 -34.35 -22.39
CA GLU B 502 -27.80 -33.15 -22.14
C GLU B 502 -28.04 -33.01 -20.65
N GLY B 503 -28.02 -31.76 -20.15
CA GLY B 503 -28.22 -31.48 -18.74
C GLY B 503 -27.91 -30.04 -18.39
N VAL B 504 -27.16 -29.80 -17.31
CA VAL B 504 -26.82 -28.45 -16.87
C VAL B 504 -25.30 -28.25 -16.99
N LEU B 505 -24.91 -27.03 -17.33
CA LEU B 505 -23.52 -26.72 -17.60
C LEU B 505 -22.79 -26.36 -16.31
N VAL B 506 -21.59 -26.94 -16.13
CA VAL B 506 -20.75 -26.69 -14.96
C VAL B 506 -19.31 -26.61 -15.43
N ALA B 507 -18.49 -25.93 -14.62
CA ALA B 507 -17.06 -25.78 -14.87
C ALA B 507 -16.26 -26.53 -13.81
N ARG B 508 -15.21 -27.23 -14.25
CA ARG B 508 -14.45 -28.13 -13.36
C ARG B 508 -13.56 -27.35 -12.40
N ARG B 509 -12.90 -26.32 -12.88
CA ARG B 509 -11.87 -25.62 -12.12
C ARG B 509 -12.03 -24.12 -12.29
N PRO B 510 -11.48 -23.33 -11.37
CA PRO B 510 -11.51 -21.87 -11.53
C PRO B 510 -10.73 -21.43 -12.74
N TRP B 511 -11.07 -20.25 -13.23
CA TRP B 511 -10.37 -19.61 -14.33
C TRP B 511 -9.99 -18.21 -13.90
N PRO B 512 -8.96 -17.61 -14.52
CA PRO B 512 -8.42 -16.34 -14.00
C PRO B 512 -9.45 -15.21 -13.83
N SER B 513 -10.42 -15.06 -14.75
CA SER B 513 -11.34 -13.91 -14.70
C SER B 513 -12.64 -14.20 -13.95
N ILE B 514 -12.73 -15.30 -13.21
CA ILE B 514 -13.99 -15.60 -12.53
C ILE B 514 -14.26 -14.52 -11.48
N ALA B 515 -15.53 -14.16 -11.31
CA ALA B 515 -15.90 -13.28 -10.21
C ALA B 515 -15.39 -13.85 -8.90
N ARG B 516 -14.94 -12.96 -8.01
CA ARG B 516 -14.33 -13.34 -6.74
C ARG B 516 -15.31 -13.29 -5.57
N THR B 517 -16.37 -12.49 -5.65
CA THR B 517 -17.41 -12.48 -4.61
C THR B 517 -18.61 -11.70 -5.15
N VAL B 518 -19.63 -11.60 -4.29
CA VAL B 518 -20.72 -10.64 -4.44
C VAL B 518 -20.55 -9.62 -3.33
N TYR B 519 -20.50 -8.33 -3.70
CA TYR B 519 -20.01 -7.27 -2.83
C TYR B 519 -20.71 -7.27 -1.48
N ARG B 520 -19.92 -7.52 -0.42
CA ARG B 520 -20.38 -7.62 0.96
C ARG B 520 -21.46 -8.69 1.14
N ASP B 521 -21.49 -9.70 0.27
CA ASP B 521 -22.46 -10.77 0.43
C ASP B 521 -21.87 -12.09 -0.07
N HIS B 522 -20.77 -12.51 0.55
CA HIS B 522 -20.05 -13.70 0.09
C HIS B 522 -20.91 -14.96 0.19
N LYS B 523 -21.76 -15.05 1.20
CA LYS B 523 -22.67 -16.19 1.30
C LYS B 523 -23.57 -16.30 0.07
N ARG B 524 -24.03 -15.18 -0.46
CA ARG B 524 -24.87 -15.28 -1.67
C ARG B 524 -24.05 -15.82 -2.84
N TYR B 525 -22.80 -15.41 -2.94
CA TYR B 525 -21.89 -15.92 -3.96
C TYR B 525 -21.71 -17.42 -3.84
N LEU B 526 -21.45 -17.92 -2.63
CA LEU B 526 -21.25 -19.35 -2.50
C LEU B 526 -22.54 -20.11 -2.76
N GLU B 527 -23.66 -19.62 -2.23
CA GLU B 527 -24.92 -20.35 -2.36
C GLU B 527 -25.39 -20.40 -3.81
N THR B 528 -25.12 -19.36 -4.60
CA THR B 528 -25.62 -19.30 -5.97
C THR B 528 -24.81 -20.14 -6.93
N TYR B 529 -23.47 -20.11 -6.80
CA TYR B 529 -22.61 -20.72 -7.81
C TYR B 529 -21.87 -21.95 -7.34
N MET B 530 -21.62 -22.09 -6.03
CA MET B 530 -20.70 -23.11 -5.54
C MET B 530 -21.38 -24.21 -4.73
N LYS B 531 -22.56 -23.96 -4.17
CA LYS B 531 -23.32 -24.95 -3.41
C LYS B 531 -24.13 -25.92 -4.27
N PRO B 532 -24.78 -25.49 -5.35
CA PRO B 532 -25.68 -26.44 -6.05
C PRO B 532 -24.99 -27.70 -6.53
N TYR B 533 -23.73 -27.64 -6.92
CA TYR B 533 -22.97 -28.83 -7.32
C TYR B 533 -21.56 -28.70 -6.77
N PRO B 534 -21.32 -29.18 -5.55
CA PRO B 534 -20.02 -28.97 -4.92
C PRO B 534 -18.87 -29.50 -5.77
N GLY B 535 -17.77 -28.76 -5.77
CA GLY B 535 -16.64 -29.03 -6.64
C GLY B 535 -16.74 -28.36 -8.00
N TYR B 536 -17.85 -27.70 -8.30
CA TYR B 536 -18.08 -27.14 -9.62
C TYR B 536 -18.59 -25.72 -9.50
N PHE B 537 -18.51 -24.99 -10.60
CA PHE B 537 -19.20 -23.72 -10.76
C PHE B 537 -20.48 -23.96 -11.55
N PHE B 538 -21.61 -23.52 -10.98
CA PHE B 538 -22.93 -23.68 -11.60
C PHE B 538 -23.29 -22.42 -12.39
N PHE B 539 -23.45 -22.55 -13.72
CA PHE B 539 -23.78 -21.40 -14.56
C PHE B 539 -25.25 -21.00 -14.44
N GLY B 540 -26.14 -21.94 -14.17
CA GLY B 540 -27.57 -21.68 -14.26
C GLY B 540 -28.18 -21.86 -15.63
N ASP B 541 -27.45 -22.38 -16.61
CA ASP B 541 -27.97 -22.58 -17.94
C ASP B 541 -28.09 -24.06 -18.29
N GLY B 542 -29.05 -24.38 -19.16
CA GLY B 542 -29.12 -25.71 -19.73
C GLY B 542 -28.19 -25.84 -20.92
N ALA B 543 -27.67 -27.04 -21.12
CA ALA B 543 -26.67 -27.23 -22.15
C ALA B 543 -26.63 -28.70 -22.60
N ALA B 544 -26.21 -28.88 -23.85
CA ALA B 544 -26.04 -30.21 -24.44
C ALA B 544 -24.76 -30.22 -25.26
N ARG B 545 -24.07 -31.36 -25.25
CA ARG B 545 -22.92 -31.60 -26.11
C ARG B 545 -23.31 -32.67 -27.12
N ASP B 546 -23.25 -32.35 -28.41
CA ASP B 546 -23.78 -33.24 -29.43
C ASP B 546 -22.78 -34.35 -29.76
N TYR B 547 -23.08 -35.12 -30.81
CA TYR B 547 -22.25 -36.25 -31.21
C TYR B 547 -20.86 -35.81 -31.66
N ASP B 548 -20.71 -34.57 -32.11
CA ASP B 548 -19.41 -34.05 -32.53
C ASP B 548 -18.64 -33.35 -31.41
N GLY B 549 -19.21 -33.27 -30.20
CA GLY B 549 -18.55 -32.57 -29.13
C GLY B 549 -18.85 -31.08 -29.06
N TYR B 550 -19.75 -30.59 -29.89
CA TYR B 550 -20.15 -29.19 -29.87
C TYR B 550 -21.11 -28.92 -28.72
N MET B 551 -20.85 -27.85 -27.97
N MET B 551 -20.86 -27.85 -27.98
CA MET B 551 -21.76 -27.42 -26.91
CA MET B 551 -21.77 -27.44 -26.91
C MET B 551 -22.88 -26.54 -27.45
C MET B 551 -22.88 -26.56 -27.46
N TRP B 552 -24.10 -26.81 -26.99
CA TRP B 552 -25.27 -26.01 -27.30
C TRP B 552 -25.84 -25.48 -25.99
N ILE B 553 -25.83 -24.16 -25.82
CA ILE B 553 -26.51 -23.53 -24.69
C ILE B 553 -27.94 -23.24 -25.10
N LYS B 554 -28.90 -23.87 -24.43
CA LYS B 554 -30.29 -23.88 -24.86
CA LYS B 554 -30.28 -23.81 -24.90
C LYS B 554 -31.23 -23.04 -23.99
N GLY B 555 -30.77 -22.54 -22.86
CA GLY B 555 -31.63 -21.68 -22.07
C GLY B 555 -31.33 -21.77 -20.59
N ARG B 556 -31.86 -20.80 -19.84
CA ARG B 556 -31.76 -20.83 -18.39
C ARG B 556 -32.52 -22.03 -17.84
N VAL B 557 -32.00 -22.59 -16.75
CA VAL B 557 -32.63 -23.75 -16.13
C VAL B 557 -34.04 -23.40 -15.64
N ASP B 558 -34.21 -22.19 -15.10
CA ASP B 558 -35.52 -21.74 -14.62
C ASP B 558 -36.55 -21.57 -15.72
N ASP B 559 -36.15 -21.54 -16.99
CA ASP B 559 -37.08 -21.30 -18.09
C ASP B 559 -37.52 -22.58 -18.78
N VAL B 560 -37.12 -23.74 -18.26
CA VAL B 560 -37.46 -25.01 -18.90
C VAL B 560 -38.95 -25.27 -18.76
N ILE B 561 -39.55 -25.81 -19.82
CA ILE B 561 -40.97 -26.16 -19.84
C ILE B 561 -41.08 -27.67 -19.95
N ASN B 562 -41.95 -28.26 -19.11
CA ASN B 562 -42.12 -29.71 -19.04
CA ASN B 562 -42.14 -29.71 -19.04
C ASN B 562 -43.55 -30.05 -19.48
N VAL B 563 -43.68 -30.70 -20.64
CA VAL B 563 -44.97 -31.06 -21.21
C VAL B 563 -45.04 -32.59 -21.32
N SER B 564 -45.88 -33.21 -20.49
CA SER B 564 -46.08 -34.67 -20.54
C SER B 564 -44.75 -35.43 -20.43
N GLY B 565 -43.84 -34.92 -19.59
CA GLY B 565 -42.55 -35.57 -19.38
C GLY B 565 -41.44 -35.13 -20.31
N HIS B 566 -41.73 -34.33 -21.34
CA HIS B 566 -40.70 -33.84 -22.25
C HIS B 566 -40.18 -32.49 -21.75
N ARG B 567 -38.87 -32.39 -21.53
CA ARG B 567 -38.27 -31.14 -21.10
C ARG B 567 -37.96 -30.28 -22.32
N LEU B 568 -38.43 -29.03 -22.32
CA LEU B 568 -38.26 -28.14 -23.46
C LEU B 568 -37.46 -26.90 -23.08
N SER B 569 -36.45 -26.57 -23.86
CA SER B 569 -35.81 -25.27 -23.71
C SER B 569 -36.55 -24.24 -24.57
N THR B 570 -36.48 -22.99 -24.13
CA THR B 570 -37.15 -21.93 -24.89
C THR B 570 -36.49 -21.73 -26.26
N ALA B 571 -35.17 -21.89 -26.33
CA ALA B 571 -34.45 -21.60 -27.57
C ALA B 571 -34.92 -22.51 -28.71
N GLU B 572 -35.21 -23.78 -28.40
CA GLU B 572 -35.54 -24.72 -29.45
C GLU B 572 -36.94 -24.49 -30.00
N VAL B 573 -37.93 -24.19 -29.14
CA VAL B 573 -39.26 -23.88 -29.64
C VAL B 573 -39.26 -22.53 -30.36
N GLU B 574 -38.55 -21.53 -29.80
CA GLU B 574 -38.47 -20.22 -30.46
C GLU B 574 -37.70 -20.29 -31.77
N SER B 575 -36.71 -21.18 -31.88
CA SER B 575 -36.02 -21.36 -33.14
C SER B 575 -36.93 -22.03 -34.17
N ALA B 576 -37.82 -22.91 -33.72
CA ALA B 576 -38.80 -23.51 -34.62
C ALA B 576 -39.79 -22.47 -35.14
N LEU B 577 -40.27 -21.58 -34.26
CA LEU B 577 -41.31 -20.63 -34.65
C LEU B 577 -40.81 -19.66 -35.72
N ILE B 578 -39.54 -19.25 -35.62
CA ILE B 578 -38.97 -18.26 -36.54
C ILE B 578 -38.63 -18.86 -37.90
N LEU B 579 -38.75 -20.18 -38.07
CA LEU B 579 -38.63 -20.76 -39.42
C LEU B 579 -39.84 -20.44 -40.28
N HIS B 580 -40.98 -20.10 -39.68
CA HIS B 580 -42.14 -19.69 -40.44
C HIS B 580 -41.93 -18.28 -41.02
N LYS B 581 -42.26 -18.12 -42.31
CA LYS B 581 -42.10 -16.84 -42.97
C LYS B 581 -42.84 -15.75 -42.23
N GLY B 582 -42.25 -14.55 -42.22
CA GLY B 582 -42.85 -13.40 -41.58
C GLY B 582 -42.58 -13.25 -40.11
N VAL B 583 -42.24 -14.34 -39.41
CA VAL B 583 -41.97 -14.29 -37.98
C VAL B 583 -40.71 -13.45 -37.74
N ALA B 584 -40.83 -12.47 -36.84
CA ALA B 584 -39.74 -11.60 -36.46
C ALA B 584 -39.00 -12.10 -35.20
N GLU B 585 -39.75 -12.54 -34.19
CA GLU B 585 -39.20 -12.84 -32.88
C GLU B 585 -40.29 -13.44 -32.00
N THR B 586 -39.95 -14.43 -31.19
CA THR B 586 -40.95 -15.04 -30.32
C THR B 586 -40.39 -15.26 -28.93
N ALA B 587 -41.30 -15.47 -27.98
CA ALA B 587 -40.95 -15.89 -26.65
C ALA B 587 -41.97 -16.92 -26.20
N VAL B 588 -41.50 -18.07 -25.72
CA VAL B 588 -42.42 -19.10 -25.24
C VAL B 588 -42.27 -19.17 -23.72
N VAL B 589 -43.38 -19.51 -23.06
CA VAL B 589 -43.39 -19.75 -21.61
C VAL B 589 -44.31 -20.91 -21.29
N GLY B 590 -44.13 -21.48 -20.10
CA GLY B 590 -44.97 -22.56 -19.65
C GLY B 590 -46.20 -22.08 -18.91
N CYS B 591 -47.26 -22.88 -18.96
CA CYS B 591 -48.49 -22.60 -18.25
C CYS B 591 -48.99 -23.91 -17.67
N ALA B 592 -49.40 -23.88 -16.40
CA ALA B 592 -49.84 -25.09 -15.72
C ALA B 592 -50.99 -25.74 -16.49
N ASP B 593 -50.94 -27.06 -16.61
CA ASP B 593 -51.99 -27.82 -17.25
C ASP B 593 -52.26 -29.08 -16.44
N ASP B 594 -53.55 -29.36 -16.21
CA ASP B 594 -53.96 -30.51 -15.41
C ASP B 594 -53.52 -31.83 -16.00
N LEU B 595 -53.48 -31.95 -17.32
CA LEU B 595 -53.29 -33.22 -17.97
C LEU B 595 -51.88 -33.42 -18.52
N THR B 596 -51.17 -32.34 -18.86
CA THR B 596 -49.82 -32.43 -19.41
C THR B 596 -48.76 -31.87 -18.47
N GLY B 597 -49.14 -31.46 -17.26
CA GLY B 597 -48.20 -30.79 -16.37
C GLY B 597 -48.08 -29.31 -16.71
N GLN B 598 -47.41 -29.02 -17.81
CA GLN B 598 -47.37 -27.67 -18.35
C GLN B 598 -47.76 -27.71 -19.83
N ALA B 599 -48.10 -26.53 -20.36
CA ALA B 599 -48.36 -26.36 -21.79
C ALA B 599 -47.60 -25.15 -22.28
N VAL B 600 -47.12 -25.22 -23.53
CA VAL B 600 -46.39 -24.12 -24.14
C VAL B 600 -47.38 -23.04 -24.59
N TYR B 601 -47.09 -21.79 -24.23
CA TYR B 601 -47.74 -20.61 -24.77
C TYR B 601 -46.68 -19.75 -25.45
N ALA B 602 -47.02 -19.18 -26.59
CA ALA B 602 -46.03 -18.41 -27.35
C ALA B 602 -46.55 -17.01 -27.63
N PHE B 603 -45.65 -16.04 -27.51
CA PHE B 603 -45.90 -14.67 -27.93
C PHE B 603 -45.07 -14.43 -29.19
N VAL B 604 -45.74 -14.14 -30.30
CA VAL B 604 -45.09 -14.02 -31.59
C VAL B 604 -45.17 -12.56 -32.06
N THR B 605 -44.11 -12.10 -32.70
CA THR B 605 -44.02 -10.80 -33.35
C THR B 605 -43.68 -11.01 -34.81
N MET B 606 -44.33 -10.26 -35.69
CA MET B 606 -44.20 -10.42 -37.13
C MET B 606 -43.52 -9.22 -37.75
N LYS B 607 -42.97 -9.44 -38.94
CA LYS B 607 -42.38 -8.36 -39.71
C LYS B 607 -43.46 -7.34 -40.07
N PRO B 608 -43.07 -6.09 -40.37
CA PRO B 608 -44.09 -5.08 -40.74
C PRO B 608 -44.88 -5.45 -41.99
N GLU B 609 -44.22 -6.03 -42.99
CA GLU B 609 -44.83 -6.27 -44.29
C GLU B 609 -45.74 -7.50 -44.31
N PHE B 610 -45.72 -8.33 -43.28
CA PHE B 610 -46.58 -9.50 -43.27
C PHE B 610 -48.04 -9.07 -43.12
N ASP B 611 -48.92 -9.76 -43.83
CA ASP B 611 -50.33 -9.39 -43.95
C ASP B 611 -51.20 -10.27 -43.06
N LEU B 612 -52.14 -9.66 -42.36
CA LEU B 612 -53.04 -10.38 -41.46
C LEU B 612 -54.51 -10.34 -41.93
N LYS B 616 -54.97 -14.65 -42.16
CA LYS B 616 -55.62 -14.15 -40.95
C LYS B 616 -54.94 -14.69 -39.70
N GLU B 617 -55.29 -14.12 -38.55
CA GLU B 617 -54.56 -14.42 -37.32
C GLU B 617 -54.72 -15.88 -36.89
N ALA B 618 -55.91 -16.45 -37.08
CA ALA B 618 -56.14 -17.82 -36.63
C ALA B 618 -55.41 -18.84 -37.51
N ASP B 619 -55.29 -18.55 -38.80
CA ASP B 619 -54.60 -19.50 -39.70
C ASP B 619 -53.10 -19.46 -39.48
N LEU B 620 -52.53 -18.26 -39.33
CA LEU B 620 -51.10 -18.16 -39.03
C LEU B 620 -50.76 -18.92 -37.75
N SER B 621 -51.57 -18.74 -36.70
CA SER B 621 -51.30 -19.42 -35.43
C SER B 621 -51.36 -20.94 -35.59
N LYS B 622 -52.34 -21.43 -36.34
CA LYS B 622 -52.39 -22.86 -36.62
C LYS B 622 -51.13 -23.32 -37.36
N GLU B 623 -50.73 -22.56 -38.40
CA GLU B 623 -49.52 -22.92 -39.14
C GLU B 623 -48.30 -22.92 -38.24
N LEU B 624 -48.20 -21.96 -37.33
CA LEU B 624 -47.06 -21.89 -36.42
C LEU B 624 -47.00 -23.11 -35.52
N ALA B 625 -48.16 -23.54 -35.01
CA ALA B 625 -48.18 -24.70 -34.14
C ALA B 625 -47.85 -25.97 -34.92
N ILE B 626 -48.39 -26.09 -36.15
CA ILE B 626 -48.07 -27.23 -37.00
C ILE B 626 -46.56 -27.30 -37.23
N GLN B 627 -45.94 -26.14 -37.46
CA GLN B 627 -44.50 -26.07 -37.69
C GLN B 627 -43.73 -26.65 -36.51
N VAL B 628 -44.09 -26.22 -35.29
CA VAL B 628 -43.43 -26.73 -34.10
C VAL B 628 -43.67 -28.23 -33.95
N ARG B 629 -44.91 -28.68 -34.20
CA ARG B 629 -45.21 -30.10 -34.05
C ARG B 629 -44.33 -30.96 -34.97
N LYS B 630 -44.14 -30.51 -36.21
CA LYS B 630 -43.32 -31.26 -37.16
C LYS B 630 -41.84 -31.24 -36.77
N VAL B 631 -41.35 -30.12 -36.28
CA VAL B 631 -39.91 -29.97 -36.11
C VAL B 631 -39.45 -30.58 -34.79
N ILE B 632 -40.28 -30.49 -33.75
CA ILE B 632 -39.90 -30.93 -32.42
C ILE B 632 -40.82 -32.06 -31.97
N GLY B 633 -42.11 -31.77 -31.85
CA GLY B 633 -43.08 -32.76 -31.41
C GLY B 633 -44.39 -32.10 -31.04
N PRO B 634 -45.47 -32.88 -30.95
CA PRO B 634 -46.76 -32.29 -30.56
C PRO B 634 -46.71 -31.69 -29.16
N PHE B 635 -45.89 -32.25 -28.28
CA PHE B 635 -45.83 -31.76 -26.91
C PHE B 635 -45.28 -30.34 -26.85
N ALA B 636 -44.47 -29.95 -27.83
CA ALA B 636 -43.93 -28.60 -27.89
C ALA B 636 -44.84 -27.62 -28.63
N ALA B 637 -45.86 -28.10 -29.33
CA ALA B 637 -46.71 -27.19 -30.07
C ALA B 637 -47.42 -26.25 -29.09
N PRO B 638 -47.37 -24.94 -29.32
CA PRO B 638 -48.08 -24.01 -28.44
C PRO B 638 -49.55 -24.34 -28.33
N LYS B 639 -50.04 -24.40 -27.09
CA LYS B 639 -51.46 -24.58 -26.84
C LYS B 639 -52.25 -23.36 -27.29
N LYS B 640 -51.66 -22.17 -27.15
CA LYS B 640 -52.24 -20.91 -27.60
C LYS B 640 -51.12 -19.97 -27.99
N ILE B 641 -51.41 -19.08 -28.93
CA ILE B 641 -50.43 -18.15 -29.47
C ILE B 641 -50.97 -16.74 -29.39
N TYR B 642 -50.17 -15.82 -28.87
CA TYR B 642 -50.53 -14.41 -28.78
C TYR B 642 -49.67 -13.61 -29.76
N LEU B 643 -50.32 -12.92 -30.68
CA LEU B 643 -49.64 -11.99 -31.58
C LEU B 643 -49.50 -10.64 -30.88
N VAL B 644 -48.27 -10.18 -30.71
CA VAL B 644 -48.01 -8.94 -30.00
C VAL B 644 -47.03 -8.11 -30.81
N SER B 645 -47.04 -6.79 -30.56
CA SER B 645 -46.23 -5.86 -31.33
C SER B 645 -44.78 -5.77 -30.83
N ASP B 646 -44.49 -6.25 -29.62
CA ASP B 646 -43.13 -6.28 -29.09
C ASP B 646 -43.14 -7.20 -27.87
N LEU B 647 -42.00 -7.26 -27.17
CA LEU B 647 -41.76 -8.20 -26.09
C LEU B 647 -41.02 -7.52 -24.95
N PRO B 648 -41.23 -7.95 -23.71
CA PRO B 648 -40.50 -7.37 -22.57
C PRO B 648 -39.02 -7.76 -22.62
N LYS B 649 -38.17 -6.74 -22.70
CA LYS B 649 -36.73 -6.94 -22.78
C LYS B 649 -36.01 -5.93 -21.89
N THR B 650 -34.87 -6.35 -21.36
CA THR B 650 -34.02 -5.43 -20.63
C THR B 650 -33.26 -4.53 -21.61
N ARG B 651 -32.45 -3.62 -21.05
CA ARG B 651 -31.64 -2.76 -21.91
C ARG B 651 -30.65 -3.58 -22.73
N SER B 652 -30.05 -4.60 -22.13
CA SER B 652 -29.07 -5.46 -22.81
C SER B 652 -29.70 -6.35 -23.87
N GLY B 653 -31.03 -6.42 -23.93
CA GLY B 653 -31.69 -7.25 -24.91
C GLY B 653 -32.20 -8.58 -24.40
N LYS B 654 -31.95 -8.93 -23.15
CA LYS B 654 -32.48 -10.16 -22.59
C LYS B 654 -34.01 -10.11 -22.62
N ILE B 655 -34.62 -11.12 -23.23
CA ILE B 655 -36.08 -11.25 -23.22
C ILE B 655 -36.49 -11.79 -21.85
N MET B 656 -37.33 -11.05 -21.15
CA MET B 656 -37.73 -11.39 -19.78
C MET B 656 -38.93 -12.32 -19.82
N ARG B 657 -38.65 -13.62 -19.91
CA ARG B 657 -39.68 -14.65 -19.90
C ARG B 657 -40.26 -14.90 -18.51
N ARG B 658 -39.60 -14.40 -17.45
CA ARG B 658 -40.20 -14.45 -16.12
C ARG B 658 -41.40 -13.52 -16.01
N VAL B 659 -41.44 -12.47 -16.84
CA VAL B 659 -42.58 -11.56 -16.82
C VAL B 659 -43.78 -12.19 -17.53
N LEU B 660 -43.55 -12.75 -18.72
CA LEU B 660 -44.64 -13.32 -19.49
C LEU B 660 -45.22 -14.55 -18.82
N ARG B 661 -44.34 -15.41 -18.26
CA ARG B 661 -44.79 -16.59 -17.53
C ARG B 661 -45.63 -16.21 -16.32
N LYS B 662 -45.26 -15.11 -15.63
CA LYS B 662 -46.04 -14.68 -14.48
C LYS B 662 -47.36 -14.03 -14.91
N ILE B 663 -47.39 -13.39 -16.08
CA ILE B 663 -48.64 -12.83 -16.58
C ILE B 663 -49.56 -13.94 -17.05
N VAL B 664 -49.02 -14.97 -17.72
CA VAL B 664 -49.85 -16.06 -18.23
C VAL B 664 -50.51 -16.80 -17.08
N ALA B 665 -49.78 -17.00 -15.98
CA ALA B 665 -50.34 -17.58 -14.77
C ALA B 665 -51.46 -16.72 -14.22
N PRO B 680 -41.02 -0.29 -21.73
CA PRO B 680 -41.69 -0.75 -20.50
C PRO B 680 -43.21 -0.57 -20.54
N GLN B 681 -43.71 0.24 -21.49
CA GLN B 681 -45.14 0.29 -21.74
C GLN B 681 -45.67 -0.99 -22.39
N ILE B 682 -44.83 -2.00 -22.60
CA ILE B 682 -45.23 -3.23 -23.28
C ILE B 682 -45.76 -4.30 -22.34
N VAL B 683 -45.64 -4.10 -21.02
CA VAL B 683 -46.27 -5.04 -20.11
C VAL B 683 -47.78 -4.79 -20.05
N GLU B 684 -48.21 -3.53 -20.24
CA GLU B 684 -49.64 -3.27 -20.38
C GLU B 684 -50.18 -3.87 -21.67
N GLU B 685 -49.37 -3.85 -22.73
CA GLU B 685 -49.81 -4.43 -23.99
C GLU B 685 -50.02 -5.94 -23.87
N VAL B 686 -49.22 -6.60 -23.03
CA VAL B 686 -49.32 -8.05 -22.86
C VAL B 686 -50.45 -8.41 -21.90
N LYS B 687 -50.64 -7.59 -20.85
CA LYS B 687 -51.79 -7.80 -19.97
C LYS B 687 -53.10 -7.66 -20.74
N GLN B 688 -53.20 -6.67 -21.62
CA GLN B 688 -54.40 -6.49 -22.42
C GLN B 688 -54.59 -7.59 -23.45
N LYS B 689 -53.51 -8.30 -23.82
CA LYS B 689 -53.57 -9.29 -24.88
C LYS B 689 -54.02 -10.66 -24.38
N VAL B 690 -53.50 -11.10 -23.22
CA VAL B 690 -53.92 -12.40 -22.68
C VAL B 690 -55.37 -12.36 -22.19
N THR B 691 -55.95 -11.17 -22.05
CA THR B 691 -57.35 -11.03 -21.66
C THR B 691 -58.11 -10.17 -22.66
N ASP C 39 36.66 40.92 -23.76
CA ASP C 39 37.18 40.44 -22.48
C ASP C 39 36.62 39.05 -22.15
N LEU C 40 37.35 38.01 -22.56
CA LEU C 40 37.01 36.62 -22.26
C LEU C 40 37.99 36.07 -21.23
N PHE C 41 37.47 35.24 -20.32
CA PHE C 41 38.22 34.73 -19.17
C PHE C 41 38.23 33.21 -19.22
N ALA C 42 39.36 32.63 -19.61
CA ALA C 42 39.51 31.19 -19.64
C ALA C 42 39.48 30.63 -18.23
N PRO C 43 39.18 29.33 -18.09
CA PRO C 43 39.23 28.70 -16.76
C PRO C 43 40.59 28.87 -16.13
N PRO C 44 40.64 29.36 -14.90
CA PRO C 44 41.93 29.63 -14.23
C PRO C 44 42.60 28.34 -13.77
N PRO C 45 43.82 28.42 -13.22
CA PRO C 45 44.50 27.19 -12.77
C PRO C 45 43.71 26.32 -11.80
N ARG C 46 42.89 26.93 -10.93
CA ARG C 46 42.14 26.12 -9.96
C ARG C 46 41.18 25.16 -10.65
N MET C 47 40.64 25.54 -11.81
CA MET C 47 39.76 24.67 -12.60
C MET C 47 40.51 23.95 -13.71
N GLN C 48 41.80 23.61 -13.48
CA GLN C 48 42.60 22.84 -14.43
C GLN C 48 43.28 21.65 -13.76
N GLY C 49 42.95 21.35 -12.51
CA GLY C 49 43.57 20.24 -11.81
C GLY C 49 45.03 20.45 -11.48
N ARG C 53 44.05 20.24 -6.50
CA ARG C 53 42.63 20.48 -6.81
C ARG C 53 42.12 19.46 -7.81
N PRO C 54 40.87 19.02 -7.66
CA PRO C 54 40.35 17.95 -8.51
C PRO C 54 40.17 18.44 -9.95
N LYS C 55 40.36 17.50 -10.88
CA LYS C 55 40.17 17.82 -12.28
C LYS C 55 38.69 18.06 -12.58
N PRO C 56 38.38 18.96 -13.52
CA PRO C 56 36.98 19.25 -13.83
C PRO C 56 36.25 18.04 -14.38
N HIS C 57 34.94 18.00 -14.15
CA HIS C 57 34.11 16.94 -14.72
C HIS C 57 33.94 17.13 -16.23
N ILE C 58 33.87 18.37 -16.69
CA ILE C 58 33.81 18.70 -18.12
C ILE C 58 34.93 19.70 -18.41
N GLY C 59 35.77 19.37 -19.39
CA GLY C 59 36.88 20.21 -19.77
C GLY C 59 37.67 19.62 -20.91
N PRO C 60 38.69 20.36 -21.40
CA PRO C 60 39.11 21.66 -20.88
C PRO C 60 38.62 22.86 -21.69
N ASN C 61 37.95 22.60 -22.82
CA ASN C 61 37.62 23.63 -23.79
C ASN C 61 36.13 23.57 -24.13
N TYR C 62 35.72 24.47 -25.02
CA TYR C 62 34.32 24.56 -25.40
C TYR C 62 33.85 23.29 -26.11
N GLU C 63 34.69 22.72 -26.97
CA GLU C 63 34.29 21.57 -27.77
C GLU C 63 33.98 20.36 -26.88
N SER C 64 34.64 20.24 -25.74
CA SER C 64 34.35 19.13 -24.84
C SER C 64 32.98 19.28 -24.20
N TYR C 65 32.54 20.52 -23.91
CA TYR C 65 31.19 20.73 -23.42
C TYR C 65 30.16 20.37 -24.49
N VAL C 66 30.44 20.74 -25.74
CA VAL C 66 29.49 20.46 -26.82
C VAL C 66 29.40 18.96 -27.07
N LYS C 67 30.52 18.24 -26.93
CA LYS C 67 30.51 16.80 -27.14
C LYS C 67 29.51 16.13 -26.20
N GLU C 68 29.57 16.47 -24.91
CA GLU C 68 28.66 15.89 -23.93
C GLU C 68 27.25 16.47 -24.05
N TRP C 69 27.12 17.76 -24.39
CA TRP C 69 25.81 18.38 -24.48
C TRP C 69 24.94 17.72 -25.55
N ALA C 70 25.55 17.36 -26.67
CA ALA C 70 24.81 16.73 -27.77
C ALA C 70 24.16 15.42 -27.36
N LYS C 71 24.65 14.77 -26.31
CA LYS C 71 24.04 13.54 -25.81
C LYS C 71 22.78 13.78 -25.00
N THR C 72 22.48 15.03 -24.64
CA THR C 72 21.39 15.32 -23.71
C THR C 72 20.18 15.97 -24.38
N VAL C 73 20.29 16.36 -25.64
CA VAL C 73 19.18 16.91 -26.40
C VAL C 73 19.06 16.15 -27.71
N GLY C 74 17.85 16.09 -28.24
CA GLY C 74 17.63 15.46 -29.52
C GLY C 74 17.04 14.07 -29.43
N PRO C 75 16.82 13.45 -30.59
CA PRO C 75 16.04 12.20 -30.63
C PRO C 75 16.75 10.99 -30.04
N ASN C 76 18.06 11.07 -29.79
CA ASN C 76 18.78 9.93 -29.22
C ASN C 76 19.36 10.24 -27.85
N SER C 77 18.75 11.18 -27.14
CA SER C 77 19.23 11.59 -25.82
C SER C 77 18.69 10.73 -24.67
N ASP C 78 17.82 9.75 -24.96
CA ASP C 78 17.29 8.92 -23.87
C ASP C 78 18.38 8.10 -23.20
N GLU C 79 19.36 7.64 -23.97
CA GLU C 79 20.39 6.76 -23.42
C GLU C 79 21.16 7.48 -22.31
N TRP C 80 21.56 8.73 -22.57
CA TRP C 80 22.29 9.51 -21.58
C TRP C 80 21.42 9.80 -20.36
N TRP C 81 20.15 10.15 -20.57
CA TRP C 81 19.30 10.49 -19.43
C TRP C 81 18.96 9.26 -18.60
N ALA C 82 18.74 8.12 -19.25
CA ALA C 82 18.46 6.91 -18.52
C ALA C 82 19.65 6.51 -17.65
N ALA C 83 20.86 6.54 -18.23
CA ALA C 83 22.07 6.19 -17.49
C ALA C 83 22.35 7.17 -16.36
N LYS C 84 22.19 8.47 -16.62
CA LYS C 84 22.39 9.46 -15.56
C LYS C 84 21.39 9.27 -14.43
N ALA C 85 20.14 8.98 -14.76
CA ALA C 85 19.13 8.78 -13.72
C ALA C 85 19.47 7.60 -12.82
N ARG C 86 19.99 6.51 -13.40
CA ARG C 86 20.26 5.31 -12.62
C ARG C 86 21.60 5.38 -11.87
N GLU C 87 22.52 6.24 -12.29
CA GLU C 87 23.77 6.40 -11.57
C GLU C 87 23.71 7.45 -10.48
N THR C 88 22.80 8.41 -10.60
CA THR C 88 22.75 9.56 -9.70
C THR C 88 21.83 9.36 -8.50
N LEU C 89 20.75 8.58 -8.63
CA LEU C 89 19.79 8.43 -7.56
C LEU C 89 19.63 6.96 -7.24
N ASP C 90 19.29 6.67 -5.98
CA ASP C 90 18.89 5.34 -5.56
C ASP C 90 17.40 5.18 -5.76
N TRP C 91 17.01 4.12 -6.47
CA TRP C 91 15.62 3.84 -6.77
C TRP C 91 15.13 2.64 -5.97
N TYR C 92 13.87 2.69 -5.57
CA TYR C 92 13.22 1.48 -5.04
C TYR C 92 12.77 0.58 -6.18
N ASP C 93 12.10 1.14 -7.18
CA ASP C 93 11.78 0.43 -8.42
C ASP C 93 12.42 1.15 -9.59
N ASP C 94 12.95 0.38 -10.53
CA ASP C 94 13.49 0.97 -11.73
C ASP C 94 12.35 1.53 -12.59
N PHE C 95 12.71 2.41 -13.52
CA PHE C 95 11.76 2.89 -14.51
C PHE C 95 11.98 2.16 -15.82
N LYS C 96 10.98 2.23 -16.69
CA LYS C 96 11.04 1.68 -18.03
C LYS C 96 11.04 2.78 -19.09
N THR C 97 10.13 3.74 -18.97
CA THR C 97 10.05 4.84 -19.91
C THR C 97 10.90 6.01 -19.42
N VAL C 98 11.66 6.62 -20.34
CA VAL C 98 12.48 7.75 -19.96
C VAL C 98 11.65 9.02 -19.87
N ARG C 99 10.95 9.38 -20.95
CA ARG C 99 10.19 10.62 -20.96
C ARG C 99 8.93 10.44 -21.80
N ALA C 100 7.93 11.26 -21.47
CA ALA C 100 6.73 11.35 -22.30
C ALA C 100 6.07 12.69 -21.99
N GLY C 101 5.01 12.99 -22.72
CA GLY C 101 4.28 14.23 -22.50
C GLY C 101 4.95 15.43 -23.13
N GLY C 102 4.29 16.57 -22.99
CA GLY C 102 4.79 17.77 -23.64
C GLY C 102 4.18 19.03 -23.08
N PHE C 103 4.55 20.15 -23.71
CA PHE C 103 4.09 21.47 -23.29
C PHE C 103 2.59 21.63 -23.46
N GLU C 104 2.08 21.26 -24.65
CA GLU C 104 0.73 21.64 -25.09
C GLU C 104 -0.35 21.40 -24.04
N HIS C 105 -0.32 20.24 -23.37
CA HIS C 105 -1.34 19.88 -22.41
C HIS C 105 -0.81 19.82 -20.98
N GLY C 106 0.49 20.01 -20.79
CA GLY C 106 1.08 19.91 -19.48
C GLY C 106 0.95 18.51 -18.91
N ASP C 107 1.51 17.53 -19.61
CA ASP C 107 1.55 16.16 -19.12
C ASP C 107 2.98 15.64 -19.14
N VAL C 108 3.94 16.52 -18.82
CA VAL C 108 5.35 16.13 -18.81
C VAL C 108 5.58 14.95 -17.88
N GLN C 109 6.32 13.97 -18.35
CA GLN C 109 6.62 12.76 -17.60
C GLN C 109 8.09 12.41 -17.78
N TRP C 110 8.73 12.01 -16.69
CA TRP C 110 10.12 11.54 -16.71
C TRP C 110 10.20 10.33 -15.78
N PHE C 111 10.79 9.24 -16.29
CA PHE C 111 10.93 7.99 -15.54
C PHE C 111 9.64 7.56 -14.84
N PRO C 112 8.50 7.57 -15.56
CA PRO C 112 7.21 7.45 -14.84
C PRO C 112 7.06 6.20 -13.98
N GLU C 113 7.59 5.04 -14.38
CA GLU C 113 7.33 3.84 -13.58
C GLU C 113 8.29 3.71 -12.40
N GLY C 114 9.30 4.56 -12.31
CA GLY C 114 10.24 4.45 -11.21
C GLY C 114 9.64 4.94 -9.90
N THR C 115 10.16 4.41 -8.80
CA THR C 115 9.76 4.86 -7.47
C THR C 115 11.02 5.16 -6.66
N LEU C 116 10.92 6.10 -5.75
CA LEU C 116 12.09 6.57 -4.99
C LEU C 116 11.58 7.40 -3.83
N ASN C 117 12.51 7.97 -3.06
CA ASN C 117 12.15 8.89 -1.99
C ASN C 117 13.27 9.93 -1.83
N ALA C 118 12.91 11.22 -1.84
CA ALA C 118 13.94 12.27 -1.78
C ALA C 118 14.73 12.22 -0.47
N ALA C 119 14.06 11.95 0.66
CA ALA C 119 14.79 11.91 1.92
C ALA C 119 15.80 10.77 1.95
N TYR C 120 15.48 9.63 1.33
CA TYR C 120 16.44 8.53 1.27
C TYR C 120 17.68 8.94 0.49
N ASN C 121 17.48 9.65 -0.63
CA ASN C 121 18.59 10.06 -1.50
C ASN C 121 19.39 11.21 -0.91
N CYS C 122 18.78 12.05 -0.08
CA CYS C 122 19.54 13.14 0.51
C CYS C 122 20.14 12.81 1.87
N LEU C 123 19.65 11.79 2.56
CA LEU C 123 20.08 11.50 3.93
C LEU C 123 20.51 10.05 4.10
N ASP C 124 19.54 9.12 4.04
CA ASP C 124 19.77 7.73 4.40
C ASP C 124 21.02 7.18 3.71
N ARG C 125 21.06 7.26 2.37
CA ARG C 125 22.10 6.53 1.64
C ARG C 125 23.48 7.08 1.94
N HIS C 126 23.57 8.37 2.31
CA HIS C 126 24.84 8.91 2.77
C HIS C 126 25.10 8.57 4.23
N TYR C 127 24.05 8.56 5.06
CA TYR C 127 24.21 8.13 6.45
C TYR C 127 24.78 6.72 6.54
N TYR C 128 24.33 5.79 5.69
CA TYR C 128 24.83 4.42 5.75
C TYR C 128 26.30 4.33 5.38
N LYS C 129 26.78 5.25 4.54
CA LYS C 129 28.16 5.17 4.05
C LYS C 129 29.13 5.95 4.93
N ASN C 130 28.76 7.15 5.37
CA ASN C 130 29.57 7.90 6.33
C ASN C 130 28.66 8.71 7.25
N PRO C 131 28.23 8.12 8.38
CA PRO C 131 27.27 8.82 9.24
C PRO C 131 27.82 10.08 9.88
N LYS C 132 29.13 10.17 10.10
CA LYS C 132 29.71 11.29 10.81
C LYS C 132 30.09 12.45 9.91
N LYS C 133 30.06 12.25 8.60
CA LYS C 133 30.33 13.34 7.67
C LYS C 133 29.38 14.50 7.94
N THR C 134 29.90 15.72 7.83
CA THR C 134 29.07 16.91 8.04
C THR C 134 28.12 17.10 6.87
N ALA C 135 26.81 17.07 7.16
CA ALA C 135 25.80 17.38 6.16
C ALA C 135 25.59 18.89 6.02
N ILE C 136 25.43 19.59 7.14
CA ILE C 136 25.13 21.02 7.14
C ILE C 136 26.13 21.74 8.01
N ILE C 137 26.77 22.77 7.46
CA ILE C 137 27.46 23.78 8.24
C ILE C 137 26.42 24.82 8.62
N TYR C 138 25.98 24.78 9.88
CA TYR C 138 25.01 25.76 10.38
C TYR C 138 25.79 26.98 10.85
N GLU C 139 25.84 28.00 9.99
CA GLU C 139 26.49 29.26 10.33
C GLU C 139 25.42 30.15 10.97
N ALA C 140 25.37 30.15 12.30
CA ALA C 140 24.37 30.89 13.03
C ALA C 140 24.53 32.39 12.81
N ASP C 141 23.47 33.14 13.16
CA ASP C 141 23.54 34.60 13.10
C ASP C 141 24.74 35.12 13.88
N GLU C 142 25.00 34.56 15.06
CA GLU C 142 26.20 34.86 15.82
C GLU C 142 27.29 33.88 15.42
N PRO C 143 28.43 34.36 14.89
CA PRO C 143 29.45 33.41 14.38
C PRO C 143 29.86 32.35 15.37
N SER C 144 29.99 32.71 16.65
CA SER C 144 30.47 31.77 17.66
C SER C 144 29.48 30.63 17.94
N GLU C 145 28.20 30.82 17.63
CA GLU C 145 27.21 29.78 17.88
C GLU C 145 27.11 28.77 16.74
N SER C 146 28.00 28.85 15.76
CA SER C 146 27.96 27.92 14.65
C SER C 146 28.45 26.53 15.06
N ARG C 147 28.02 25.52 14.31
CA ARG C 147 28.49 24.16 14.51
C ARG C 147 28.13 23.33 13.28
N GLU C 148 28.75 22.15 13.19
CA GLU C 148 28.56 21.23 12.08
C GLU C 148 27.53 20.19 12.46
N VAL C 149 26.61 19.89 11.53
CA VAL C 149 25.52 18.95 11.74
C VAL C 149 25.73 17.76 10.79
N SER C 150 26.05 16.61 11.38
CA SER C 150 26.38 15.43 10.59
C SER C 150 25.15 14.83 9.91
N TYR C 151 25.41 13.97 8.93
CA TYR C 151 24.33 13.26 8.26
C TYR C 151 23.54 12.41 9.24
N GLU C 152 24.19 11.86 10.27
CA GLU C 152 23.49 11.06 11.25
C GLU C 152 22.51 11.93 12.05
N GLU C 153 23.00 13.05 12.58
CA GLU C 153 22.14 13.93 13.35
C GLU C 153 20.98 14.47 12.50
N LEU C 154 21.29 14.96 11.30
CA LEU C 154 20.24 15.51 10.43
C LEU C 154 19.20 14.45 10.11
N MET C 155 19.64 13.23 9.77
CA MET C 155 18.70 12.15 9.50
C MET C 155 17.86 11.81 10.73
N GLN C 156 18.48 11.79 11.91
CA GLN C 156 17.73 11.48 13.12
C GLN C 156 16.65 12.51 13.36
N GLU C 157 17.01 13.79 13.24
CA GLU C 157 16.02 14.84 13.46
C GLU C 157 14.92 14.80 12.39
N THR C 158 15.28 14.51 11.14
CA THR C 158 14.28 14.39 10.08
C THR C 158 13.29 13.27 10.38
N CYS C 159 13.77 12.11 10.85
CA CYS C 159 12.87 11.00 11.12
C CYS C 159 11.93 11.29 12.27
N ARG C 160 12.42 11.97 13.31
CA ARG C 160 11.56 12.31 14.45
C ARG C 160 10.44 13.22 14.00
N VAL C 161 10.78 14.28 13.26
CA VAL C 161 9.75 15.16 12.73
C VAL C 161 8.81 14.37 11.82
N ALA C 162 9.36 13.47 10.99
CA ALA C 162 8.47 12.67 10.15
C ALA C 162 7.49 11.90 11.01
N ASN C 163 7.99 11.28 12.09
CA ASN C 163 7.11 10.55 12.99
C ASN C 163 6.09 11.48 13.66
N VAL C 164 6.47 12.73 13.93
CA VAL C 164 5.52 13.69 14.51
C VAL C 164 4.39 13.97 13.53
N LEU C 165 4.74 14.28 12.28
CA LEU C 165 3.71 14.54 11.27
C LEU C 165 2.78 13.35 11.09
N LYS C 166 3.34 12.13 11.07
CA LYS C 166 2.49 10.93 10.97
C LYS C 166 1.52 10.86 12.13
N SER C 167 1.96 11.20 13.34
CA SER C 167 1.06 11.14 14.48
C SER C 167 -0.06 12.15 14.39
N TYR C 168 0.11 13.23 13.62
CA TYR C 168 -0.94 14.20 13.33
C TYR C 168 -1.86 13.74 12.20
N GLY C 169 -1.61 12.59 11.58
CA GLY C 169 -2.44 12.13 10.47
C GLY C 169 -2.07 12.67 9.12
N VAL C 170 -0.89 13.27 8.97
CA VAL C 170 -0.41 13.72 7.68
C VAL C 170 -0.17 12.50 6.80
N LYS C 171 -0.81 12.45 5.63
CA LYS C 171 -0.71 11.31 4.75
C LYS C 171 0.00 11.69 3.46
N LYS C 172 0.41 10.65 2.73
CA LYS C 172 0.95 10.83 1.39
C LYS C 172 0.04 11.74 0.55
N GLY C 173 0.61 12.80 0.01
CA GLY C 173 -0.14 13.73 -0.79
C GLY C 173 -0.70 14.92 -0.04
N ASP C 174 -0.61 14.94 1.29
CA ASP C 174 -1.08 16.10 2.05
C ASP C 174 -0.08 17.25 1.96
N ALA C 175 -0.61 18.45 1.79
CA ALA C 175 0.19 19.67 1.85
C ALA C 175 0.55 20.01 3.30
N VAL C 176 1.77 20.51 3.49
CA VAL C 176 2.25 20.94 4.80
C VAL C 176 2.98 22.26 4.62
N SER C 177 2.60 23.27 5.39
CA SER C 177 3.22 24.59 5.27
C SER C 177 4.41 24.71 6.20
N ILE C 178 5.45 25.37 5.72
CA ILE C 178 6.68 25.57 6.46
C ILE C 178 7.00 27.05 6.46
N TYR C 179 7.12 27.64 7.65
CA TYR C 179 7.43 29.06 7.81
C TYR C 179 8.63 29.15 8.73
N LEU C 180 9.83 28.99 8.17
CA LEU C 180 11.04 28.88 8.98
C LEU C 180 12.14 29.80 8.46
N PRO C 181 12.87 30.45 9.36
CA PRO C 181 14.07 31.18 8.92
C PRO C 181 15.24 30.22 8.66
N MET C 182 16.43 30.78 8.51
CA MET C 182 17.58 30.01 8.00
C MET C 182 18.34 29.35 9.15
N THR C 183 17.66 28.44 9.83
CA THR C 183 18.30 27.53 10.78
C THR C 183 18.31 26.14 10.16
N TRP C 184 19.28 25.32 10.59
CA TRP C 184 19.52 24.06 9.88
C TRP C 184 18.33 23.13 9.95
N GLN C 185 17.47 23.26 10.96
CA GLN C 185 16.32 22.37 11.04
C GLN C 185 15.33 22.57 9.90
N ALA C 186 15.41 23.69 9.17
CA ALA C 186 14.57 23.84 7.98
C ALA C 186 14.77 22.68 7.02
N ALA C 187 16.01 22.23 6.84
CA ALA C 187 16.24 21.07 5.98
C ALA C 187 15.55 19.84 6.51
N ALA C 188 15.55 19.65 7.84
CA ALA C 188 14.86 18.49 8.42
C ALA C 188 13.37 18.60 8.22
N ALA C 189 12.83 19.82 8.28
CA ALA C 189 11.42 20.06 8.02
C ALA C 189 11.04 19.71 6.59
N PHE C 190 11.80 20.23 5.62
CA PHE C 190 11.57 19.83 4.23
C PHE C 190 11.64 18.31 4.08
N LEU C 191 12.73 17.70 4.54
CA LEU C 191 12.95 16.30 4.24
C LEU C 191 12.01 15.39 5.03
N ALA C 192 11.56 15.83 6.20
CA ALA C 192 10.53 15.04 6.90
C ALA C 192 9.26 14.94 6.07
N CYS C 193 8.85 16.05 5.43
CA CYS C 193 7.71 16.02 4.52
C CYS C 193 7.95 15.10 3.34
N ALA C 194 9.10 15.24 2.67
CA ALA C 194 9.43 14.34 1.57
C ALA C 194 9.50 12.88 2.03
N ARG C 195 9.92 12.65 3.28
CA ARG C 195 10.13 11.26 3.75
C ARG C 195 8.82 10.48 3.75
N ILE C 196 7.73 11.11 4.22
CA ILE C 196 6.43 10.48 4.30
C ILE C 196 5.58 10.75 3.06
N GLY C 197 6.13 11.40 2.03
CA GLY C 197 5.39 11.75 0.83
C GLY C 197 4.45 12.94 0.93
N ALA C 198 4.56 13.74 1.99
CA ALA C 198 3.76 14.95 2.05
C ALA C 198 4.36 15.99 1.11
N ILE C 199 3.57 17.02 0.81
CA ILE C 199 3.96 18.08 -0.11
C ILE C 199 4.27 19.32 0.73
N HIS C 200 5.54 19.67 0.88
CA HIS C 200 5.81 20.84 1.68
C HIS C 200 5.61 22.12 0.86
N SER C 201 5.22 23.18 1.54
CA SER C 201 5.05 24.50 0.90
C SER C 201 5.74 25.51 1.79
N ALA C 202 6.99 25.86 1.46
CA ALA C 202 7.75 26.77 2.30
C ALA C 202 7.38 28.21 1.99
N VAL C 203 7.21 29.00 3.04
CA VAL C 203 6.86 30.40 2.95
C VAL C 203 8.04 31.20 3.49
N PHE C 204 8.59 32.08 2.65
CA PHE C 204 9.75 32.88 3.02
C PHE C 204 9.52 33.57 4.35
N ALA C 205 10.53 33.48 5.23
CA ALA C 205 10.45 34.06 6.56
C ALA C 205 10.34 35.57 6.54
N GLY C 206 10.56 36.22 5.39
CA GLY C 206 10.38 37.64 5.24
C GLY C 206 8.99 38.07 4.81
N PHE C 207 8.08 37.12 4.60
CA PHE C 207 6.69 37.46 4.29
C PHE C 207 5.93 37.85 5.54
N SER C 208 4.93 38.70 5.35
CA SER C 208 4.05 39.21 6.39
C SER C 208 2.94 38.22 6.73
N ALA C 209 2.12 38.58 7.72
CA ALA C 209 1.04 37.71 8.16
C ALA C 209 0.07 37.42 7.03
N GLU C 210 -0.34 38.46 6.30
CA GLU C 210 -1.28 38.30 5.20
C GLU C 210 -0.71 37.42 4.09
N SER C 211 0.57 37.63 3.73
CA SER C 211 1.19 36.80 2.71
C SER C 211 1.31 35.35 3.19
N LEU C 212 1.64 35.14 4.47
CA LEU C 212 1.65 33.79 5.01
C LEU C 212 0.25 33.19 4.98
N ARG C 213 -0.75 34.00 5.34
CA ARG C 213 -2.13 33.52 5.39
C ARG C 213 -2.61 33.05 4.02
N ASP C 214 -2.32 33.83 2.97
CA ASP C 214 -2.82 33.47 1.64
C ASP C 214 -2.18 32.18 1.13
N ARG C 215 -0.88 32.01 1.33
CA ARG C 215 -0.24 30.76 0.91
C ARG C 215 -0.73 29.57 1.74
N VAL C 216 -0.96 29.78 3.04
CA VAL C 216 -1.42 28.68 3.89
C VAL C 216 -2.83 28.25 3.51
N ASN C 217 -3.72 29.23 3.24
CA ASN C 217 -5.09 28.92 2.86
C ASN C 217 -5.19 28.33 1.47
N ASP C 218 -4.35 28.79 0.53
CA ASP C 218 -4.40 28.29 -0.84
C ASP C 218 -4.05 26.81 -0.92
N CYS C 219 -3.00 26.36 -0.22
CA CYS C 219 -2.63 24.95 -0.33
C CYS C 219 -3.49 24.03 0.55
N GLU C 220 -4.37 24.59 1.36
CA GLU C 220 -5.30 23.84 2.20
C GLU C 220 -4.58 22.86 3.13
N CYS C 221 -3.39 23.20 3.60
CA CYS C 221 -2.69 22.38 4.58
C CYS C 221 -3.42 22.39 5.93
N LYS C 222 -3.21 21.33 6.70
CA LYS C 222 -3.75 21.22 8.05
C LYS C 222 -2.68 21.32 9.12
N VAL C 223 -1.41 21.35 8.73
CA VAL C 223 -0.27 21.41 9.63
C VAL C 223 0.66 22.52 9.16
N LEU C 224 1.17 23.30 10.11
CA LEU C 224 2.17 24.35 9.88
C LEU C 224 3.37 24.10 10.77
N ILE C 225 4.57 24.30 10.22
CA ILE C 225 5.83 24.16 10.95
C ILE C 225 6.54 25.52 10.95
N THR C 226 6.85 26.02 12.14
CA THR C 226 7.41 27.36 12.28
C THR C 226 8.34 27.40 13.49
N THR C 227 8.91 28.57 13.76
CA THR C 227 9.77 28.81 14.91
C THR C 227 9.06 29.72 15.92
N ASP C 228 9.64 29.80 17.12
CA ASP C 228 9.17 30.79 18.08
C ASP C 228 9.60 32.19 17.66
N GLU C 229 10.86 32.35 17.30
CA GLU C 229 11.40 33.59 16.78
C GLU C 229 12.50 33.26 15.78
N GLY C 230 12.87 34.26 15.00
CA GLY C 230 14.04 34.17 14.15
C GLY C 230 15.12 35.14 14.59
N ARG C 231 16.36 34.89 14.14
CA ARG C 231 17.50 35.74 14.49
C ARG C 231 18.29 35.97 13.21
N ARG C 232 18.33 37.22 12.75
CA ARG C 232 18.99 37.55 11.49
C ARG C 232 19.59 38.93 11.61
N GLY C 233 20.88 39.04 11.25
CA GLY C 233 21.55 40.33 11.30
C GLY C 233 21.57 41.00 12.66
N GLY C 234 21.38 40.23 13.73
CA GLY C 234 21.32 40.80 15.06
C GLY C 234 19.93 41.19 15.52
N LYS C 235 18.90 40.94 14.72
CA LYS C 235 17.54 41.33 15.05
C LYS C 235 16.64 40.11 15.18
N THR C 236 15.54 40.29 15.90
CA THR C 236 14.54 39.26 16.13
C THR C 236 13.44 39.33 15.08
N ILE C 237 13.08 38.18 14.53
CA ILE C 237 11.90 38.01 13.69
C ILE C 237 10.84 37.33 14.54
N ALA C 238 9.72 38.02 14.77
CA ALA C 238 8.67 37.51 15.65
C ALA C 238 7.78 36.56 14.86
N THR C 239 8.35 35.40 14.51
CA THR C 239 7.67 34.47 13.61
C THR C 239 6.37 33.96 14.22
N LYS C 240 6.41 33.56 15.49
CA LYS C 240 5.20 33.00 16.10
C LYS C 240 4.11 34.05 16.23
N GLN C 241 4.50 35.29 16.49
CA GLN C 241 3.55 36.39 16.51
C GLN C 241 2.88 36.54 15.15
N ILE C 242 3.67 36.54 14.09
CA ILE C 242 3.13 36.68 12.74
C ILE C 242 2.25 35.47 12.40
N VAL C 243 2.69 34.27 12.79
CA VAL C 243 1.90 33.05 12.57
C VAL C 243 0.52 33.17 13.22
N ASP C 244 0.46 33.66 14.46
CA ASP C 244 -0.82 33.71 15.16
C ASP C 244 -1.79 34.70 14.50
N ALA C 245 -1.29 35.84 14.04
CA ALA C 245 -2.15 36.76 13.30
C ALA C 245 -2.58 36.14 11.99
N ALA C 246 -1.67 35.44 11.30
CA ALA C 246 -2.02 34.79 10.05
C ALA C 246 -3.14 33.77 10.23
N LEU C 247 -2.95 32.83 11.16
CA LEU C 247 -3.86 31.70 11.34
C LEU C 247 -5.22 32.12 11.88
N GLN C 248 -5.39 33.37 12.31
CA GLN C 248 -6.73 33.82 12.68
C GLN C 248 -7.72 33.68 11.54
N GLN C 249 -7.24 33.63 10.30
CA GLN C 249 -8.10 33.51 9.13
C GLN C 249 -7.71 32.30 8.30
N CYS C 250 -7.21 31.26 8.97
CA CYS C 250 -6.80 30.00 8.34
C CYS C 250 -7.57 28.87 8.99
N PRO C 251 -8.78 28.57 8.51
CA PRO C 251 -9.67 27.64 9.22
C PRO C 251 -9.28 26.20 9.14
N LEU C 252 -8.42 25.80 8.20
CA LEU C 252 -8.11 24.39 8.04
C LEU C 252 -6.90 23.94 8.86
N VAL C 253 -6.12 24.87 9.41
CA VAL C 253 -4.89 24.50 10.12
C VAL C 253 -5.25 23.95 11.50
N GLU C 254 -4.87 22.70 11.75
CA GLU C 254 -5.18 22.04 13.02
C GLU C 254 -4.00 21.94 13.96
N ASN C 255 -2.78 21.75 13.46
CA ASN C 255 -1.59 21.52 14.27
C ASN C 255 -0.46 22.44 13.85
N VAL C 256 0.22 23.05 14.83
CA VAL C 256 1.37 23.89 14.56
C VAL C 256 2.54 23.36 15.36
N LEU C 257 3.65 23.05 14.67
CA LEU C 257 4.86 22.55 15.30
C LEU C 257 5.83 23.71 15.36
N VAL C 258 6.25 24.08 16.57
CA VAL C 258 7.02 25.30 16.82
C VAL C 258 8.42 24.90 17.27
N LEU C 259 9.42 25.24 16.47
CA LEU C 259 10.82 25.05 16.84
C LEU C 259 11.25 26.10 17.86
N ARG C 260 12.00 25.68 18.87
CA ARG C 260 12.39 26.57 19.96
C ARG C 260 13.78 27.17 19.66
N ARG C 261 13.78 28.10 18.70
CA ARG C 261 15.05 28.65 18.22
C ARG C 261 15.69 29.60 19.23
N THR C 262 14.88 30.38 19.95
CA THR C 262 15.39 31.35 20.92
C THR C 262 14.95 31.10 22.35
N GLY C 263 13.86 30.36 22.57
CA GLY C 263 13.39 30.14 23.92
C GLY C 263 12.63 31.29 24.56
N ASN C 264 12.61 32.49 23.95
CA ASN C 264 11.86 33.62 24.49
C ASN C 264 10.37 33.32 24.54
N LYS C 265 9.67 33.98 25.46
CA LYS C 265 8.25 33.72 25.64
C LYS C 265 7.49 34.16 24.41
N VAL C 266 6.81 33.22 23.77
CA VAL C 266 5.90 33.49 22.66
C VAL C 266 4.57 32.85 23.02
N PRO C 267 3.45 33.38 22.52
CA PRO C 267 2.16 32.73 22.80
C PRO C 267 2.09 31.34 22.19
N MET C 268 1.36 30.46 22.87
CA MET C 268 1.13 29.10 22.41
C MET C 268 -0.33 28.76 22.65
N THR C 269 -1.01 28.29 21.61
CA THR C 269 -2.41 27.92 21.71
C THR C 269 -2.53 26.46 22.11
N GLU C 270 -3.31 26.21 23.17
CA GLU C 270 -3.44 24.85 23.69
C GLU C 270 -4.00 23.92 22.62
N GLY C 271 -3.52 22.70 22.59
CA GLY C 271 -3.96 21.72 21.59
C GLY C 271 -3.39 21.93 20.20
N ARG C 272 -3.54 23.14 19.65
CA ARG C 272 -3.06 23.45 18.32
C ARG C 272 -1.54 23.50 18.27
N ASP C 273 -0.91 24.12 19.26
CA ASP C 273 0.52 24.40 19.25
C ASP C 273 1.27 23.43 20.17
N LYS C 274 2.33 22.84 19.64
CA LYS C 274 3.20 21.94 20.39
C LYS C 274 4.64 22.30 20.11
N TRP C 275 5.51 22.08 21.09
CA TRP C 275 6.93 22.35 20.94
C TRP C 275 7.61 21.24 20.14
N TRP C 276 8.40 21.64 19.15
CA TRP C 276 9.17 20.70 18.33
C TRP C 276 9.95 19.69 19.18
N ASP C 277 10.75 20.18 20.13
CA ASP C 277 11.59 19.29 20.93
C ASP C 277 10.75 18.35 21.78
N GLU C 278 9.63 18.84 22.33
CA GLU C 278 8.80 17.99 23.17
C GLU C 278 8.09 16.92 22.36
N GLU C 279 7.70 17.25 21.12
CA GLU C 279 7.05 16.25 20.26
C GLU C 279 8.05 15.21 19.79
N CYS C 280 9.20 15.66 19.25
CA CYS C 280 10.20 14.74 18.73
C CYS C 280 10.72 13.78 19.81
N ALA C 281 10.77 14.22 21.08
CA ALA C 281 11.31 13.38 22.13
C ALA C 281 10.46 12.14 22.38
N LYS C 282 9.19 12.17 21.99
CA LYS C 282 8.30 11.02 22.15
C LYS C 282 8.47 10.01 21.03
N MET C 283 9.18 10.37 19.96
CA MET C 283 9.23 9.64 18.70
C MET C 283 10.55 8.90 18.52
N PRO C 284 10.54 7.79 17.77
CA PRO C 284 11.78 7.09 17.47
C PRO C 284 12.61 7.93 16.51
N ALA C 285 13.93 7.69 16.53
CA ALA C 285 14.82 8.43 15.65
C ALA C 285 15.04 7.72 14.31
N TYR C 286 14.20 6.76 13.95
CA TYR C 286 14.12 6.29 12.59
C TYR C 286 12.66 6.24 12.15
N CYS C 287 12.44 6.40 10.85
CA CYS C 287 11.14 6.36 10.25
C CYS C 287 11.30 5.77 8.85
N PRO C 288 10.48 4.82 8.43
CA PRO C 288 10.60 4.30 7.06
C PRO C 288 10.31 5.39 6.04
N CYS C 289 10.71 5.14 4.78
CA CYS C 289 10.48 6.06 3.67
C CYS C 289 9.27 5.63 2.86
N GLU C 290 8.35 6.55 2.61
CA GLU C 290 7.27 6.31 1.67
C GLU C 290 7.84 6.18 0.26
N ARG C 291 7.47 5.11 -0.42
CA ARG C 291 7.96 4.85 -1.78
C ARG C 291 7.15 5.68 -2.76
N MET C 292 7.76 6.68 -3.38
CA MET C 292 7.04 7.69 -4.16
C MET C 292 7.21 7.44 -5.65
N ALA C 293 6.13 7.54 -6.40
CA ALA C 293 6.26 7.57 -7.86
C ALA C 293 7.13 8.76 -8.27
N SER C 294 7.85 8.60 -9.39
CA SER C 294 8.63 9.70 -9.96
C SER C 294 7.83 11.00 -10.03
N GLU C 295 6.56 10.92 -10.42
CA GLU C 295 5.78 12.11 -10.71
C GLU C 295 4.88 12.52 -9.56
N ASP C 296 5.03 11.90 -8.39
CA ASP C 296 4.34 12.38 -7.21
C ASP C 296 4.85 13.79 -6.89
N PRO C 297 3.95 14.70 -6.49
CA PRO C 297 4.39 16.06 -6.19
C PRO C 297 5.34 16.07 -5.00
N LEU C 298 6.46 16.78 -5.18
CA LEU C 298 7.43 16.93 -4.12
C LEU C 298 7.17 18.19 -3.30
N PHE C 299 6.92 19.32 -3.96
CA PHE C 299 6.66 20.52 -3.18
C PHE C 299 5.90 21.55 -4.01
N ILE C 300 5.32 22.50 -3.29
CA ILE C 300 4.71 23.70 -3.84
C ILE C 300 5.59 24.88 -3.43
N LEU C 301 5.80 25.82 -4.35
CA LEU C 301 6.53 27.05 -4.05
C LEU C 301 5.76 28.19 -4.70
N TYR C 302 5.17 29.05 -3.88
CA TYR C 302 4.39 30.15 -4.43
C TYR C 302 5.32 31.21 -5.00
N THR C 303 5.06 31.60 -6.26
CA THR C 303 5.89 32.51 -7.04
C THR C 303 5.01 33.58 -7.65
N SER C 304 5.58 34.77 -7.85
CA SER C 304 4.87 35.91 -8.42
C SER C 304 4.91 35.87 -9.94
N GLY C 305 3.75 36.05 -10.57
CA GLY C 305 3.64 36.08 -12.01
C GLY C 305 3.27 37.47 -12.52
N SER C 306 3.28 37.61 -13.85
CA SER C 306 3.02 38.91 -14.47
C SER C 306 1.61 39.38 -14.17
N THR C 307 0.64 38.46 -14.15
CA THR C 307 -0.75 38.77 -13.86
C THR C 307 -1.25 37.84 -12.77
N GLY C 308 -2.04 38.41 -11.85
CA GLY C 308 -2.74 37.62 -10.86
C GLY C 308 -1.91 37.32 -9.62
N LYS C 309 -2.56 36.58 -8.71
CA LYS C 309 -1.98 36.31 -7.40
C LYS C 309 -0.87 35.26 -7.50
N PRO C 310 0.01 35.18 -6.49
CA PRO C 310 1.10 34.21 -6.55
C PRO C 310 0.60 32.78 -6.84
N LYS C 311 1.33 32.12 -7.73
CA LYS C 311 0.98 30.80 -8.23
C LYS C 311 1.80 29.73 -7.51
N GLY C 312 1.14 28.63 -7.17
CA GLY C 312 1.83 27.55 -6.49
C GLY C 312 2.58 26.63 -7.43
N VAL C 313 3.86 26.91 -7.66
CA VAL C 313 4.65 26.14 -8.61
C VAL C 313 4.94 24.77 -8.02
N VAL C 314 4.50 23.72 -8.72
CA VAL C 314 4.61 22.34 -8.25
C VAL C 314 5.75 21.65 -9.00
N HIS C 315 6.69 21.08 -8.27
CA HIS C 315 7.71 20.20 -8.85
C HIS C 315 7.47 18.76 -8.43
N SER C 316 7.73 17.82 -9.33
CA SER C 316 7.58 16.42 -8.97
C SER C 316 8.90 15.95 -8.38
N THR C 317 9.12 14.64 -8.34
CA THR C 317 10.16 14.09 -7.47
C THR C 317 11.42 13.67 -8.22
N ALA C 318 11.31 12.72 -9.15
CA ALA C 318 12.52 12.17 -9.76
C ALA C 318 13.22 13.19 -10.65
N GLY C 319 12.46 13.87 -11.52
CA GLY C 319 13.08 14.81 -12.44
C GLY C 319 13.72 15.99 -11.73
N TYR C 320 12.99 16.58 -10.77
CA TYR C 320 13.56 17.69 -10.01
C TYR C 320 14.86 17.28 -9.32
N LEU C 321 14.80 16.21 -8.51
CA LEU C 321 15.98 15.76 -7.78
C LEU C 321 17.14 15.47 -8.71
N LEU C 322 16.86 14.84 -9.86
CA LEU C 322 17.92 14.58 -10.82
C LEU C 322 18.51 15.88 -11.36
N GLY C 323 17.65 16.87 -11.61
CA GLY C 323 18.15 18.13 -12.14
C GLY C 323 19.00 18.89 -11.14
N THR C 324 18.55 18.93 -9.88
CA THR C 324 19.33 19.64 -8.87
C THR C 324 20.68 18.97 -8.64
N ALA C 325 20.74 17.64 -8.76
CA ALA C 325 21.98 16.92 -8.51
C ALA C 325 22.95 17.03 -9.68
N LEU C 326 22.45 16.94 -10.91
CA LEU C 326 23.35 17.04 -12.07
C LEU C 326 23.86 18.47 -12.24
N THR C 327 23.02 19.46 -11.95
CA THR C 327 23.47 20.84 -12.11
C THR C 327 24.51 21.20 -11.05
N LEU C 328 24.31 20.75 -9.82
CA LEU C 328 25.31 21.02 -8.80
C LEU C 328 26.64 20.35 -9.15
N LYS C 329 26.59 19.12 -9.67
CA LYS C 329 27.82 18.41 -9.98
C LYS C 329 28.61 19.09 -11.09
N TYR C 330 27.93 19.61 -12.10
CA TYR C 330 28.61 20.06 -13.30
C TYR C 330 28.77 21.58 -13.37
N VAL C 331 27.77 22.34 -12.94
CA VAL C 331 27.91 23.79 -12.96
C VAL C 331 28.93 24.25 -11.93
N PHE C 332 28.99 23.60 -10.78
CA PHE C 332 29.93 23.99 -9.73
C PHE C 332 31.10 23.03 -9.62
N ASP C 333 31.22 22.08 -10.54
CA ASP C 333 32.24 21.03 -10.51
C ASP C 333 32.42 20.48 -9.09
N ALA C 334 31.30 20.05 -8.51
CA ALA C 334 31.31 19.56 -7.14
C ALA C 334 32.03 18.23 -7.05
N HIS C 335 32.75 18.03 -5.96
CA HIS C 335 33.49 16.82 -5.66
C HIS C 335 33.17 16.37 -4.25
N PRO C 336 33.38 15.09 -3.92
CA PRO C 336 32.70 14.51 -2.74
C PRO C 336 33.06 15.16 -1.41
N ASP C 337 34.22 15.79 -1.30
CA ASP C 337 34.59 16.41 -0.03
C ASP C 337 34.41 17.92 -0.05
N ASP C 338 33.60 18.44 -0.97
CA ASP C 338 33.46 19.88 -1.13
C ASP C 338 32.55 20.45 -0.05
N ARG C 339 32.73 21.73 0.21
CA ARG C 339 31.96 22.46 1.21
C ARG C 339 31.28 23.60 0.47
N PHE C 340 30.12 23.29 -0.10
CA PHE C 340 29.39 24.21 -0.96
C PHE C 340 28.61 25.22 -0.12
N ALA C 341 28.84 26.50 -0.38
CA ALA C 341 28.24 27.58 0.40
C ALA C 341 27.30 28.41 -0.48
N CYS C 342 26.01 28.05 -0.45
CA CYS C 342 24.95 28.85 -1.07
C CYS C 342 24.35 29.74 0.00
N MET C 343 24.41 31.06 -0.22
CA MET C 343 24.00 32.05 0.77
C MET C 343 22.54 32.46 0.63
N ALA C 344 21.77 31.76 -0.20
CA ALA C 344 20.38 32.14 -0.45
C ALA C 344 19.51 31.75 0.74
N ASP C 345 18.18 31.84 0.57
CA ASP C 345 17.22 31.52 1.60
C ASP C 345 16.39 30.31 1.16
N ILE C 346 16.17 29.37 2.09
CA ILE C 346 15.41 28.17 1.75
C ILE C 346 13.96 28.48 1.38
N GLY C 347 13.48 29.69 1.65
CA GLY C 347 12.14 30.09 1.25
C GLY C 347 11.97 30.35 -0.22
N TRP C 348 13.05 30.31 -0.99
CA TRP C 348 13.00 30.53 -2.43
C TRP C 348 13.62 29.33 -3.16
N ILE C 349 13.53 29.36 -4.49
CA ILE C 349 13.89 28.15 -5.24
C ILE C 349 15.38 27.88 -5.16
N THR C 350 16.21 28.93 -5.00
CA THR C 350 17.65 28.75 -4.88
C THR C 350 17.99 27.99 -3.61
N GLY C 351 17.30 28.31 -2.50
CA GLY C 351 17.46 27.53 -1.30
C GLY C 351 16.98 26.11 -1.47
N HIS C 352 15.81 25.91 -2.11
CA HIS C 352 15.34 24.55 -2.34
C HIS C 352 16.36 23.73 -3.09
N SER C 353 16.88 24.26 -4.20
CA SER C 353 17.63 23.41 -5.12
C SER C 353 19.11 23.32 -4.73
N TYR C 354 19.70 24.41 -4.24
CA TYR C 354 21.14 24.47 -4.08
C TYR C 354 21.59 24.72 -2.66
N ILE C 355 20.71 24.62 -1.68
CA ILE C 355 21.10 24.43 -0.29
C ILE C 355 20.74 23.03 0.19
N ILE C 356 19.51 22.60 -0.07
CA ILE C 356 19.01 21.35 0.47
C ILE C 356 19.14 20.23 -0.56
N TYR C 357 18.32 20.26 -1.62
CA TYR C 357 18.15 19.06 -2.42
C TYR C 357 19.42 18.71 -3.22
N GLY C 358 19.94 19.66 -4.01
CA GLY C 358 21.16 19.44 -4.77
C GLY C 358 22.35 18.95 -3.95
N PRO C 359 22.80 19.75 -2.98
CA PRO C 359 24.01 19.35 -2.24
C PRO C 359 23.82 18.08 -1.43
N LEU C 360 22.67 17.89 -0.77
CA LEU C 360 22.47 16.68 0.01
C LEU C 360 22.28 15.45 -0.88
N ALA C 361 21.64 15.60 -2.04
CA ALA C 361 21.54 14.44 -2.93
C ALA C 361 22.92 13.98 -3.37
N ASN C 362 23.84 14.92 -3.61
CA ASN C 362 25.21 14.58 -3.95
C ASN C 362 26.02 14.10 -2.76
N GLY C 363 25.48 14.18 -1.55
CA GLY C 363 26.18 13.65 -0.39
C GLY C 363 27.34 14.48 0.07
N ILE C 364 27.37 15.77 -0.25
CA ILE C 364 28.49 16.60 0.18
C ILE C 364 28.02 17.50 1.32
N THR C 365 28.86 18.45 1.72
CA THR C 365 28.54 19.36 2.79
C THR C 365 27.93 20.65 2.24
N THR C 366 26.81 21.08 2.83
CA THR C 366 26.12 22.28 2.39
C THR C 366 25.98 23.26 3.55
N ALA C 367 25.99 24.55 3.23
CA ALA C 367 25.92 25.61 4.22
C ALA C 367 24.48 26.09 4.42
N VAL C 368 24.13 26.38 5.66
CA VAL C 368 22.88 27.04 6.01
C VAL C 368 23.27 28.31 6.75
N PHE C 369 23.14 29.44 6.06
CA PHE C 369 23.65 30.73 6.53
C PHE C 369 22.49 31.55 7.09
N GLU C 370 22.55 31.81 8.40
CA GLU C 370 21.45 32.45 9.10
C GLU C 370 21.53 33.98 9.15
N SER C 371 22.62 34.58 8.70
CA SER C 371 22.84 36.00 8.94
C SER C 371 22.68 36.80 7.64
N THR C 372 23.20 38.04 7.65
CA THR C 372 23.29 38.90 6.48
C THR C 372 24.74 39.06 6.06
N PRO C 373 25.00 39.50 4.81
CA PRO C 373 26.39 39.67 4.37
C PRO C 373 27.16 40.75 5.11
N VAL C 374 26.51 41.60 5.90
CA VAL C 374 27.17 42.72 6.54
C VAL C 374 27.04 42.67 8.07
N TYR C 375 26.66 41.52 8.63
CA TYR C 375 26.57 41.38 10.09
C TYR C 375 27.56 40.32 10.58
N PRO C 376 28.32 40.59 11.65
CA PRO C 376 28.38 41.86 12.39
C PRO C 376 28.97 43.01 11.57
N THR C 377 29.92 42.69 10.69
CA THR C 377 30.59 43.64 9.83
C THR C 377 30.51 43.13 8.40
N PRO C 378 30.83 43.98 7.40
CA PRO C 378 30.77 43.53 6.00
C PRO C 378 31.83 42.51 5.62
N SER C 379 32.61 42.01 6.58
CA SER C 379 33.59 40.97 6.30
C SER C 379 33.02 39.57 6.43
N ARG C 380 31.71 39.43 6.62
CA ARG C 380 31.14 38.17 7.08
C ARG C 380 31.32 37.06 6.07
N TYR C 381 31.06 37.33 4.78
CA TYR C 381 31.15 36.29 3.77
C TYR C 381 32.55 35.67 3.73
N TRP C 382 33.57 36.51 3.92
CA TRP C 382 34.94 36.04 3.78
C TRP C 382 35.49 35.44 5.07
N ASP C 383 35.03 35.92 6.24
CA ASP C 383 35.30 35.20 7.48
C ASP C 383 34.74 33.78 7.40
N PHE C 384 33.54 33.66 6.84
CA PHE C 384 32.91 32.35 6.68
C PHE C 384 33.76 31.45 5.78
N VAL C 385 34.18 31.97 4.63
CA VAL C 385 34.92 31.13 3.68
C VAL C 385 36.23 30.65 4.30
N ASP C 386 36.94 31.53 5.00
CA ASP C 386 38.21 31.15 5.60
C ASP C 386 38.00 30.20 6.78
N LYS C 387 36.97 30.43 7.59
CA LYS C 387 36.76 29.58 8.76
C LYS C 387 36.40 28.15 8.36
N TRP C 388 35.60 27.99 7.32
CA TRP C 388 35.12 26.67 6.92
C TRP C 388 35.83 26.10 5.70
N LYS C 389 36.73 26.85 5.07
CA LYS C 389 37.43 26.41 3.87
C LYS C 389 36.45 26.02 2.76
N ALA C 390 35.52 26.93 2.47
CA ALA C 390 34.51 26.67 1.46
C ALA C 390 35.13 26.53 0.08
N THR C 391 34.64 25.57 -0.69
CA THR C 391 35.12 25.33 -2.05
C THR C 391 34.30 26.02 -3.12
N GLN C 392 33.02 26.29 -2.88
CA GLN C 392 32.21 27.09 -3.79
C GLN C 392 31.40 28.09 -2.99
N LEU C 393 31.20 29.27 -3.55
CA LEU C 393 30.32 30.28 -2.97
C LEU C 393 29.29 30.69 -4.02
N TYR C 394 28.04 30.81 -3.59
CA TYR C 394 26.91 30.99 -4.49
C TYR C 394 26.00 32.05 -3.90
N THR C 395 25.91 33.20 -4.56
CA THR C 395 25.13 34.31 -4.04
C THR C 395 24.56 35.09 -5.22
N ALA C 396 23.77 36.12 -4.90
CA ALA C 396 23.13 37.03 -5.82
C ALA C 396 24.06 38.21 -6.12
N PRO C 397 23.99 38.75 -7.33
CA PRO C 397 24.78 39.96 -7.63
C PRO C 397 24.51 41.12 -6.68
N THR C 398 23.30 41.22 -6.15
CA THR C 398 22.99 42.28 -5.19
C THR C 398 23.83 42.16 -3.92
N ALA C 399 24.00 40.94 -3.42
CA ALA C 399 24.86 40.76 -2.24
C ALA C 399 26.27 41.22 -2.54
N ILE C 400 26.81 40.84 -3.70
CA ILE C 400 28.15 41.28 -4.06
C ILE C 400 28.21 42.78 -4.16
N ARG C 401 27.19 43.39 -4.79
CA ARG C 401 27.14 44.85 -4.88
C ARG C 401 27.13 45.49 -3.51
N LEU C 402 26.38 44.92 -2.56
CA LEU C 402 26.33 45.48 -1.22
C LEU C 402 27.71 45.47 -0.56
N LEU C 403 28.45 44.37 -0.74
CA LEU C 403 29.80 44.29 -0.18
C LEU C 403 30.77 45.23 -0.88
N ARG C 404 30.51 45.57 -2.15
CA ARG C 404 31.34 46.53 -2.86
C ARG C 404 31.16 47.94 -2.29
N ARG C 405 29.96 48.28 -1.85
CA ARG C 405 29.72 49.57 -1.21
C ARG C 405 30.48 49.72 0.10
N MET C 406 31.00 48.63 0.66
CA MET C 406 31.65 48.66 1.97
C MET C 406 33.17 48.70 1.87
N GLY C 407 33.72 48.99 0.69
CA GLY C 407 35.15 49.15 0.54
C GLY C 407 35.94 47.86 0.50
N GLU C 408 37.05 47.86 -0.23
CA GLU C 408 37.87 46.67 -0.41
C GLU C 408 38.65 46.27 0.85
N ASP C 409 38.49 46.99 1.96
CA ASP C 409 39.20 46.62 3.18
C ASP C 409 38.76 45.27 3.74
N HIS C 410 37.56 44.81 3.39
CA HIS C 410 37.00 43.62 4.01
C HIS C 410 37.28 42.34 3.24
N VAL C 411 37.76 42.43 2.01
CA VAL C 411 38.01 41.24 1.20
C VAL C 411 39.50 41.00 0.97
N LYS C 412 40.30 42.05 0.88
CA LYS C 412 41.72 41.88 0.56
C LYS C 412 42.51 41.28 1.71
N ASN C 413 42.02 41.39 2.94
CA ASN C 413 42.71 40.85 4.10
C ASN C 413 42.31 39.41 4.41
N HIS C 414 42.04 38.60 3.40
CA HIS C 414 41.59 37.23 3.60
C HIS C 414 42.34 36.29 2.67
N ASP C 415 42.30 35.01 3.02
CA ASP C 415 42.88 33.93 2.23
C ASP C 415 42.00 33.63 1.01
N LEU C 416 40.93 32.87 1.24
CA LEU C 416 39.93 32.50 0.24
C LEU C 416 40.46 31.50 -0.79
N SER C 417 41.67 30.97 -0.60
CA SER C 417 42.26 30.05 -1.58
C SER C 417 41.46 28.77 -1.72
N SER C 418 40.62 28.43 -0.75
CA SER C 418 39.82 27.21 -0.82
C SER C 418 38.77 27.27 -1.92
N LEU C 419 38.37 28.47 -2.34
CA LEU C 419 37.34 28.63 -3.35
C LEU C 419 37.86 28.23 -4.73
N ARG C 420 37.03 27.55 -5.50
CA ARG C 420 37.31 27.24 -6.88
C ARG C 420 36.30 27.84 -7.85
N VAL C 421 35.04 27.96 -7.44
CA VAL C 421 33.97 28.45 -8.31
C VAL C 421 33.18 29.52 -7.55
N LEU C 422 32.91 30.64 -8.22
CA LEU C 422 32.09 31.71 -7.67
C LEU C 422 30.82 31.84 -8.51
N GLY C 423 29.68 31.56 -7.89
CA GLY C 423 28.41 31.52 -8.59
C GLY C 423 27.58 32.77 -8.34
N SER C 424 26.83 33.16 -9.36
CA SER C 424 25.96 34.33 -9.30
C SER C 424 24.61 34.00 -9.92
N VAL C 425 23.53 34.37 -9.24
CA VAL C 425 22.19 33.97 -9.66
C VAL C 425 21.18 35.03 -9.24
N GLY C 426 20.10 35.15 -10.04
CA GLY C 426 18.91 35.85 -9.64
C GLY C 426 18.61 37.11 -10.42
N GLU C 427 19.59 37.64 -11.13
CA GLU C 427 19.48 38.93 -11.78
C GLU C 427 20.71 39.14 -12.65
N PRO C 428 20.65 40.06 -13.61
CA PRO C 428 21.85 40.36 -14.40
C PRO C 428 22.98 40.84 -13.50
N ILE C 429 24.20 40.44 -13.85
CA ILE C 429 25.38 40.85 -13.11
C ILE C 429 26.14 41.86 -13.97
N ASN C 430 26.20 43.11 -13.51
CA ASN C 430 26.83 44.17 -14.27
C ASN C 430 28.33 43.90 -14.37
N PRO C 431 28.98 44.36 -15.44
CA PRO C 431 30.43 44.13 -15.57
C PRO C 431 31.24 44.66 -14.41
N GLU C 432 30.82 45.76 -13.79
CA GLU C 432 31.56 46.29 -12.65
C GLU C 432 31.52 45.32 -11.47
N ALA C 433 30.39 44.63 -11.30
CA ALA C 433 30.26 43.64 -10.22
C ALA C 433 30.94 42.33 -10.56
N TRP C 434 30.91 41.93 -11.84
CA TRP C 434 31.59 40.70 -12.26
C TRP C 434 33.09 40.77 -11.98
N HIS C 435 33.72 41.89 -12.35
CA HIS C 435 35.16 42.05 -12.13
C HIS C 435 35.49 42.11 -10.64
N TRP C 436 34.76 42.95 -9.89
CA TRP C 436 34.93 43.00 -8.44
C TRP C 436 34.85 41.61 -7.81
N TYR C 437 33.79 40.88 -8.16
CA TYR C 437 33.65 39.50 -7.69
C TYR C 437 34.84 38.65 -8.08
N ASN C 438 35.30 38.78 -9.34
CA ASN C 438 36.39 37.96 -9.84
C ASN C 438 37.74 38.44 -9.31
N ASP C 439 38.02 39.73 -9.44
CA ASP C 439 39.34 40.25 -9.06
C ASP C 439 39.59 40.09 -7.56
N PHE C 440 38.56 40.28 -6.72
CA PHE C 440 38.73 40.25 -5.27
C PHE C 440 38.46 38.85 -4.71
N ALA C 441 37.17 38.46 -4.65
CA ALA C 441 36.81 37.18 -4.06
C ALA C 441 37.37 35.99 -4.83
N GLY C 442 37.77 36.19 -6.09
CA GLY C 442 38.38 35.14 -6.86
C GLY C 442 39.89 35.25 -6.91
N LYS C 443 40.41 36.47 -6.68
CA LYS C 443 41.84 36.76 -6.81
C LYS C 443 42.33 36.33 -8.19
N ASN C 444 41.46 36.50 -9.19
CA ASN C 444 41.72 36.07 -10.57
C ASN C 444 42.07 34.58 -10.63
N GLN C 445 41.49 33.79 -9.74
CA GLN C 445 41.79 32.37 -9.65
C GLN C 445 40.56 31.47 -9.59
N CYS C 446 39.36 32.03 -9.39
CA CYS C 446 38.14 31.25 -9.38
C CYS C 446 37.37 31.46 -10.67
N ALA C 447 36.74 30.39 -11.16
CA ALA C 447 35.83 30.54 -12.28
C ALA C 447 34.54 31.20 -11.82
N ILE C 448 33.95 32.01 -12.69
CA ILE C 448 32.72 32.72 -12.39
C ILE C 448 31.61 32.07 -13.21
N VAL C 449 30.64 31.45 -12.54
CA VAL C 449 29.51 30.86 -13.22
C VAL C 449 28.31 31.77 -12.97
N ASP C 450 27.90 32.48 -14.02
CA ASP C 450 26.66 33.24 -14.01
C ASP C 450 25.55 32.29 -14.41
N THR C 451 24.63 32.02 -13.48
CA THR C 451 23.67 30.94 -13.62
C THR C 451 22.28 31.51 -13.81
N TYR C 452 21.68 31.23 -14.96
CA TYR C 452 20.34 31.69 -15.27
C TYR C 452 19.35 30.53 -15.18
N TRP C 453 18.24 30.77 -14.50
CA TRP C 453 17.14 29.83 -14.42
C TRP C 453 16.01 30.55 -13.69
N MET C 454 14.95 29.80 -13.40
CA MET C 454 13.72 30.32 -12.82
C MET C 454 13.15 29.27 -11.88
N THR C 455 12.19 29.71 -11.07
CA THR C 455 11.49 28.78 -10.20
C THR C 455 10.91 27.62 -10.99
N GLU C 456 10.28 27.91 -12.13
CA GLU C 456 9.62 26.91 -12.94
C GLU C 456 10.58 25.96 -13.63
N THR C 457 11.88 26.28 -13.67
CA THR C 457 12.82 25.40 -14.36
C THR C 457 13.45 24.36 -13.44
N GLY C 458 13.28 24.50 -12.13
CA GLY C 458 13.80 23.53 -11.17
C GLY C 458 15.29 23.61 -10.88
N SER C 459 16.11 23.66 -11.93
CA SER C 459 17.56 23.68 -11.81
C SER C 459 18.10 24.66 -12.85
N ILE C 460 19.42 24.84 -12.85
CA ILE C 460 20.05 25.86 -13.68
C ILE C 460 19.83 25.56 -15.16
N SER C 461 19.44 26.58 -15.92
CA SER C 461 19.13 26.47 -17.34
C SER C 461 20.30 26.83 -18.24
N ILE C 462 20.97 27.95 -17.96
CA ILE C 462 22.08 28.44 -18.78
C ILE C 462 23.17 28.90 -17.83
N ALA C 463 24.38 28.41 -18.06
CA ALA C 463 25.53 28.73 -17.23
C ALA C 463 26.79 28.23 -17.91
N PRO C 464 27.95 28.82 -17.63
CA PRO C 464 29.20 28.21 -18.11
C PRO C 464 29.59 27.03 -17.24
N LEU C 465 30.17 26.02 -17.87
CA LEU C 465 30.74 24.92 -17.11
C LEU C 465 32.19 25.28 -16.78
N PRO C 466 32.57 25.34 -15.50
CA PRO C 466 33.75 26.12 -15.12
C PRO C 466 35.08 25.51 -15.53
N GLY C 467 35.10 24.31 -16.09
CA GLY C 467 36.33 23.71 -16.52
C GLY C 467 36.46 23.66 -18.03
N ALA C 468 35.48 24.23 -18.73
CA ALA C 468 35.42 24.14 -20.18
C ALA C 468 35.13 25.47 -20.87
N ILE C 469 34.25 26.29 -20.31
CA ILE C 469 33.74 27.49 -20.95
C ILE C 469 34.54 28.70 -20.48
N SER C 470 34.96 29.54 -21.42
CA SER C 470 35.58 30.82 -21.09
C SER C 470 34.50 31.88 -20.92
N THR C 471 34.65 32.71 -19.89
CA THR C 471 33.57 33.57 -19.44
C THR C 471 33.65 34.95 -20.07
N LYS C 472 32.47 35.50 -20.38
CA LYS C 472 32.31 36.90 -20.72
C LYS C 472 31.48 37.58 -19.65
N PRO C 473 31.99 38.67 -19.03
CA PRO C 473 31.23 39.31 -17.94
C PRO C 473 29.81 39.67 -18.34
N GLY C 474 28.83 39.10 -17.64
CA GLY C 474 27.44 39.36 -17.92
C GLY C 474 26.74 38.32 -18.77
N SER C 475 27.48 37.39 -19.37
CA SER C 475 26.90 36.33 -20.18
C SER C 475 26.77 35.04 -19.38
N ALA C 476 25.61 34.40 -19.51
CA ALA C 476 25.42 33.06 -18.98
C ALA C 476 25.95 31.98 -19.92
N THR C 477 26.40 32.36 -21.12
CA THR C 477 27.05 31.49 -22.09
C THR C 477 26.11 30.43 -22.65
N PHE C 478 26.30 29.15 -22.27
CA PHE C 478 25.73 28.05 -23.02
C PHE C 478 24.68 27.29 -22.21
N PRO C 479 23.68 26.72 -22.89
CA PRO C 479 22.62 26.01 -22.18
C PRO C 479 23.13 24.71 -21.55
N PHE C 480 22.51 24.35 -20.43
CA PHE C 480 22.90 23.15 -19.72
C PHE C 480 22.31 21.90 -20.37
N PHE C 481 22.88 20.75 -20.02
CA PHE C 481 22.39 19.45 -20.48
C PHE C 481 20.88 19.38 -20.41
N GLY C 482 20.26 18.91 -21.49
CA GLY C 482 18.82 18.79 -21.58
C GLY C 482 18.09 20.08 -21.88
N MET C 483 18.80 21.19 -22.09
CA MET C 483 18.19 22.49 -22.35
C MET C 483 18.48 22.87 -23.79
N ASP C 484 17.46 22.80 -24.64
CA ASP C 484 17.52 23.23 -26.04
C ASP C 484 16.73 24.53 -26.13
N VAL C 485 17.43 25.65 -26.18
CA VAL C 485 16.81 26.97 -26.11
C VAL C 485 16.90 27.64 -27.48
N ASP C 486 16.09 28.68 -27.65
CA ASP C 486 16.00 29.38 -28.92
C ASP C 486 15.50 30.79 -28.66
N ILE C 487 15.66 31.64 -29.67
CA ILE C 487 15.22 33.02 -29.65
C ILE C 487 14.10 33.17 -30.67
N ILE C 488 12.95 33.68 -30.23
CA ILE C 488 11.80 33.88 -31.11
C ILE C 488 11.54 35.39 -31.23
N ASP C 489 11.32 35.84 -32.45
CA ASP C 489 10.79 37.18 -32.67
C ASP C 489 9.37 37.26 -32.11
N PRO C 490 9.10 38.07 -31.09
CA PRO C 490 7.74 38.11 -30.53
C PRO C 490 6.69 38.63 -31.51
N GLN C 491 7.05 39.60 -32.35
CA GLN C 491 6.10 40.12 -33.34
C GLN C 491 5.88 39.15 -34.50
N THR C 492 6.58 38.02 -34.52
CA THR C 492 6.49 37.03 -35.59
C THR C 492 6.02 35.67 -35.10
N GLY C 493 6.54 35.21 -33.96
CA GLY C 493 6.25 33.88 -33.49
C GLY C 493 7.21 32.83 -34.00
N GLN C 494 8.13 33.19 -34.89
CA GLN C 494 9.07 32.26 -35.48
C GLN C 494 10.45 32.41 -34.87
N VAL C 495 11.23 31.33 -34.93
CA VAL C 495 12.56 31.30 -34.33
C VAL C 495 13.53 32.15 -35.14
N LEU C 496 14.33 32.95 -34.46
CA LEU C 496 15.42 33.72 -35.07
C LEU C 496 16.68 32.85 -35.03
N GLU C 497 16.99 32.21 -36.15
CA GLU C 497 18.11 31.29 -36.20
C GLU C 497 19.43 32.06 -36.37
N GLY C 498 20.53 31.36 -36.11
CA GLY C 498 21.85 31.94 -36.28
C GLY C 498 22.35 32.67 -35.05
N ASN C 499 23.23 33.65 -35.26
CA ASN C 499 23.81 34.46 -34.20
C ASN C 499 23.54 35.93 -34.48
N ASP C 500 23.88 36.76 -33.50
CA ASP C 500 23.62 38.21 -33.55
C ASP C 500 22.13 38.49 -33.77
N VAL C 501 21.32 37.95 -32.87
CA VAL C 501 19.87 38.06 -32.92
C VAL C 501 19.34 38.36 -31.51
N GLU C 502 18.14 38.93 -31.46
CA GLU C 502 17.53 39.28 -30.18
C GLU C 502 16.02 39.07 -30.24
N GLY C 503 15.45 38.62 -29.12
CA GLY C 503 14.02 38.39 -29.01
C GLY C 503 13.64 37.86 -27.63
N VAL C 504 12.68 36.94 -27.56
CA VAL C 504 12.29 36.32 -26.30
C VAL C 504 12.85 34.91 -26.24
N LEU C 505 13.28 34.51 -25.04
CA LEU C 505 13.86 33.20 -24.83
C LEU C 505 12.76 32.17 -24.65
N VAL C 506 12.88 31.06 -25.38
CA VAL C 506 11.96 29.93 -25.26
C VAL C 506 12.79 28.64 -25.18
N ALA C 507 12.12 27.55 -24.83
CA ALA C 507 12.73 26.24 -24.76
C ALA C 507 12.04 25.31 -25.75
N ARG C 508 12.85 24.57 -26.52
CA ARG C 508 12.30 23.72 -27.57
C ARG C 508 11.54 22.50 -27.01
N ARG C 509 12.09 21.84 -25.98
CA ARG C 509 11.55 20.58 -25.48
C ARG C 509 11.59 20.53 -23.96
N PRO C 510 10.75 19.68 -23.35
CA PRO C 510 10.77 19.55 -21.89
C PRO C 510 12.08 19.00 -21.35
N TRP C 511 12.41 19.38 -20.13
CA TRP C 511 13.58 18.88 -19.41
C TRP C 511 13.14 18.27 -18.09
N PRO C 512 13.96 17.40 -17.50
CA PRO C 512 13.47 16.63 -16.35
C PRO C 512 12.96 17.48 -15.19
N SER C 513 13.58 18.63 -14.91
CA SER C 513 13.26 19.35 -13.68
C SER C 513 12.21 20.44 -13.89
N ILE C 514 11.50 20.44 -15.01
CA ILE C 514 10.54 21.51 -15.29
C ILE C 514 9.35 21.36 -14.37
N ALA C 515 8.76 22.48 -13.96
CA ALA C 515 7.57 22.41 -13.13
C ALA C 515 6.45 21.72 -13.89
N ARG C 516 5.69 20.87 -13.18
CA ARG C 516 4.66 20.07 -13.82
C ARG C 516 3.30 20.75 -13.85
N THR C 517 3.01 21.66 -12.93
CA THR C 517 1.71 22.32 -12.90
C THR C 517 1.81 23.52 -11.98
N VAL C 518 0.71 24.27 -11.91
CA VAL C 518 0.47 25.28 -10.88
C VAL C 518 -0.66 24.73 -10.03
N TYR C 519 -0.46 24.75 -8.71
CA TYR C 519 -1.27 23.94 -7.79
C TYR C 519 -2.76 24.24 -7.92
N ARG C 520 -3.53 23.25 -8.33
CA ARG C 520 -4.98 23.37 -8.51
C ARG C 520 -5.36 24.51 -9.46
N ASP C 521 -4.45 24.92 -10.34
CA ASP C 521 -4.72 25.96 -11.31
C ASP C 521 -3.91 25.67 -12.58
N HIS C 522 -4.08 24.46 -13.11
CA HIS C 522 -3.35 24.05 -14.30
C HIS C 522 -3.64 24.93 -15.53
N LYS C 523 -4.82 25.56 -15.59
CA LYS C 523 -5.11 26.43 -16.73
C LYS C 523 -4.17 27.64 -16.75
N ARG C 524 -3.92 28.24 -15.58
CA ARG C 524 -2.95 29.33 -15.51
C ARG C 524 -1.57 28.87 -15.95
N TYR C 525 -1.23 27.61 -15.69
CA TYR C 525 0.07 27.08 -16.05
C TYR C 525 0.22 26.99 -17.56
N LEU C 526 -0.78 26.41 -18.24
CA LEU C 526 -0.73 26.37 -19.69
C LEU C 526 -0.77 27.78 -20.29
N GLU C 527 -1.62 28.66 -19.75
CA GLU C 527 -1.76 30.00 -20.31
C GLU C 527 -0.47 30.79 -20.23
N THR C 528 0.19 30.74 -19.07
CA THR C 528 1.37 31.57 -18.85
C THR C 528 2.56 31.05 -19.64
N TYR C 529 2.79 29.73 -19.63
CA TYR C 529 4.04 29.17 -20.11
C TYR C 529 3.94 28.47 -21.45
N MET C 530 2.77 27.92 -21.79
CA MET C 530 2.65 27.01 -22.92
C MET C 530 1.86 27.59 -24.07
N LYS C 531 1.01 28.59 -23.82
CA LYS C 531 0.15 29.19 -24.84
C LYS C 531 0.85 30.21 -25.75
N PRO C 532 1.65 31.15 -25.22
CA PRO C 532 2.12 32.26 -26.07
C PRO C 532 2.89 31.82 -27.30
N TYR C 533 3.65 30.73 -27.21
CA TYR C 533 4.39 30.20 -28.35
C TYR C 533 4.19 28.68 -28.35
N PRO C 534 3.23 28.20 -29.12
CA PRO C 534 2.86 26.78 -29.04
C PRO C 534 3.99 25.87 -29.48
N GLY C 535 4.16 24.78 -28.75
CA GLY C 535 5.30 23.91 -28.94
C GLY C 535 6.52 24.30 -28.14
N TYR C 536 6.53 25.48 -27.57
CA TYR C 536 7.67 25.98 -26.82
C TYR C 536 7.25 26.31 -25.39
N PHE C 537 8.25 26.40 -24.52
CA PHE C 537 8.08 26.92 -23.18
C PHE C 537 8.58 28.36 -23.15
N PHE C 538 7.78 29.25 -22.58
CA PHE C 538 8.04 30.68 -22.58
C PHE C 538 8.57 31.11 -21.21
N PHE C 539 9.88 31.37 -21.12
CA PHE C 539 10.48 31.78 -19.85
C PHE C 539 9.90 33.10 -19.36
N GLY C 540 9.67 34.05 -20.28
CA GLY C 540 9.26 35.39 -19.93
C GLY C 540 10.38 36.41 -19.96
N ASP C 541 11.59 36.01 -20.34
CA ASP C 541 12.75 36.90 -20.39
C ASP C 541 13.10 37.21 -21.83
N GLY C 542 13.57 38.44 -22.05
CA GLY C 542 14.24 38.77 -23.31
C GLY C 542 15.68 38.28 -23.29
N ALA C 543 16.19 37.98 -24.49
CA ALA C 543 17.54 37.45 -24.58
C ALA C 543 18.10 37.70 -25.97
N ALA C 544 19.43 37.79 -26.05
CA ALA C 544 20.15 37.96 -27.30
C ALA C 544 21.30 36.97 -27.37
N ARG C 545 21.74 36.68 -28.60
CA ARG C 545 22.82 35.73 -28.86
C ARG C 545 23.86 36.44 -29.70
N ASP C 546 25.07 36.61 -29.17
CA ASP C 546 26.09 37.40 -29.83
C ASP C 546 26.71 36.60 -30.98
N TYR C 547 27.81 37.12 -31.53
CA TYR C 547 28.41 36.50 -32.70
C TYR C 547 29.03 35.14 -32.38
N ASP C 548 29.49 34.94 -31.14
CA ASP C 548 30.15 33.69 -30.75
C ASP C 548 29.20 32.69 -30.11
N GLY C 549 27.89 32.90 -30.26
CA GLY C 549 26.91 32.00 -29.68
C GLY C 549 26.69 32.15 -28.20
N TYR C 550 27.31 33.15 -27.56
CA TYR C 550 27.11 33.39 -26.15
C TYR C 550 25.73 33.99 -25.91
N MET C 551 24.98 33.42 -24.96
CA MET C 551 23.66 33.92 -24.64
C MET C 551 23.76 35.07 -23.65
N TRP C 552 22.93 36.09 -23.86
CA TRP C 552 22.85 37.26 -22.99
C TRP C 552 21.42 37.44 -22.54
N ILE C 553 21.18 37.34 -21.23
CA ILE C 553 19.84 37.44 -20.68
C ILE C 553 19.50 38.90 -20.46
N LYS C 554 18.45 39.37 -21.14
CA LYS C 554 18.14 40.79 -21.21
C LYS C 554 17.10 41.23 -20.18
N GLY C 555 16.32 40.31 -19.64
CA GLY C 555 15.36 40.66 -18.61
C GLY C 555 13.93 40.37 -19.04
N ARG C 556 13.03 40.56 -18.09
CA ARG C 556 11.63 40.20 -18.28
C ARG C 556 10.98 41.06 -19.37
N VAL C 557 10.11 40.43 -20.16
CA VAL C 557 9.28 41.16 -21.11
C VAL C 557 7.88 41.40 -20.60
N ASP C 558 7.52 40.83 -19.45
CA ASP C 558 6.23 41.06 -18.82
C ASP C 558 6.42 42.06 -17.66
N ASP C 559 5.49 42.07 -16.70
CA ASP C 559 5.50 43.04 -15.61
C ASP C 559 6.10 42.45 -14.32
N VAL C 560 7.03 41.52 -14.44
CA VAL C 560 7.76 40.97 -13.30
C VAL C 560 9.08 41.73 -13.15
N ILE C 561 9.34 42.20 -11.93
CA ILE C 561 10.57 42.94 -11.63
C ILE C 561 11.40 42.12 -10.65
N ASN C 562 12.70 42.40 -10.64
CA ASN C 562 13.65 41.69 -9.78
C ASN C 562 14.44 42.71 -8.97
N VAL C 563 14.26 42.70 -7.65
CA VAL C 563 14.96 43.61 -6.76
C VAL C 563 15.71 42.77 -5.74
N SER C 564 17.05 42.79 -5.83
CA SER C 564 17.93 42.05 -4.92
C SER C 564 17.76 40.54 -5.06
N GLY C 565 17.62 40.07 -6.30
CA GLY C 565 17.37 38.65 -6.53
C GLY C 565 16.00 38.18 -6.16
N HIS C 566 15.13 39.07 -5.68
CA HIS C 566 13.75 38.74 -5.33
C HIS C 566 12.81 39.13 -6.46
N ARG C 567 11.84 38.27 -6.72
CA ARG C 567 11.01 38.33 -7.92
C ARG C 567 9.63 38.86 -7.54
N LEU C 568 9.35 40.11 -7.91
CA LEU C 568 8.09 40.75 -7.59
C LEU C 568 7.37 41.18 -8.86
N SER C 569 6.05 41.15 -8.83
CA SER C 569 5.23 41.67 -9.92
C SER C 569 4.74 43.07 -9.56
N THR C 570 4.81 43.98 -10.54
CA THR C 570 4.36 45.34 -10.30
C THR C 570 2.87 45.40 -9.94
N ALA C 571 2.07 44.42 -10.37
CA ALA C 571 0.65 44.41 -10.04
C ALA C 571 0.42 44.15 -8.55
N GLU C 572 1.26 43.32 -7.93
CA GLU C 572 1.11 43.04 -6.51
C GLU C 572 1.41 44.28 -5.67
N VAL C 573 2.49 44.99 -6.00
CA VAL C 573 2.82 46.22 -5.29
C VAL C 573 1.74 47.27 -5.53
N GLU C 574 1.25 47.37 -6.77
CA GLU C 574 0.18 48.30 -7.07
C GLU C 574 -1.08 47.97 -6.25
N SER C 575 -1.44 46.68 -6.19
CA SER C 575 -2.62 46.27 -5.42
C SER C 575 -2.43 46.56 -3.94
N ALA C 576 -1.21 46.36 -3.43
CA ALA C 576 -0.92 46.68 -2.04
C ALA C 576 -1.14 48.16 -1.76
N LEU C 577 -0.60 49.03 -2.61
CA LEU C 577 -0.76 50.47 -2.43
C LEU C 577 -2.22 50.90 -2.60
N ILE C 578 -2.94 50.30 -3.55
CA ILE C 578 -4.30 50.75 -3.85
C ILE C 578 -5.23 50.52 -2.65
N LEU C 579 -4.92 49.54 -1.81
CA LEU C 579 -5.75 49.20 -0.66
C LEU C 579 -5.63 50.20 0.49
N HIS C 580 -4.62 51.05 0.49
CA HIS C 580 -4.49 52.06 1.53
C HIS C 580 -5.58 53.11 1.38
N LYS C 581 -6.23 53.46 2.49
CA LYS C 581 -7.33 54.41 2.46
C LYS C 581 -6.86 55.76 1.94
N GLY C 582 -7.44 56.20 0.82
CA GLY C 582 -7.11 57.46 0.20
C GLY C 582 -6.51 57.36 -1.18
N VAL C 583 -5.95 56.21 -1.54
CA VAL C 583 -5.31 56.04 -2.84
C VAL C 583 -6.37 55.81 -3.90
N ALA C 584 -6.38 56.65 -4.94
CA ALA C 584 -7.30 56.53 -6.06
C ALA C 584 -6.75 55.59 -7.14
N GLU C 585 -5.56 55.87 -7.66
CA GLU C 585 -4.91 55.00 -8.62
C GLU C 585 -3.41 54.99 -8.35
N THR C 586 -2.73 53.96 -8.85
CA THR C 586 -1.31 53.83 -8.62
C THR C 586 -0.66 53.11 -9.79
N ALA C 587 0.62 53.41 -10.02
CA ALA C 587 1.41 52.74 -11.05
C ALA C 587 2.80 52.46 -10.52
N VAL C 588 3.27 51.23 -10.70
CA VAL C 588 4.57 50.78 -10.23
C VAL C 588 5.38 50.31 -11.43
N VAL C 589 6.61 50.82 -11.54
CA VAL C 589 7.50 50.52 -12.65
C VAL C 589 8.88 50.19 -12.10
N GLY C 590 9.55 49.22 -12.72
CA GLY C 590 10.87 48.81 -12.29
C GLY C 590 11.97 49.76 -12.73
N ALA C 599 15.41 47.91 -8.91
CA ALA C 599 14.70 48.80 -8.00
C ALA C 599 13.34 49.23 -8.57
N VAL C 600 12.31 49.14 -7.73
CA VAL C 600 10.95 49.47 -8.13
C VAL C 600 10.62 50.89 -7.68
N TYR C 601 9.85 51.60 -8.50
CA TYR C 601 9.42 52.97 -8.23
C TYR C 601 7.91 53.05 -8.36
N ALA C 602 7.25 53.58 -7.33
CA ALA C 602 5.80 53.67 -7.28
C ALA C 602 5.34 55.12 -7.49
N PHE C 603 4.24 55.28 -8.22
CA PHE C 603 3.62 56.57 -8.47
C PHE C 603 2.17 56.50 -8.02
N VAL C 604 1.79 57.40 -7.11
CA VAL C 604 0.44 57.40 -6.56
C VAL C 604 -0.22 58.75 -6.83
N THR C 605 -1.53 58.71 -6.95
CA THR C 605 -2.39 59.88 -6.84
C THR C 605 -3.43 59.59 -5.76
N MET C 606 -3.98 60.65 -5.19
CA MET C 606 -4.83 60.51 -4.01
C MET C 606 -6.25 60.98 -4.31
N LYS C 607 -7.20 60.44 -3.55
CA LYS C 607 -8.57 60.93 -3.62
C LYS C 607 -8.65 62.32 -3.02
N PRO C 608 -9.57 63.18 -3.52
CA PRO C 608 -9.81 64.46 -2.88
C PRO C 608 -10.65 64.33 -1.60
N LEU C 620 4.15 61.01 4.29
CA LEU C 620 3.07 60.11 3.87
C LEU C 620 3.59 59.07 2.89
N SER C 621 4.65 59.42 2.16
CA SER C 621 5.30 58.44 1.30
C SER C 621 5.85 57.28 2.10
N LYS C 622 6.17 57.52 3.39
CA LYS C 622 6.57 56.44 4.28
C LYS C 622 5.37 55.63 4.74
N GLU C 623 4.21 56.29 4.92
CA GLU C 623 3.01 55.55 5.29
C GLU C 623 2.63 54.54 4.23
N LEU C 624 2.83 54.89 2.94
CA LEU C 624 2.57 53.95 1.86
C LEU C 624 3.65 52.87 1.79
N ALA C 625 4.88 53.19 2.21
CA ALA C 625 5.93 52.18 2.26
C ALA C 625 5.62 51.12 3.31
N ILE C 626 5.11 51.55 4.47
CA ILE C 626 4.70 50.61 5.52
C ILE C 626 3.53 49.76 5.02
N GLN C 627 2.69 50.32 4.14
CA GLN C 627 1.56 49.57 3.61
C GLN C 627 2.02 48.41 2.74
N VAL C 628 3.08 48.59 1.97
CA VAL C 628 3.60 47.50 1.15
C VAL C 628 4.26 46.45 2.01
N ARG C 629 4.99 46.88 3.05
CA ARG C 629 5.61 45.94 3.98
C ARG C 629 4.57 45.16 4.76
N LYS C 630 3.38 45.74 4.97
CA LYS C 630 2.29 45.01 5.62
C LYS C 630 1.68 43.97 4.69
N VAL C 631 1.40 44.34 3.43
CA VAL C 631 0.71 43.44 2.52
C VAL C 631 1.63 42.32 2.04
N ILE C 632 2.86 42.67 1.66
CA ILE C 632 3.83 41.70 1.11
C ILE C 632 4.89 41.34 2.15
N GLY C 633 5.71 42.31 2.58
CA GLY C 633 6.81 42.04 3.48
C GLY C 633 7.79 43.19 3.47
N PRO C 634 8.57 43.32 4.54
CA PRO C 634 9.58 44.40 4.62
C PRO C 634 10.54 44.43 3.45
N PHE C 635 10.85 43.27 2.86
CA PHE C 635 11.74 43.19 1.70
C PHE C 635 11.14 43.80 0.45
N ALA C 636 9.83 44.06 0.44
CA ALA C 636 9.12 44.50 -0.76
C ALA C 636 8.84 45.99 -0.78
N ALA C 637 9.41 46.76 0.13
CA ALA C 637 9.18 48.20 0.15
C ALA C 637 9.82 48.86 -1.07
N PRO C 638 9.10 49.70 -1.80
CA PRO C 638 9.70 50.34 -2.99
C PRO C 638 10.76 51.35 -2.61
N LYS C 639 11.69 51.58 -3.55
CA LYS C 639 12.78 52.52 -3.30
C LYS C 639 12.26 53.95 -3.17
N LYS C 640 11.38 54.35 -4.07
CA LYS C 640 10.82 55.70 -4.05
C LYS C 640 9.32 55.63 -4.32
N ILE C 641 8.56 56.40 -3.54
CA ILE C 641 7.15 56.63 -3.78
C ILE C 641 6.96 58.11 -4.09
N TYR C 642 6.24 58.40 -5.17
CA TYR C 642 6.04 59.77 -5.62
C TYR C 642 4.57 60.14 -5.53
N LEU C 643 4.31 61.39 -5.13
CA LEU C 643 2.95 61.91 -5.03
C LEU C 643 2.37 62.35 -6.38
N VAL C 644 3.20 62.44 -7.42
CA VAL C 644 2.71 62.76 -8.75
C VAL C 644 2.08 61.51 -9.36
#